data_7VGQ
#
_entry.id   7VGQ
#
loop_
_entity.id
_entity.type
_entity.pdbx_description
1 polymer 'RNA-directed RNA polymerase L'
2 polymer 'Maltose/maltodextrin-binding periplasmic protein,RING finger protein Z'
3 non-polymer 'ZINC ION'
#
loop_
_entity_poly.entity_id
_entity_poly.type
_entity_poly.pdbx_seq_one_letter_code
_entity_poly.pdbx_strand_id
1 'polypeptide(L)'
;MDEYVQELKGLIRKHIPDRCEFAHQKVTFLSQVHPSPLLTEGFKLLSSLVELESCEAHACQANTDQRFVDVILSDNGILC
PTLPKVIPDGFKLTGKTLILLETFVRVNPDEFEKKWKADMSKLLNLKHDLQKSGVTLVPIVDGRSNYNNRFVADWVIERM
RWLLIEILKASKSMLEIDIEDQEYQRLIHSLSNVKNQSLGLENLEHLKRNSLDYDERLNESLFIGLKGDIRESTVREELI
KLKMWFKDEVFSKGLGKFKLTDRRELLESLSSLGAHLDSDVSSCPFCNNKLMEIVYNVTFSSVERTDGAATVDQQFSTTH
TNIEKHYLSVLSLCNKIKGLKVFNTRRNTLLFLDLIMVNLMVDISESCQDAIESLRKSGLIVGQMVMLVNDRVLDILEAI
KLIRKKIGTNPNWVKNCSKILERSHPEIWLQLNTLIRQPDFNSLISIAQYLVSDRPIMRYSVERGSDKICRHKLFQEMSS
FEQMRLFKTLSSISLSLINSMKTSFSSRLLVNEREFSKYFGNVRLRECYAQRFYLAESLVGFLFYQKTGERSRCYSVYLS
DNGVMSEQGSFYCDPKRFFLPVFSDEVLAGMCEEMTSWLDFDTGLMNDTGPILRLLVLAILCSPSKRNQTFLQGLRYFLM
AFANQIHHIDLISKLVVECKSSSEVVVQRLAVGLFIRLLGGESDASSFFSRRFKYLLNVSYLCHLITKETPDRLTDQIKC
FEKFIEPKVKFGCAVVNPSLNGKLTVDQEDIMINGLKKFFSKSLRDTEDVQTPGVCKELLNYCVSLFNRGKLKVSGELKN
NPFRPNITSTALDLSSNKSVVIPKLDELGNILSTYDKEKLVSACVSSMAERFKTKGRYNLDPESTDYLILKNLTGLVSAG
PKAKSSQEELSLMYETLTEEQVESFNEIKYDVQVALAKMADNSVNTRIKNLGRADNSVKNGNNPLDNLWSPFGVMKEIRA
EVSLHEVKDFDPDVLPSDVYKELCDAVYKSSEKCNFFLEEVLDVCPLGLLLKNLTTSSYMEEEYFMCFKYLLIQGHFDQK
LGSYEHKSRSRLGFTDETLRLKDEVRLSIRESNSEAIADKLDKSYFTNAALRNLCFYSEDSPTEFTSISSNSGNLKFGLS
YKEQVGSNRELYVGDLNTKLMTRLVEDFSEAVGNSMKYTCLNSEKEFERAICDMKMAVNNGDLSCSYDHSKWGPTMSPAL
FLALLQMLELRTPVDRSKIDLDSVKSILKWHLHKVVEVPINVAEAYCIGKLKRSLGLMGCGSTSLSEEFFHQTMQLSGQI
PSHIMSVLDMGQGILHNTSDLYGLITEQFLCYALDLLYDVIPVSYTSSDDQITLVKTPSLDIEGGSDAAEWLEMICFHEF
LSSKLNKFVSPKSVIGTFVAEFKSRFFVMGEETPLLTKFVSAALHNVKCKTPTQLSETIDTICDQCIANGVSTKIVARIS
KRVNQLIRYSGYGDTPFGAIEDQDVKDWVDGSRGYRLQRKIEAIFYDDKETSFIRNCARKVFNDIKRGRIFEENLINLIG
RGGDEALTGFLQYAGCSEQEVNRVLNYRWVNLSSFGDLRLVLRTKLMTSRRVLEREEVPTLIKTLQSKLSRNFTKGVKKI
LAESINKSAFQSSVASGFIGFCKSMGSKCVRDGKGGFLYIKEVYSGINVCICEICALKPKIIYCNDSLNKVSQFSKPILW
DYFSLVLTNACELGEWVFSTVKEPQKPLVLNNQNFFWAVKPKVVRQIEDQLGMNHVLQSIRRNYPVLFDEHLAPFMNDLQ
VSRTMDSGRLKFLDVCIALDMMNENLGIISHLLKTRDNSVYIVKQSDCALAHIRQSSYTDWELGLSPQQICTNFKTQLVL
SSMVNPLVLSTSCLKSFFWFNEVLELEDDSQIELAELTDFALMVKNQNVSRAMFVEDIAMGYVVSNFEGVRISLSNVMVD
GVQLPPKEKAPDVGVLFGLKAENVIVGLVVQIDHVRMSTKFKLRRKMVYSFSLECTMDVGDIQNKEVILKVVAVDQSVSG
SGGNHMLLDGVPVIASLPLFTGQASFDLAAMLIESNLAGSNDNFLMSNVTLDLGGFSPELSDKYSYRLSGPENQEDPLVL
KDGAFYVGGERLSTYKVELTGDLVVKALGALEDDEGVVSMLHQLWPYLKATSQVILFQQEDFTIVHDLYKIQLTKSIESF
GEWIEFTNFKVAYSKSLKELVISDTQGSFRLKGVMCRPLANTLQVEDIEWSHPQFEKGGGSGGGSGGSSAWSHPQFEK
;
A
2 'polypeptide(L)'
;MHHHHHHHHKIEEGKLVIWINGDKGYNGLAEVGKKFEKDTGIKVTVEHPDKLEEKFPQVAATGDGPDIIFWAHDRFGGYA
QSGLLAEITPDKAFQDKLYPFTWDAVRYNGKLIAYPIAVEALSLIYNKDLLPNPPKTWEEIPALDKELKAKGKSALMFNL
QEPYFTWPLIAADGGYAFKYENGKYDIKDVGVDNAGAKAGLTFLVDLIKNKHMNADTDYSIAEAAFNKGETAMTINGPWA
WSNIDTSKVNYGVTVLPTFKGQPSKPFVGVLSAGINAASPNKELAKEFLENYLLTDEGLEAVNKDKPLGAVALKSYEEEL
AKDPRIAATMENAQKGEIMPNIPQMSAFWYAVRTAVINAASGRQTVDEALKDAQTNSSSNNNNNNNNNNLGIELEVLFQG
PGSGNCNKPPKRPPNTQTSAAQPSAEFRRTALPSLYGRYNCKCCWFADTNLITCNDHYLCLRCHQTMLRNSELCHICWKP
LPTSITVPVEPSAPPP
;
B
#
loop_
_chem_comp.id
_chem_comp.type
_chem_comp.name
_chem_comp.formula
ZN non-polymer 'ZINC ION' 'Zn 2'
#
# COMPACT_ATOMS: atom_id res chain seq x y z
N ASP A 2 58.69 0.01 15.04
CA ASP A 2 59.21 -1.26 15.55
C ASP A 2 59.27 -1.25 17.07
N GLU A 3 58.41 -0.47 17.70
CA GLU A 3 58.40 -0.34 19.16
C GLU A 3 57.40 -1.29 19.82
N TYR A 4 56.50 -1.90 19.06
CA TYR A 4 55.55 -2.87 19.59
C TYR A 4 55.88 -4.29 19.17
N VAL A 5 57.00 -4.50 18.47
CA VAL A 5 57.24 -5.79 17.82
C VAL A 5 57.62 -6.86 18.84
N GLN A 6 58.16 -6.46 19.99
CA GLN A 6 58.43 -7.43 21.05
C GLN A 6 57.13 -7.80 21.77
N GLU A 7 56.17 -6.88 21.80
CA GLU A 7 54.90 -7.15 22.46
C GLU A 7 54.05 -8.13 21.65
N LEU A 8 54.22 -8.14 20.33
CA LEU A 8 53.23 -8.74 19.44
C LEU A 8 53.24 -10.27 19.50
N LYS A 9 54.43 -10.87 19.51
CA LYS A 9 54.50 -12.34 19.56
C LYS A 9 54.05 -12.87 20.90
N GLY A 10 54.32 -12.15 21.99
CA GLY A 10 53.84 -12.56 23.29
C GLY A 10 52.39 -12.21 23.56
N LEU A 11 51.80 -11.35 22.73
CA LEU A 11 50.41 -10.96 22.96
C LEU A 11 49.44 -12.04 22.50
N ILE A 12 49.75 -12.71 21.39
CA ILE A 12 48.79 -13.58 20.74
C ILE A 12 49.15 -15.07 20.92
N ARG A 13 49.98 -15.39 21.91
CA ARG A 13 50.33 -16.79 22.15
C ARG A 13 49.19 -17.60 22.74
N LYS A 14 48.13 -16.95 23.20
CA LYS A 14 47.01 -17.59 23.88
C LYS A 14 45.85 -17.93 22.93
N HIS A 15 46.18 -18.59 21.82
CA HIS A 15 45.19 -19.16 20.90
C HIS A 15 45.74 -20.49 20.43
N ILE A 16 45.19 -21.58 20.96
CA ILE A 16 45.77 -22.91 20.82
C ILE A 16 45.52 -23.44 19.40
N PRO A 17 46.57 -23.80 18.67
CA PRO A 17 46.36 -24.42 17.35
C PRO A 17 45.84 -25.84 17.46
N ASP A 18 44.53 -25.97 17.66
CA ASP A 18 43.90 -27.29 17.83
C ASP A 18 43.99 -28.13 16.56
N ARG A 19 44.04 -27.47 15.40
CA ARG A 19 43.89 -28.14 14.12
C ARG A 19 45.13 -27.84 13.28
N CYS A 20 45.11 -28.29 12.03
CA CYS A 20 46.19 -28.00 11.09
C CYS A 20 46.06 -26.62 10.46
N GLU A 21 45.00 -25.87 10.78
CA GLU A 21 44.81 -24.56 10.17
C GLU A 21 45.56 -23.47 10.92
N PHE A 22 45.89 -23.68 12.18
CA PHE A 22 46.62 -22.69 12.97
C PHE A 22 48.04 -23.13 13.32
N ALA A 23 48.47 -24.30 12.86
CA ALA A 23 49.84 -24.73 13.11
C ALA A 23 50.79 -24.19 12.06
N HIS A 24 50.38 -24.24 10.79
CA HIS A 24 51.21 -23.75 9.69
C HIS A 24 51.33 -22.23 9.69
N GLN A 25 50.40 -21.53 10.35
CA GLN A 25 50.44 -20.08 10.40
C GLN A 25 51.51 -19.58 11.36
N LYS A 26 51.65 -20.23 12.53
CA LYS A 26 52.47 -19.66 13.59
C LYS A 26 53.95 -19.95 13.37
N VAL A 27 54.30 -21.07 12.74
CA VAL A 27 55.70 -21.40 12.52
C VAL A 27 56.32 -20.58 11.39
N THR A 28 55.50 -19.93 10.56
CA THR A 28 55.98 -18.90 9.65
C THR A 28 55.63 -17.50 10.15
N PHE A 29 55.06 -17.40 11.35
CA PHE A 29 54.89 -16.15 12.07
C PHE A 29 56.00 -15.90 13.07
N LEU A 30 56.28 -16.88 13.93
CA LEU A 30 57.33 -16.72 14.94
C LEU A 30 58.71 -16.70 14.32
N SER A 31 58.88 -17.36 13.17
CA SER A 31 60.17 -17.43 12.49
C SER A 31 60.41 -16.26 11.56
N GLN A 32 59.71 -15.13 11.75
CA GLN A 32 59.94 -13.93 10.95
C GLN A 32 59.89 -12.72 11.88
N VAL A 33 61.04 -12.35 12.44
CA VAL A 33 61.17 -11.07 13.15
C VAL A 33 61.66 -10.08 12.10
N HIS A 34 60.71 -9.55 11.34
CA HIS A 34 60.94 -8.63 10.23
C HIS A 34 59.62 -7.92 9.97
N PRO A 35 59.57 -6.60 10.05
CA PRO A 35 58.28 -5.90 9.89
C PRO A 35 57.78 -5.83 8.45
N SER A 36 58.54 -6.31 7.48
CA SER A 36 58.05 -6.26 6.10
C SER A 36 57.05 -7.38 5.77
N PRO A 37 57.23 -8.64 6.17
CA PRO A 37 56.10 -9.58 6.04
C PRO A 37 55.24 -9.68 7.28
N LEU A 38 55.59 -9.00 8.37
CA LEU A 38 54.80 -9.08 9.59
C LEU A 38 53.44 -8.41 9.44
N LEU A 39 53.31 -7.49 8.48
CA LEU A 39 52.01 -6.90 8.17
C LEU A 39 51.40 -7.50 6.92
N THR A 40 51.97 -8.59 6.40
CA THR A 40 51.29 -9.40 5.38
C THR A 40 51.04 -10.81 5.86
N GLU A 41 52.09 -11.54 6.29
CA GLU A 41 51.92 -12.90 6.78
C GLU A 41 51.59 -12.96 8.26
N GLY A 42 51.93 -11.93 9.02
CA GLY A 42 51.46 -11.81 10.38
C GLY A 42 50.15 -11.09 10.50
N PHE A 43 49.56 -10.71 9.37
CA PHE A 43 48.31 -9.97 9.34
C PHE A 43 47.18 -10.75 8.69
N LYS A 44 47.48 -11.78 7.90
CA LYS A 44 46.45 -12.62 7.31
C LYS A 44 45.97 -13.71 8.26
N LEU A 45 46.45 -13.72 9.51
CA LEU A 45 45.97 -14.66 10.51
C LEU A 45 44.65 -14.20 11.11
N LEU A 46 44.47 -12.87 11.21
CA LEU A 46 43.26 -12.32 11.81
C LEU A 46 42.03 -12.57 10.94
N SER A 47 42.21 -12.76 9.64
CA SER A 47 41.10 -13.27 8.84
C SER A 47 40.89 -14.76 9.09
N SER A 48 41.99 -15.52 9.20
CA SER A 48 41.93 -16.96 9.30
C SER A 48 41.38 -17.44 10.63
N LEU A 49 41.27 -16.57 11.62
CA LEU A 49 40.58 -16.94 12.85
C LEU A 49 39.09 -16.65 12.78
N VAL A 50 38.68 -15.65 11.97
CA VAL A 50 37.27 -15.29 11.87
C VAL A 50 36.55 -16.18 10.89
N GLU A 51 37.26 -16.58 9.82
CA GLU A 51 36.72 -17.49 8.82
C GLU A 51 36.36 -18.86 9.39
N LEU A 52 37.06 -19.29 10.43
CA LEU A 52 36.81 -20.60 11.00
C LEU A 52 35.52 -20.63 11.83
N GLU A 53 35.05 -19.46 12.29
CA GLU A 53 33.79 -19.43 13.03
C GLU A 53 32.61 -19.78 12.14
N SER A 54 32.64 -19.35 10.88
CA SER A 54 31.56 -19.65 9.96
C SER A 54 31.66 -21.05 9.34
N CYS A 55 32.54 -21.90 9.86
CA CYS A 55 32.58 -23.31 9.49
C CYS A 55 32.28 -24.23 10.66
N GLU A 56 32.40 -23.76 11.90
CA GLU A 56 32.02 -24.56 13.05
C GLU A 56 30.52 -24.48 13.31
N ALA A 57 29.89 -23.36 12.96
CA ALA A 57 28.46 -23.19 13.20
C ALA A 57 27.65 -24.00 12.20
N HIS A 58 27.78 -23.68 10.92
CA HIS A 58 27.14 -24.47 9.88
C HIS A 58 27.85 -25.81 9.72
N ALA A 59 27.18 -26.74 9.05
CA ALA A 59 27.84 -27.95 8.60
C ALA A 59 28.81 -27.59 7.49
N CYS A 60 30.06 -28.02 7.62
CA CYS A 60 31.15 -27.45 6.83
C CYS A 60 32.43 -28.27 6.97
N GLN A 61 33.30 -28.11 5.99
CA GLN A 61 34.70 -28.53 6.06
C GLN A 61 35.54 -27.35 5.60
N ALA A 62 36.47 -26.92 6.46
CA ALA A 62 37.19 -25.69 6.18
C ALA A 62 38.20 -25.88 5.06
N ASN A 63 38.38 -24.83 4.27
CA ASN A 63 39.31 -24.84 3.15
C ASN A 63 40.68 -24.44 3.66
N THR A 64 41.64 -25.38 3.60
CA THR A 64 43.01 -25.12 4.00
C THR A 64 43.95 -24.94 2.83
N ASP A 65 43.49 -25.19 1.61
CA ASP A 65 44.31 -25.00 0.42
C ASP A 65 43.90 -23.79 -0.38
N GLN A 66 42.64 -23.36 -0.27
CA GLN A 66 42.06 -22.18 -0.92
C GLN A 66 42.22 -22.28 -2.44
N ARG A 67 41.53 -23.27 -2.99
CA ARG A 67 41.73 -23.65 -4.39
C ARG A 67 40.40 -23.69 -5.13
N PHE A 68 40.47 -24.04 -6.41
CA PHE A 68 39.41 -23.79 -7.37
C PHE A 68 38.25 -24.78 -7.21
N VAL A 69 37.16 -24.45 -7.90
CA VAL A 69 35.92 -25.20 -7.77
C VAL A 69 35.81 -26.31 -8.80
N ASP A 70 36.45 -26.15 -9.96
CA ASP A 70 36.36 -27.16 -11.01
C ASP A 70 37.06 -28.45 -10.58
N VAL A 71 38.16 -28.34 -9.85
CA VAL A 71 38.86 -29.53 -9.36
C VAL A 71 38.49 -29.88 -7.93
N ILE A 72 37.64 -29.09 -7.27
CA ILE A 72 37.03 -29.56 -6.03
C ILE A 72 35.84 -30.45 -6.32
N LEU A 73 35.34 -30.41 -7.55
CA LEU A 73 34.40 -31.40 -8.04
C LEU A 73 35.09 -32.56 -8.71
N SER A 74 36.38 -32.43 -9.04
CA SER A 74 37.15 -33.52 -9.62
C SER A 74 37.85 -34.37 -8.57
N ASP A 75 37.82 -33.99 -7.29
CA ASP A 75 38.24 -34.93 -6.27
C ASP A 75 37.26 -36.07 -6.15
N ASN A 76 35.98 -35.83 -6.40
CA ASN A 76 35.04 -36.89 -6.69
C ASN A 76 35.08 -37.20 -8.19
N GLY A 77 34.51 -38.34 -8.58
CA GLY A 77 34.56 -38.68 -9.98
C GLY A 77 33.44 -38.04 -10.75
N ILE A 78 33.72 -36.88 -11.34
CA ILE A 78 32.71 -36.04 -12.00
C ILE A 78 33.37 -35.42 -13.23
N LEU A 79 32.69 -35.49 -14.37
CA LEU A 79 33.19 -34.92 -15.61
C LEU A 79 33.30 -33.40 -15.52
N CYS A 80 34.16 -32.82 -16.35
CA CYS A 80 34.50 -31.41 -16.25
C CYS A 80 33.38 -30.56 -16.84
N PRO A 81 32.90 -29.56 -16.10
CA PRO A 81 31.92 -28.63 -16.69
C PRO A 81 32.54 -27.36 -17.22
N THR A 82 33.83 -27.14 -16.91
CA THR A 82 34.57 -25.89 -17.19
C THR A 82 33.82 -24.66 -16.64
N LEU A 83 33.72 -24.65 -15.32
CA LEU A 83 33.10 -23.54 -14.60
C LEU A 83 33.95 -22.28 -14.70
N PRO A 84 33.38 -21.12 -14.41
CA PRO A 84 34.22 -19.93 -14.17
C PRO A 84 35.08 -20.09 -12.92
N LYS A 85 36.06 -19.21 -12.79
CA LYS A 85 37.09 -19.34 -11.75
C LYS A 85 36.66 -18.52 -10.54
N VAL A 86 36.13 -19.20 -9.52
CA VAL A 86 35.84 -18.59 -8.23
C VAL A 86 36.55 -19.40 -7.17
N ILE A 87 36.75 -18.78 -6.00
CA ILE A 87 37.46 -19.40 -4.89
C ILE A 87 36.58 -19.34 -3.65
N PRO A 88 36.23 -20.48 -3.05
CA PRO A 88 35.41 -20.45 -1.84
C PRO A 88 36.22 -20.48 -0.56
N ASP A 89 35.70 -19.84 0.49
CA ASP A 89 36.32 -19.85 1.80
C ASP A 89 35.70 -20.92 2.70
N GLY A 90 35.26 -22.02 2.13
CA GLY A 90 34.70 -23.14 2.87
C GLY A 90 33.57 -23.82 2.12
N PHE A 91 33.63 -25.14 1.98
CA PHE A 91 32.61 -25.90 1.27
C PHE A 91 32.26 -27.14 2.06
N LYS A 92 31.16 -27.78 1.66
CA LYS A 92 30.81 -29.09 2.21
C LYS A 92 29.97 -29.82 1.17
N LEU A 93 30.49 -30.92 0.63
CA LEU A 93 29.81 -31.67 -0.41
C LEU A 93 29.30 -32.99 0.16
N THR A 94 28.13 -33.41 -0.30
CA THR A 94 27.66 -34.76 -0.04
C THR A 94 26.80 -35.23 -1.21
N GLY A 95 27.10 -36.44 -1.69
CA GLY A 95 26.38 -37.01 -2.82
C GLY A 95 26.55 -36.17 -4.08
N LYS A 96 25.43 -35.63 -4.56
CA LYS A 96 25.42 -34.68 -5.65
C LYS A 96 24.71 -33.40 -5.23
N THR A 97 24.99 -32.94 -4.01
CA THR A 97 24.71 -31.58 -3.61
C THR A 97 25.94 -31.04 -2.88
N LEU A 98 26.03 -29.72 -2.82
CA LEU A 98 27.24 -29.11 -2.30
C LEU A 98 26.91 -27.74 -1.74
N ILE A 99 27.60 -27.40 -0.67
CA ILE A 99 27.27 -26.24 0.16
C ILE A 99 28.48 -25.32 0.11
N LEU A 100 28.46 -24.35 -0.80
CA LEU A 100 29.42 -23.27 -0.73
C LEU A 100 29.03 -22.34 0.40
N LEU A 101 30.00 -21.97 1.23
CA LEU A 101 29.79 -20.95 2.24
C LEU A 101 30.93 -19.95 2.15
N GLU A 102 30.59 -18.69 1.96
CA GLU A 102 31.60 -17.67 1.91
C GLU A 102 31.78 -17.08 3.29
N THR A 103 32.69 -16.13 3.42
CA THR A 103 32.90 -15.46 4.70
C THR A 103 33.39 -14.05 4.40
N PHE A 104 32.77 -13.07 5.05
CA PHE A 104 33.10 -11.67 4.85
C PHE A 104 32.53 -10.92 6.03
N VAL A 105 33.25 -9.90 6.49
CA VAL A 105 32.83 -9.14 7.65
C VAL A 105 33.06 -7.65 7.40
N ARG A 106 32.08 -6.84 7.76
CA ARG A 106 32.16 -5.39 7.69
C ARG A 106 31.66 -4.84 9.01
N VAL A 107 31.81 -3.52 9.19
CA VAL A 107 31.31 -2.89 10.42
C VAL A 107 30.14 -1.95 10.13
N ASN A 108 30.38 -0.88 9.39
CA ASN A 108 29.29 0.02 9.03
C ASN A 108 28.38 -0.65 8.00
N PRO A 109 27.08 -0.34 8.00
CA PRO A 109 26.17 -1.03 7.07
C PRO A 109 26.30 -0.59 5.63
N ASP A 110 26.94 0.54 5.36
CA ASP A 110 26.86 1.15 4.03
C ASP A 110 27.66 0.36 3.02
N GLU A 111 28.80 -0.19 3.44
CA GLU A 111 29.62 -1.05 2.61
C GLU A 111 29.53 -2.50 3.04
N PHE A 112 28.40 -2.89 3.64
CA PHE A 112 28.07 -4.28 3.89
C PHE A 112 27.09 -4.84 2.87
N GLU A 113 26.01 -4.09 2.61
CA GLU A 113 25.02 -4.57 1.66
C GLU A 113 25.55 -4.51 0.23
N LYS A 114 26.45 -3.58 -0.07
CA LYS A 114 27.17 -3.57 -1.33
C LYS A 114 28.36 -4.51 -1.34
N LYS A 115 28.44 -5.45 -0.41
CA LYS A 115 29.24 -6.65 -0.55
C LYS A 115 28.37 -7.90 -0.63
N TRP A 116 27.27 -7.89 0.10
CA TRP A 116 26.31 -8.98 0.05
C TRP A 116 25.64 -9.09 -1.31
N LYS A 117 25.28 -7.96 -1.93
CA LYS A 117 24.71 -7.96 -3.27
C LYS A 117 25.72 -8.32 -4.35
N ALA A 118 27.01 -8.22 -4.08
CA ALA A 118 28.00 -8.74 -5.04
C ALA A 118 28.24 -10.22 -4.85
N ASP A 119 28.30 -10.69 -3.59
CA ASP A 119 28.53 -12.09 -3.30
C ASP A 119 27.39 -12.96 -3.82
N MET A 120 26.15 -12.51 -3.62
CA MET A 120 25.03 -13.35 -4.03
C MET A 120 24.93 -13.42 -5.56
N SER A 121 25.29 -12.34 -6.25
CA SER A 121 25.26 -12.37 -7.70
C SER A 121 26.42 -13.17 -8.27
N LYS A 122 27.58 -13.15 -7.62
CA LYS A 122 28.68 -13.97 -8.10
C LYS A 122 28.49 -15.44 -7.75
N LEU A 123 27.66 -15.76 -6.77
CA LEU A 123 27.29 -17.15 -6.56
C LEU A 123 26.20 -17.62 -7.52
N LEU A 124 25.16 -16.81 -7.75
CA LEU A 124 24.08 -17.26 -8.63
C LEU A 124 24.38 -17.06 -10.12
N ASN A 125 25.56 -16.59 -10.48
CA ASN A 125 26.04 -16.71 -11.84
C ASN A 125 26.99 -17.89 -11.99
N LEU A 126 26.86 -18.88 -11.11
CA LEU A 126 27.63 -20.10 -11.16
C LEU A 126 26.77 -21.33 -11.35
N LYS A 127 25.48 -21.26 -11.01
CA LYS A 127 24.60 -22.41 -11.14
C LYS A 127 24.38 -22.81 -12.60
N HIS A 128 24.34 -21.84 -13.52
CA HIS A 128 23.93 -22.14 -14.88
C HIS A 128 24.97 -22.94 -15.64
N ASP A 129 26.25 -22.82 -15.29
CA ASP A 129 27.25 -23.70 -15.84
C ASP A 129 27.42 -24.97 -15.00
N LEU A 130 27.01 -24.93 -13.74
CA LEU A 130 27.06 -26.11 -12.88
C LEU A 130 25.80 -26.96 -13.01
N GLN A 131 24.69 -26.37 -13.49
CA GLN A 131 23.48 -27.15 -13.76
C GLN A 131 23.71 -28.15 -14.87
N LYS A 132 24.51 -27.77 -15.87
CA LYS A 132 24.73 -28.60 -17.03
C LYS A 132 25.61 -29.80 -16.73
N SER A 133 26.30 -29.82 -15.60
CA SER A 133 27.01 -31.01 -15.18
C SER A 133 26.14 -31.96 -14.38
N GLY A 134 25.00 -31.50 -13.89
CA GLY A 134 24.07 -32.34 -13.18
C GLY A 134 24.14 -32.29 -11.66
N VAL A 135 24.70 -31.23 -11.10
CA VAL A 135 24.75 -31.05 -9.66
C VAL A 135 24.30 -29.63 -9.34
N THR A 136 23.40 -29.49 -8.38
CA THR A 136 22.92 -28.18 -7.96
C THR A 136 23.51 -27.82 -6.62
N LEU A 137 23.48 -26.53 -6.31
CA LEU A 137 24.19 -26.00 -5.16
C LEU A 137 23.21 -25.41 -4.17
N VAL A 138 23.69 -25.21 -2.95
CA VAL A 138 22.95 -24.44 -1.96
C VAL A 138 23.87 -23.35 -1.41
N PRO A 139 23.74 -22.12 -1.87
CA PRO A 139 24.71 -21.09 -1.47
C PRO A 139 24.26 -20.28 -0.27
N ILE A 140 25.17 -19.98 0.65
CA ILE A 140 24.86 -19.15 1.81
C ILE A 140 25.87 -18.02 1.87
N VAL A 141 25.53 -16.99 2.65
CA VAL A 141 26.44 -15.91 3.01
C VAL A 141 26.29 -15.67 4.51
N ASP A 142 27.25 -14.94 5.08
CA ASP A 142 27.26 -14.67 6.51
C ASP A 142 27.38 -13.18 6.76
N GLY A 143 26.38 -12.62 7.42
CA GLY A 143 26.42 -11.23 7.80
C GLY A 143 26.99 -11.05 9.20
N ARG A 144 28.13 -10.38 9.32
CA ARG A 144 28.75 -10.15 10.61
C ARG A 144 29.10 -8.68 10.74
N SER A 145 28.64 -8.05 11.81
CA SER A 145 28.87 -6.63 12.03
C SER A 145 29.88 -6.36 13.15
N ASN A 146 30.54 -7.38 13.69
CA ASN A 146 31.58 -7.23 14.69
C ASN A 146 32.47 -8.47 14.66
N TYR A 147 33.26 -8.65 15.70
CA TYR A 147 34.06 -9.86 15.89
C TYR A 147 33.54 -10.56 17.15
N ASN A 148 33.02 -11.77 16.99
CA ASN A 148 32.42 -12.51 18.10
C ASN A 148 32.94 -13.93 18.15
N ASN A 149 34.27 -14.08 18.07
CA ASN A 149 34.86 -15.40 17.96
C ASN A 149 34.81 -16.15 19.29
N ARG A 150 34.75 -17.47 19.19
CA ARG A 150 34.69 -18.34 20.36
C ARG A 150 36.04 -18.91 20.75
N PHE A 151 36.95 -19.09 19.79
CA PHE A 151 38.22 -19.75 20.05
C PHE A 151 39.23 -18.86 20.76
N VAL A 152 38.99 -17.56 20.81
CA VAL A 152 39.69 -16.68 21.75
C VAL A 152 38.64 -16.13 22.70
N ALA A 153 39.06 -15.34 23.68
CA ALA A 153 38.18 -14.92 24.76
C ALA A 153 37.85 -13.43 24.72
N ASP A 154 37.83 -12.84 23.52
CA ASP A 154 37.29 -11.52 23.20
C ASP A 154 38.03 -10.37 23.91
N TRP A 155 39.16 -10.62 24.54
CA TRP A 155 39.87 -9.57 25.24
C TRP A 155 41.27 -9.33 24.67
N VAL A 156 41.69 -10.13 23.69
CA VAL A 156 42.98 -9.94 23.05
C VAL A 156 42.88 -9.51 21.60
N ILE A 157 41.71 -9.65 20.97
CA ILE A 157 41.58 -9.30 19.55
C ILE A 157 41.43 -7.80 19.38
N GLU A 158 40.91 -7.09 20.37
CA GLU A 158 40.91 -5.64 20.30
C GLU A 158 42.30 -5.08 20.56
N ARG A 159 43.18 -5.84 21.21
CA ARG A 159 44.55 -5.41 21.39
C ARG A 159 45.33 -5.48 20.09
N MET A 160 44.88 -6.34 19.16
CA MET A 160 45.42 -6.34 17.80
C MET A 160 45.19 -4.99 17.13
N ARG A 161 43.93 -4.64 16.89
CA ARG A 161 43.60 -3.41 16.20
C ARG A 161 43.79 -2.16 17.05
N TRP A 162 44.11 -2.29 18.34
CA TRP A 162 44.58 -1.18 19.13
C TRP A 162 46.09 -1.06 19.16
N LEU A 163 46.81 -2.12 18.80
CA LEU A 163 48.27 -2.07 18.75
C LEU A 163 48.86 -2.33 17.38
N LEU A 164 48.08 -2.82 16.41
CA LEU A 164 48.53 -2.86 15.03
C LEU A 164 48.16 -1.60 14.26
N ILE A 165 47.36 -0.72 14.85
CA ILE A 165 47.00 0.53 14.19
C ILE A 165 48.14 1.53 14.28
N GLU A 166 49.10 1.33 15.20
CA GLU A 166 50.27 2.19 15.26
C GLU A 166 51.44 1.65 14.47
N ILE A 167 51.48 0.34 14.21
CA ILE A 167 52.68 -0.26 13.64
C ILE A 167 52.79 0.06 12.14
N LEU A 168 51.68 0.34 11.47
CA LEU A 168 51.76 0.60 10.04
C LEU A 168 52.09 2.06 9.77
N LYS A 169 51.63 2.98 10.62
CA LYS A 169 52.05 4.38 10.51
C LYS A 169 53.55 4.51 10.72
N ALA A 170 54.08 3.86 11.76
CA ALA A 170 55.52 3.86 11.99
C ALA A 170 56.27 3.07 10.92
N SER A 171 55.63 2.04 10.36
CA SER A 171 56.31 1.18 9.38
C SER A 171 56.45 1.87 8.04
N LYS A 172 55.50 2.73 7.68
CA LYS A 172 55.67 3.52 6.46
C LYS A 172 56.13 4.95 6.72
N SER A 173 56.39 5.33 7.98
CA SER A 173 57.13 6.55 8.22
C SER A 173 58.62 6.29 8.37
N MET A 174 59.00 5.09 8.81
CA MET A 174 60.41 4.79 9.03
C MET A 174 61.12 4.46 7.72
N LEU A 175 60.46 3.72 6.83
CA LEU A 175 61.06 3.36 5.55
C LEU A 175 61.08 4.56 4.61
N GLU A 180 50.43 1.89 -3.35
CA GLU A 180 50.83 2.20 -1.97
C GLU A 180 50.25 3.52 -1.53
N ASP A 181 49.70 4.27 -2.48
CA ASP A 181 49.27 5.63 -2.21
C ASP A 181 47.89 5.68 -1.57
N GLN A 182 46.87 5.20 -2.27
CA GLN A 182 45.50 5.29 -1.78
C GLN A 182 45.02 3.98 -1.17
N GLU A 183 45.86 2.96 -1.11
CA GLU A 183 45.46 1.69 -0.51
C GLU A 183 45.84 1.62 0.97
N TYR A 184 45.80 2.75 1.64
CA TYR A 184 46.31 2.87 3.00
C TYR A 184 45.23 3.20 4.01
N GLN A 185 44.40 4.21 3.72
CA GLN A 185 43.42 4.69 4.69
C GLN A 185 42.10 3.95 4.64
N ARG A 186 41.80 3.26 3.54
CA ARG A 186 40.67 2.32 3.57
C ARG A 186 40.97 1.16 4.52
N LEU A 187 42.26 0.79 4.62
CA LEU A 187 42.68 -0.20 5.59
C LEU A 187 42.45 0.30 7.01
N ILE A 188 42.65 1.61 7.22
CA ILE A 188 42.42 2.21 8.52
C ILE A 188 40.93 2.23 8.85
N HIS A 189 40.10 2.63 7.89
CA HIS A 189 38.65 2.63 8.08
C HIS A 189 38.07 1.23 8.19
N SER A 190 38.82 0.20 7.79
CA SER A 190 38.41 -1.18 7.97
C SER A 190 38.86 -1.77 9.30
N LEU A 191 40.08 -1.46 9.75
CA LEU A 191 40.63 -2.13 10.92
C LEU A 191 40.14 -1.57 12.25
N SER A 192 39.48 -0.42 12.25
CA SER A 192 39.30 0.34 13.48
C SER A 192 38.22 -0.29 14.37
N ASN A 193 37.89 0.45 15.42
CA ASN A 193 36.97 0.01 16.45
C ASN A 193 35.53 0.22 15.97
N VAL A 194 34.56 -0.12 16.84
CA VAL A 194 33.14 0.00 16.52
C VAL A 194 32.80 1.47 16.33
N LYS A 195 32.34 1.82 15.13
CA LYS A 195 32.29 3.20 14.69
C LYS A 195 30.95 3.83 15.05
N ASN A 196 30.95 4.59 16.14
CA ASN A 196 29.94 5.62 16.40
C ASN A 196 30.45 6.85 15.65
N GLN A 197 30.24 6.86 14.35
CA GLN A 197 30.92 7.77 13.44
C GLN A 197 29.99 8.90 13.05
N SER A 198 30.51 10.13 13.12
CA SER A 198 29.72 11.30 12.75
C SER A 198 29.73 11.48 11.24
N LEU A 199 28.54 11.65 10.67
CA LEU A 199 28.36 11.74 9.22
C LEU A 199 27.81 13.12 8.89
N GLY A 200 28.53 13.87 8.07
CA GLY A 200 28.14 15.21 7.72
C GLY A 200 28.76 15.65 6.42
N LEU A 201 28.65 16.94 6.15
CA LEU A 201 29.21 17.49 4.91
C LEU A 201 30.73 17.61 4.98
N GLU A 202 31.31 17.61 6.18
CA GLU A 202 32.76 17.62 6.28
C GLU A 202 33.39 16.26 6.00
N ASN A 203 32.57 15.21 5.90
CA ASN A 203 33.07 13.88 5.58
C ASN A 203 33.68 13.83 4.20
N LEU A 204 33.15 14.63 3.27
CA LEU A 204 33.70 14.70 1.92
C LEU A 204 35.05 15.42 1.89
N GLU A 205 35.38 16.20 2.92
CA GLU A 205 36.51 17.12 2.81
C GLU A 205 37.86 16.41 2.90
N HIS A 206 37.99 15.35 3.69
CA HIS A 206 39.28 14.71 3.86
C HIS A 206 39.55 13.60 2.85
N LEU A 207 38.95 13.67 1.66
CA LEU A 207 39.26 12.75 0.59
C LEU A 207 40.43 13.30 -0.22
N LYS A 208 40.76 12.69 -1.35
CA LYS A 208 41.97 13.07 -2.07
C LYS A 208 41.71 14.08 -3.19
N ARG A 209 40.60 13.94 -3.93
CA ARG A 209 40.21 14.84 -5.03
C ARG A 209 41.29 14.85 -6.14
N ASN A 210 41.33 13.74 -6.86
CA ASN A 210 42.11 13.71 -8.08
C ASN A 210 41.28 14.27 -9.24
N SER A 211 41.82 14.23 -10.44
CA SER A 211 41.15 14.73 -11.64
C SER A 211 41.05 13.62 -12.67
N LEU A 212 40.44 13.93 -13.80
CA LEU A 212 40.10 12.87 -14.75
C LEU A 212 40.40 13.22 -16.20
N ASP A 213 40.74 14.47 -16.52
CA ASP A 213 40.79 15.02 -17.89
C ASP A 213 39.46 14.80 -18.60
N TYR A 214 38.41 15.02 -17.87
CA TYR A 214 37.04 15.05 -18.36
C TYR A 214 36.30 16.29 -17.93
N ASP A 215 36.53 16.76 -16.71
CA ASP A 215 35.80 17.90 -16.18
C ASP A 215 36.23 19.21 -16.80
N GLU A 216 37.35 19.25 -17.53
CA GLU A 216 37.69 20.47 -18.25
C GLU A 216 36.79 20.66 -19.45
N ARG A 217 36.46 19.58 -20.15
CA ARG A 217 35.45 19.72 -21.20
C ARG A 217 34.04 19.86 -20.64
N LEU A 218 33.82 19.58 -19.36
CA LEU A 218 32.61 20.07 -18.71
C LEU A 218 32.68 21.58 -18.57
N ASN A 219 33.72 22.08 -17.89
CA ASN A 219 33.77 23.47 -17.47
C ASN A 219 33.93 24.43 -18.63
N GLU A 220 34.33 23.93 -19.81
CA GLU A 220 34.19 24.67 -21.05
C GLU A 220 32.73 24.83 -21.47
N SER A 221 31.81 24.06 -20.88
CA SER A 221 30.41 24.07 -21.27
C SER A 221 29.43 24.36 -20.14
N LEU A 222 29.88 24.44 -18.90
CA LEU A 222 28.98 24.36 -17.77
C LEU A 222 29.10 25.52 -16.78
N PHE A 223 30.13 26.35 -16.87
CA PHE A 223 30.21 27.54 -16.02
C PHE A 223 30.58 28.81 -16.78
N ILE A 224 30.55 28.80 -18.11
CA ILE A 224 31.22 29.84 -18.89
C ILE A 224 30.43 31.14 -18.84
N GLY A 225 29.17 31.12 -19.27
CA GLY A 225 28.40 32.34 -19.40
C GLY A 225 28.05 33.00 -18.09
N LEU A 226 28.03 32.24 -17.00
CA LEU A 226 27.69 32.76 -15.68
C LEU A 226 28.81 33.67 -15.18
N LYS A 227 28.59 34.97 -15.22
CA LYS A 227 29.50 35.87 -14.52
C LYS A 227 28.91 36.40 -13.23
N GLY A 228 27.59 36.40 -13.10
CA GLY A 228 26.94 36.49 -11.81
C GLY A 228 27.04 37.82 -11.08
N ASP A 229 27.51 38.88 -11.74
CA ASP A 229 27.55 40.20 -11.11
C ASP A 229 27.15 41.26 -12.14
N ILE A 230 26.05 40.99 -12.85
CA ILE A 230 25.51 41.96 -13.79
C ILE A 230 24.95 43.14 -13.00
N ARG A 231 25.29 44.35 -13.45
CA ARG A 231 24.80 45.54 -12.78
C ARG A 231 23.31 45.73 -13.03
N GLU A 232 22.60 46.09 -11.97
CA GLU A 232 21.15 46.14 -11.93
C GLU A 232 20.56 47.35 -12.64
N SER A 233 21.39 48.23 -13.18
CA SER A 233 20.93 49.33 -14.02
C SER A 233 21.00 49.01 -15.50
N THR A 234 21.37 47.78 -15.87
CA THR A 234 21.42 47.36 -17.26
C THR A 234 20.36 46.35 -17.63
N VAL A 235 19.74 45.70 -16.65
CA VAL A 235 18.76 44.66 -16.94
C VAL A 235 17.47 45.28 -17.45
N ARG A 236 17.11 46.45 -16.90
CA ARG A 236 15.86 47.12 -17.25
C ARG A 236 15.84 47.54 -18.71
N GLU A 237 16.91 48.19 -19.17
CA GLU A 237 16.98 48.60 -20.56
C GLU A 237 17.11 47.41 -21.50
N GLU A 238 17.54 46.25 -21.00
CA GLU A 238 17.51 45.04 -21.81
C GLU A 238 16.10 44.52 -21.96
N LEU A 239 15.35 44.47 -20.86
CA LEU A 239 14.01 43.91 -20.93
C LEU A 239 13.03 44.83 -21.64
N ILE A 240 13.29 46.14 -21.65
CA ILE A 240 12.42 47.02 -22.42
C ILE A 240 12.59 46.76 -23.92
N LYS A 241 13.83 46.52 -24.35
CA LYS A 241 14.06 46.10 -25.72
C LYS A 241 13.42 44.74 -25.99
N LEU A 242 13.42 43.85 -25.00
CA LEU A 242 12.82 42.53 -25.21
C LEU A 242 11.31 42.60 -25.37
N LYS A 243 10.63 43.39 -24.53
CA LYS A 243 9.17 43.54 -24.71
C LYS A 243 8.83 44.32 -25.97
N MET A 244 9.66 45.31 -26.33
CA MET A 244 9.48 46.05 -27.57
C MET A 244 9.64 45.15 -28.78
N TRP A 245 10.49 44.13 -28.67
CA TRP A 245 10.56 43.08 -29.68
C TRP A 245 9.36 42.16 -29.62
N PHE A 246 8.89 41.86 -28.42
CA PHE A 246 7.87 40.83 -28.21
C PHE A 246 6.53 41.25 -28.77
N LYS A 247 6.06 42.43 -28.38
CA LYS A 247 4.71 42.83 -28.75
C LYS A 247 4.61 43.12 -30.24
N ASP A 248 5.64 43.74 -30.80
CA ASP A 248 5.64 43.99 -32.23
C ASP A 248 5.94 42.74 -33.05
N GLU A 249 6.55 41.72 -32.44
CA GLU A 249 7.02 40.57 -33.20
C GLU A 249 6.03 39.40 -33.23
N VAL A 250 5.70 38.82 -32.08
CA VAL A 250 5.10 37.50 -32.05
C VAL A 250 3.64 37.52 -31.61
N PHE A 251 3.17 38.59 -30.96
CA PHE A 251 1.79 38.55 -30.50
C PHE A 251 0.81 38.87 -31.63
N SER A 252 1.05 39.97 -32.35
CA SER A 252 0.05 40.44 -33.30
C SER A 252 -0.06 39.56 -34.53
N LYS A 253 0.97 38.77 -34.84
CA LYS A 253 0.90 37.85 -35.96
C LYS A 253 0.31 36.51 -35.58
N GLY A 254 -0.27 36.39 -34.38
CA GLY A 254 -1.05 35.23 -34.04
C GLY A 254 -0.22 34.01 -33.68
N LEU A 255 0.64 34.14 -32.68
CA LEU A 255 1.32 32.99 -32.10
C LEU A 255 1.23 32.98 -30.58
N GLY A 256 0.40 33.83 -30.00
CA GLY A 256 0.23 33.84 -28.55
C GLY A 256 -0.45 32.57 -28.07
N LYS A 257 -0.13 32.18 -26.84
CA LYS A 257 -0.54 30.89 -26.31
C LYS A 257 -1.88 30.89 -25.61
N PHE A 258 -2.43 32.04 -25.25
CA PHE A 258 -3.66 32.09 -24.47
C PHE A 258 -4.75 32.80 -25.25
N LYS A 259 -5.97 32.79 -24.71
CA LYS A 259 -7.09 33.47 -25.34
C LYS A 259 -8.16 33.79 -24.31
N LEU A 260 -9.36 34.16 -24.78
CA LEU A 260 -10.36 34.86 -23.97
C LEU A 260 -11.60 34.03 -23.64
N THR A 261 -11.54 32.71 -23.87
CA THR A 261 -12.49 31.63 -23.55
C THR A 261 -13.77 31.54 -24.38
N ASP A 262 -14.21 32.65 -24.98
CA ASP A 262 -15.37 32.75 -25.89
C ASP A 262 -16.57 31.90 -25.47
N ARG A 263 -17.22 32.22 -24.34
CA ARG A 263 -17.97 31.28 -23.51
C ARG A 263 -19.16 30.54 -24.13
N ARG A 264 -19.46 30.74 -25.40
CA ARG A 264 -20.40 29.85 -26.06
C ARG A 264 -19.69 28.75 -26.85
N GLU A 265 -18.49 29.03 -27.35
CA GLU A 265 -17.77 28.07 -28.19
C GLU A 265 -17.37 26.82 -27.41
N LEU A 266 -17.17 26.93 -26.09
CA LEU A 266 -16.92 25.74 -25.29
C LEU A 266 -18.14 24.83 -25.23
N LEU A 267 -19.34 25.37 -25.14
CA LEU A 267 -20.52 24.52 -25.12
C LEU A 267 -21.06 24.24 -26.52
N GLU A 268 -20.36 24.68 -27.54
CA GLU A 268 -20.49 23.99 -28.82
C GLU A 268 -19.48 22.88 -28.93
N SER A 269 -18.32 23.03 -28.27
CA SER A 269 -17.27 22.03 -28.37
C SER A 269 -17.55 20.81 -27.53
N LEU A 270 -18.26 20.99 -26.42
CA LEU A 270 -18.43 19.90 -25.48
C LEU A 270 -19.36 18.82 -26.02
N SER A 271 -20.28 19.18 -26.91
CA SER A 271 -21.18 18.19 -27.47
C SER A 271 -20.44 17.18 -28.34
N SER A 272 -19.62 17.67 -29.26
CA SER A 272 -18.76 16.77 -30.02
C SER A 272 -17.62 16.20 -29.19
N LEU A 273 -17.34 16.77 -28.02
CA LEU A 273 -16.39 16.13 -27.12
C LEU A 273 -16.98 14.88 -26.54
N GLY A 274 -18.18 14.98 -25.97
CA GLY A 274 -18.74 13.90 -25.19
C GLY A 274 -19.74 13.01 -25.90
N ALA A 275 -20.74 13.61 -26.54
CA ALA A 275 -21.80 12.82 -27.15
C ALA A 275 -21.26 12.15 -28.40
N HIS A 276 -20.81 10.90 -28.25
CA HIS A 276 -20.15 10.18 -29.32
C HIS A 276 -21.18 9.77 -30.37
N LEU A 277 -21.54 10.73 -31.22
CA LEU A 277 -22.41 10.46 -32.36
C LEU A 277 -21.71 9.70 -33.48
N ASP A 278 -20.40 9.51 -33.37
CA ASP A 278 -19.67 8.75 -34.37
C ASP A 278 -20.02 7.26 -34.28
N SER A 279 -20.04 6.70 -33.08
CA SER A 279 -20.13 5.25 -32.93
C SER A 279 -21.59 4.82 -32.95
N ASP A 280 -21.83 3.55 -32.61
CA ASP A 280 -23.13 2.92 -32.80
C ASP A 280 -23.67 2.33 -31.50
N VAL A 281 -23.53 3.05 -30.38
CA VAL A 281 -24.06 2.55 -29.13
C VAL A 281 -25.55 2.81 -29.09
N SER A 282 -26.27 2.06 -28.26
CA SER A 282 -27.68 2.30 -28.09
C SER A 282 -27.92 3.24 -26.93
N SER A 283 -29.04 3.96 -26.98
CA SER A 283 -29.35 4.96 -25.96
C SER A 283 -29.74 4.31 -24.65
N CYS A 284 -30.27 3.09 -24.70
CA CYS A 284 -30.79 2.45 -23.51
C CYS A 284 -29.63 1.98 -22.65
N PRO A 285 -29.58 2.35 -21.37
CA PRO A 285 -28.34 2.19 -20.61
C PRO A 285 -28.08 0.77 -20.14
N PHE A 286 -29.13 0.04 -19.78
CA PHE A 286 -29.00 -1.32 -19.28
C PHE A 286 -28.57 -2.32 -20.34
N CYS A 287 -28.65 -1.96 -21.61
CA CYS A 287 -28.42 -2.91 -22.68
C CYS A 287 -26.95 -3.16 -22.96
N ASN A 288 -26.13 -2.10 -23.03
CA ASN A 288 -24.78 -2.23 -23.56
C ASN A 288 -23.86 -2.88 -22.54
N ASN A 289 -23.89 -2.37 -21.33
CA ASN A 289 -23.17 -2.99 -20.22
C ASN A 289 -23.76 -4.35 -19.94
N LYS A 290 -22.95 -5.24 -19.33
CA LYS A 290 -23.40 -6.60 -19.11
C LYS A 290 -23.76 -6.92 -17.68
N LEU A 291 -23.37 -6.10 -16.71
CA LEU A 291 -23.73 -6.41 -15.34
C LEU A 291 -24.92 -5.59 -14.85
N MET A 292 -25.12 -4.39 -15.41
CA MET A 292 -26.37 -3.66 -15.24
C MET A 292 -27.56 -4.50 -15.70
N GLU A 293 -27.38 -5.29 -16.76
CA GLU A 293 -28.43 -6.21 -17.20
C GLU A 293 -28.74 -7.27 -16.15
N ILE A 294 -27.71 -7.81 -15.50
CA ILE A 294 -27.96 -8.87 -14.53
C ILE A 294 -28.56 -8.32 -13.24
N VAL A 295 -28.23 -7.09 -12.85
CA VAL A 295 -28.97 -6.43 -11.78
C VAL A 295 -30.43 -6.24 -12.18
N TYR A 296 -30.68 -5.84 -13.43
CA TYR A 296 -32.06 -5.62 -13.86
C TYR A 296 -32.83 -6.92 -14.05
N ASN A 297 -32.15 -8.02 -14.30
CA ASN A 297 -32.88 -9.27 -14.43
C ASN A 297 -33.12 -9.97 -13.10
N VAL A 298 -32.22 -9.82 -12.12
CA VAL A 298 -32.53 -10.34 -10.80
C VAL A 298 -33.61 -9.50 -10.13
N THR A 299 -33.53 -8.18 -10.25
CA THR A 299 -34.34 -7.37 -9.37
C THR A 299 -35.79 -7.22 -9.81
N PHE A 300 -36.17 -7.69 -10.99
CA PHE A 300 -37.59 -7.72 -11.35
C PHE A 300 -38.13 -9.13 -11.51
N SER A 301 -37.41 -10.11 -10.98
CA SER A 301 -37.94 -11.45 -10.78
C SER A 301 -38.30 -11.69 -9.32
N SER A 302 -38.12 -10.70 -8.45
CA SER A 302 -38.33 -10.91 -7.02
C SER A 302 -39.01 -9.75 -6.31
N VAL A 303 -39.46 -8.71 -7.02
CA VAL A 303 -40.07 -7.55 -6.41
C VAL A 303 -41.55 -7.44 -6.76
N GLU A 304 -41.88 -7.50 -8.05
CA GLU A 304 -43.29 -7.43 -8.44
C GLU A 304 -44.04 -8.70 -8.04
N ARG A 305 -43.33 -9.82 -7.96
CA ARG A 305 -43.74 -11.05 -7.26
C ARG A 305 -45.10 -11.63 -7.65
N THR A 321 -37.46 -25.87 10.37
CA THR A 321 -36.16 -25.91 9.71
C THR A 321 -35.09 -26.40 10.68
N ASN A 322 -35.37 -27.52 11.35
CA ASN A 322 -34.35 -28.15 12.18
C ASN A 322 -33.42 -29.05 11.37
N ILE A 323 -33.93 -29.63 10.29
CA ILE A 323 -33.07 -30.47 9.47
C ILE A 323 -32.12 -29.61 8.65
N GLU A 324 -32.50 -28.37 8.32
CA GLU A 324 -31.60 -27.48 7.60
C GLU A 324 -30.41 -27.11 8.46
N LYS A 325 -30.64 -26.75 9.71
CA LYS A 325 -29.52 -26.46 10.59
C LYS A 325 -28.77 -27.72 11.00
N HIS A 326 -29.42 -28.90 10.95
CA HIS A 326 -28.68 -30.14 11.14
C HIS A 326 -27.70 -30.39 9.99
N TYR A 327 -28.16 -30.16 8.76
CA TYR A 327 -27.31 -30.35 7.58
C TYR A 327 -26.16 -29.36 7.59
N LEU A 328 -26.43 -28.09 7.93
CA LEU A 328 -25.36 -27.11 8.01
C LEU A 328 -24.44 -27.38 9.21
N SER A 329 -24.96 -28.03 10.25
CA SER A 329 -24.10 -28.35 11.39
C SER A 329 -23.10 -29.44 11.03
N VAL A 330 -23.54 -30.48 10.33
CA VAL A 330 -22.57 -31.47 9.92
C VAL A 330 -21.68 -30.94 8.79
N LEU A 331 -22.15 -29.94 8.03
CA LEU A 331 -21.29 -29.30 7.03
C LEU A 331 -20.18 -28.52 7.70
N SER A 332 -20.50 -27.79 8.77
CA SER A 332 -19.48 -27.05 9.51
C SER A 332 -18.65 -27.94 10.41
N LEU A 333 -19.05 -29.19 10.60
CA LEU A 333 -18.12 -30.14 11.18
C LEU A 333 -17.20 -30.72 10.12
N CYS A 334 -17.69 -30.85 8.89
CA CYS A 334 -16.85 -31.27 7.78
C CYS A 334 -15.77 -30.24 7.46
N ASN A 335 -16.11 -28.95 7.61
CA ASN A 335 -15.12 -27.90 7.41
C ASN A 335 -13.99 -27.98 8.43
N LYS A 336 -14.26 -28.45 9.65
CA LYS A 336 -13.16 -28.65 10.58
C LYS A 336 -12.46 -29.97 10.31
N ILE A 337 -13.15 -30.95 9.74
CA ILE A 337 -12.49 -32.24 9.54
C ILE A 337 -11.62 -32.24 8.30
N LYS A 338 -11.78 -31.27 7.40
CA LYS A 338 -10.96 -31.30 6.19
C LYS A 338 -9.55 -30.81 6.46
N GLY A 339 -9.39 -29.72 7.19
CA GLY A 339 -8.09 -29.10 7.35
C GLY A 339 -7.13 -29.83 8.27
N LEU A 340 -6.84 -31.10 7.98
CA LEU A 340 -5.78 -31.83 8.65
C LEU A 340 -4.90 -32.63 7.72
N LYS A 341 -5.38 -32.98 6.51
CA LYS A 341 -4.63 -33.65 5.44
C LYS A 341 -4.09 -35.00 5.92
N VAL A 342 -5.02 -35.91 6.17
CA VAL A 342 -4.70 -37.15 6.87
C VAL A 342 -4.84 -38.41 6.01
N PHE A 343 -5.52 -38.36 4.87
CA PHE A 343 -5.77 -39.59 4.10
C PHE A 343 -4.82 -39.71 2.93
N ASN A 344 -3.56 -39.28 3.12
CA ASN A 344 -2.38 -39.45 2.27
C ASN A 344 -2.46 -38.85 0.87
N THR A 345 -3.56 -38.18 0.52
CA THR A 345 -3.67 -37.45 -0.75
C THR A 345 -4.75 -36.38 -0.58
N ARG A 346 -5.12 -35.74 -1.69
CA ARG A 346 -6.23 -34.80 -1.73
C ARG A 346 -7.29 -35.24 -2.72
N ARG A 347 -7.45 -36.54 -2.93
CA ARG A 347 -8.58 -37.00 -3.73
C ARG A 347 -9.55 -37.84 -2.91
N ASN A 348 -9.10 -38.94 -2.30
CA ASN A 348 -10.06 -39.78 -1.59
C ASN A 348 -10.43 -39.21 -0.23
N THR A 349 -9.63 -38.29 0.31
CA THR A 349 -10.04 -37.52 1.48
C THR A 349 -11.13 -36.52 1.18
N LEU A 350 -11.53 -36.39 -0.07
CA LEU A 350 -12.64 -35.55 -0.43
C LEU A 350 -13.84 -36.36 -0.89
N LEU A 351 -13.63 -37.46 -1.61
CA LEU A 351 -14.71 -38.39 -1.91
C LEU A 351 -15.24 -39.08 -0.66
N PHE A 352 -14.39 -39.23 0.36
CA PHE A 352 -14.82 -39.83 1.62
C PHE A 352 -15.92 -39.01 2.27
N LEU A 353 -15.69 -37.72 2.46
CA LEU A 353 -16.76 -36.96 3.09
C LEU A 353 -17.80 -36.50 2.08
N ASP A 354 -17.54 -36.65 0.77
CA ASP A 354 -18.65 -36.66 -0.18
C ASP A 354 -19.62 -37.79 0.11
N LEU A 355 -19.08 -38.99 0.38
CA LEU A 355 -19.91 -40.14 0.75
C LEU A 355 -20.63 -39.88 2.06
N ILE A 356 -19.97 -39.23 3.01
CA ILE A 356 -20.60 -38.86 4.28
C ILE A 356 -21.78 -37.92 4.03
N MET A 357 -21.59 -36.94 3.14
CA MET A 357 -22.64 -35.94 2.92
C MET A 357 -23.82 -36.54 2.16
N VAL A 358 -23.55 -37.45 1.21
CA VAL A 358 -24.69 -38.02 0.48
C VAL A 358 -25.43 -39.03 1.34
N ASN A 359 -24.74 -39.69 2.28
CA ASN A 359 -25.45 -40.55 3.22
C ASN A 359 -26.29 -39.73 4.19
N LEU A 360 -25.80 -38.55 4.59
CA LEU A 360 -26.62 -37.76 5.49
C LEU A 360 -27.75 -37.06 4.74
N MET A 361 -27.66 -36.95 3.42
CA MET A 361 -28.83 -36.52 2.69
C MET A 361 -29.85 -37.64 2.54
N VAL A 362 -29.39 -38.87 2.27
CA VAL A 362 -30.33 -39.97 2.06
C VAL A 362 -30.93 -40.45 3.38
N ASP A 363 -30.31 -40.13 4.51
CA ASP A 363 -30.91 -40.35 5.82
C ASP A 363 -31.84 -39.22 6.25
N ILE A 364 -32.31 -38.40 5.30
CA ILE A 364 -33.40 -37.48 5.55
C ILE A 364 -34.70 -37.98 4.91
N SER A 365 -34.62 -38.66 3.76
CA SER A 365 -35.80 -39.17 3.08
C SER A 365 -36.52 -40.27 3.87
N GLU A 366 -35.84 -40.91 4.80
CA GLU A 366 -36.44 -41.91 5.68
C GLU A 366 -36.96 -41.29 6.98
N SER A 367 -37.25 -39.99 6.96
CA SER A 367 -37.73 -39.34 8.18
C SER A 367 -39.19 -39.00 8.03
N CYS A 368 -39.45 -37.71 7.83
CA CYS A 368 -40.81 -37.20 7.63
C CYS A 368 -41.28 -37.57 6.22
N GLN A 369 -42.58 -37.56 5.99
CA GLN A 369 -43.09 -37.91 4.67
C GLN A 369 -42.54 -36.93 3.63
N ASP A 370 -42.55 -35.65 3.95
CA ASP A 370 -41.98 -34.65 3.05
C ASP A 370 -40.96 -33.77 3.79
N ALA A 371 -39.74 -33.72 3.28
CA ALA A 371 -38.71 -32.86 3.84
C ALA A 371 -37.74 -32.39 2.77
N ILE A 372 -37.44 -33.24 1.79
CA ILE A 372 -36.49 -32.92 0.75
C ILE A 372 -37.07 -31.91 -0.23
N GLU A 373 -38.39 -31.71 -0.23
CA GLU A 373 -39.02 -30.68 -1.03
C GLU A 373 -39.32 -29.44 -0.19
N SER A 374 -40.09 -29.62 0.88
CA SER A 374 -40.63 -28.49 1.62
C SER A 374 -39.57 -27.80 2.48
N LEU A 375 -38.47 -28.48 2.78
CA LEU A 375 -37.43 -27.85 3.57
C LEU A 375 -36.05 -27.87 2.90
N ARG A 376 -35.91 -28.45 1.72
CA ARG A 376 -34.59 -28.47 1.10
C ARG A 376 -34.54 -27.82 -0.27
N LYS A 377 -35.57 -27.96 -1.10
CA LYS A 377 -35.62 -27.17 -2.34
C LYS A 377 -35.74 -25.67 -2.07
N SER A 378 -36.30 -25.28 -0.93
CA SER A 378 -36.29 -23.89 -0.51
C SER A 378 -34.96 -23.48 0.09
N GLY A 379 -34.06 -24.43 0.34
CA GLY A 379 -32.77 -24.14 0.91
C GLY A 379 -31.58 -24.47 0.02
N LEU A 380 -30.95 -25.60 0.30
CA LEU A 380 -29.58 -25.87 -0.08
C LEU A 380 -29.43 -26.75 -1.31
N ILE A 381 -30.50 -27.34 -1.83
CA ILE A 381 -30.39 -28.18 -3.02
C ILE A 381 -31.46 -27.73 -4.03
N VAL A 382 -31.01 -27.28 -5.19
CA VAL A 382 -31.85 -27.03 -6.35
C VAL A 382 -31.91 -28.32 -7.13
N GLY A 383 -32.74 -28.35 -8.17
CA GLY A 383 -32.87 -29.50 -9.05
C GLY A 383 -31.56 -30.09 -9.53
N GLN A 384 -31.30 -31.33 -9.12
CA GLN A 384 -30.10 -32.10 -9.42
C GLN A 384 -28.85 -31.38 -8.91
N MET A 385 -28.74 -31.30 -7.59
CA MET A 385 -27.72 -30.47 -6.96
C MET A 385 -27.49 -30.91 -5.53
N VAL A 386 -26.30 -30.62 -5.01
CA VAL A 386 -25.96 -30.85 -3.60
C VAL A 386 -24.82 -29.89 -3.23
N MET A 387 -24.84 -29.34 -2.02
CA MET A 387 -23.77 -28.42 -1.60
C MET A 387 -22.85 -29.04 -0.55
N LEU A 388 -21.53 -29.01 -0.80
CA LEU A 388 -20.57 -29.61 0.13
C LEU A 388 -19.12 -29.08 0.10
N VAL A 389 -18.38 -29.42 1.16
CA VAL A 389 -16.94 -29.09 1.35
C VAL A 389 -16.53 -27.59 1.29
N ASN A 390 -15.50 -27.27 0.50
CA ASN A 390 -14.99 -25.89 0.42
C ASN A 390 -16.02 -24.93 -0.11
N ASP A 391 -16.74 -25.35 -1.15
CA ASP A 391 -17.83 -24.56 -1.70
C ASP A 391 -18.49 -25.28 -2.86
N ARG A 392 -18.20 -26.56 -3.06
CA ARG A 392 -18.48 -27.22 -4.32
C ARG A 392 -19.92 -27.68 -4.40
N VAL A 393 -20.60 -27.29 -5.47
CA VAL A 393 -21.83 -27.90 -5.90
C VAL A 393 -21.48 -29.10 -6.76
N LEU A 394 -22.14 -30.23 -6.50
CA LEU A 394 -21.67 -31.51 -7.03
C LEU A 394 -22.68 -32.24 -7.92
N ASP A 395 -23.98 -31.93 -7.82
CA ASP A 395 -24.96 -32.26 -8.86
C ASP A 395 -25.12 -33.76 -9.16
N ILE A 396 -26.02 -34.44 -8.48
CA ILE A 396 -25.96 -35.91 -8.27
C ILE A 396 -25.63 -37.10 -9.22
N LEU A 397 -26.02 -37.17 -10.48
CA LEU A 397 -25.67 -38.38 -11.24
C LEU A 397 -24.14 -38.65 -11.36
N GLU A 398 -23.39 -37.58 -11.63
CA GLU A 398 -21.95 -37.69 -11.76
C GLU A 398 -21.32 -38.15 -10.44
N ALA A 399 -21.83 -37.60 -9.34
CA ALA A 399 -21.34 -37.96 -8.01
C ALA A 399 -21.61 -39.43 -7.74
N ILE A 400 -22.79 -39.91 -8.15
CA ILE A 400 -23.14 -41.31 -7.97
C ILE A 400 -22.19 -42.23 -8.73
N LYS A 401 -21.79 -41.87 -9.94
CA LYS A 401 -20.88 -42.76 -10.70
C LYS A 401 -19.48 -43.03 -10.07
N LEU A 402 -18.92 -41.95 -9.53
CA LEU A 402 -17.62 -41.80 -8.88
C LEU A 402 -17.47 -42.72 -7.67
N ILE A 403 -18.50 -42.79 -6.83
CA ILE A 403 -18.45 -43.68 -5.66
C ILE A 403 -18.44 -45.14 -6.09
N ARG A 404 -19.19 -45.45 -7.15
CA ARG A 404 -19.23 -46.81 -7.69
C ARG A 404 -17.90 -47.18 -8.33
N LYS A 405 -17.25 -46.20 -8.97
CA LYS A 405 -15.92 -46.44 -9.53
C LYS A 405 -14.89 -46.64 -8.44
N LYS A 406 -14.98 -45.86 -7.35
CA LYS A 406 -14.01 -45.99 -6.28
C LYS A 406 -14.19 -47.32 -5.53
N ILE A 407 -15.43 -47.76 -5.34
CA ILE A 407 -15.63 -49.05 -4.71
C ILE A 407 -15.36 -50.19 -5.70
N GLY A 408 -15.42 -49.94 -7.01
CA GLY A 408 -14.97 -50.95 -7.96
C GLY A 408 -13.47 -51.11 -7.95
N THR A 409 -12.76 -50.00 -7.79
CA THR A 409 -11.31 -50.03 -7.73
C THR A 409 -10.85 -50.81 -6.50
N ASN A 410 -11.53 -50.59 -5.38
CA ASN A 410 -11.22 -51.27 -4.13
C ASN A 410 -12.40 -52.10 -3.65
N PRO A 411 -12.16 -53.38 -3.34
CA PRO A 411 -13.24 -54.26 -2.86
C PRO A 411 -13.83 -53.79 -1.52
N ASN A 412 -12.96 -53.38 -0.60
CA ASN A 412 -13.42 -52.91 0.72
C ASN A 412 -12.76 -51.59 1.10
N TRP A 413 -13.15 -50.52 0.43
CA TRP A 413 -12.60 -49.20 0.69
C TRP A 413 -12.91 -48.67 2.10
N VAL A 414 -14.13 -48.90 2.57
CA VAL A 414 -14.54 -48.40 3.88
C VAL A 414 -14.60 -49.55 4.87
N LYS A 415 -13.43 -49.96 5.34
CA LYS A 415 -13.33 -50.83 6.51
C LYS A 415 -12.24 -50.40 7.47
N ASN A 416 -11.20 -49.70 7.01
CA ASN A 416 -10.11 -49.17 7.81
C ASN A 416 -10.07 -47.67 7.79
N CYS A 417 -10.26 -47.05 6.62
CA CYS A 417 -10.46 -45.61 6.53
C CYS A 417 -11.85 -45.20 6.99
N SER A 418 -12.73 -46.18 7.25
CA SER A 418 -13.96 -45.91 7.98
C SER A 418 -13.66 -45.35 9.35
N LYS A 419 -12.77 -45.97 10.10
CA LYS A 419 -12.36 -45.45 11.40
C LYS A 419 -10.83 -45.53 11.50
N ILE A 420 -10.15 -44.98 10.49
CA ILE A 420 -8.81 -44.47 10.73
C ILE A 420 -8.87 -43.11 11.41
N LEU A 421 -10.07 -42.53 11.54
CA LEU A 421 -10.30 -41.30 12.29
C LEU A 421 -10.28 -41.49 13.79
N GLU A 422 -10.01 -42.69 14.30
CA GLU A 422 -9.75 -42.85 15.74
C GLU A 422 -8.26 -42.86 16.04
N ARG A 423 -7.50 -43.80 15.48
CA ARG A 423 -6.09 -43.95 15.78
C ARG A 423 -5.25 -43.10 14.84
N SER A 424 -4.19 -42.49 15.40
CA SER A 424 -3.32 -41.51 14.73
C SER A 424 -4.15 -40.38 14.11
N HIS A 425 -5.01 -39.79 14.94
CA HIS A 425 -6.18 -39.10 14.43
C HIS A 425 -6.81 -38.25 15.53
N PRO A 426 -7.80 -37.41 15.23
CA PRO A 426 -8.50 -36.70 16.34
C PRO A 426 -9.24 -37.61 17.30
N GLU A 427 -10.00 -38.59 16.81
CA GLU A 427 -10.87 -39.47 17.61
C GLU A 427 -11.91 -38.70 18.41
N ILE A 428 -12.40 -37.59 17.87
CA ILE A 428 -13.61 -36.92 18.34
C ILE A 428 -14.46 -36.64 17.12
N TRP A 429 -15.56 -37.36 16.98
CA TRP A 429 -16.45 -37.24 15.84
C TRP A 429 -17.89 -37.26 16.32
N LEU A 430 -18.79 -36.99 15.38
CA LEU A 430 -20.22 -37.12 15.63
C LEU A 430 -20.95 -37.89 14.53
N GLN A 431 -20.27 -38.28 13.45
CA GLN A 431 -20.93 -39.03 12.38
C GLN A 431 -21.19 -40.45 12.87
N LEU A 432 -22.47 -40.75 13.15
CA LEU A 432 -22.84 -41.97 13.86
C LEU A 432 -22.60 -43.22 13.03
N ASN A 433 -23.33 -43.37 11.93
CA ASN A 433 -23.16 -44.50 11.04
C ASN A 433 -22.82 -44.11 9.63
N THR A 434 -22.93 -42.82 9.28
CA THR A 434 -22.68 -42.36 7.92
C THR A 434 -21.22 -42.50 7.51
N LEU A 435 -20.31 -42.64 8.48
CA LEU A 435 -18.96 -43.08 8.19
C LEU A 435 -18.96 -44.44 7.51
N ILE A 436 -19.72 -45.40 8.07
CA ILE A 436 -19.61 -46.80 7.65
C ILE A 436 -20.76 -47.25 6.76
N ARG A 437 -21.82 -46.47 6.67
CA ARG A 437 -22.99 -46.91 5.92
C ARG A 437 -22.69 -46.84 4.44
N GLN A 438 -22.64 -47.99 3.81
CA GLN A 438 -22.46 -48.10 2.37
C GLN A 438 -23.66 -47.47 1.68
N PRO A 439 -23.47 -46.44 0.86
CA PRO A 439 -24.60 -45.81 0.16
C PRO A 439 -25.22 -46.76 -0.84
N ASP A 440 -26.47 -47.13 -0.58
CA ASP A 440 -27.19 -48.12 -1.39
C ASP A 440 -27.52 -47.50 -2.74
N PHE A 441 -26.76 -47.92 -3.76
CA PHE A 441 -26.91 -47.40 -5.11
C PHE A 441 -28.27 -47.70 -5.71
N ASN A 442 -28.96 -48.72 -5.20
CA ASN A 442 -30.31 -49.05 -5.61
C ASN A 442 -31.37 -48.24 -4.87
N SER A 443 -30.96 -47.23 -4.11
CA SER A 443 -31.87 -46.34 -3.41
C SER A 443 -31.80 -44.91 -3.92
N LEU A 444 -30.62 -44.40 -4.25
CA LEU A 444 -30.49 -43.03 -4.72
C LEU A 444 -31.02 -42.81 -6.13
N ILE A 445 -31.38 -43.86 -6.84
CA ILE A 445 -31.94 -43.69 -8.18
C ILE A 445 -33.31 -43.06 -8.10
N SER A 446 -34.07 -43.34 -7.04
CA SER A 446 -35.39 -42.75 -6.88
C SER A 446 -35.30 -41.24 -6.62
N ILE A 447 -34.39 -40.85 -5.72
CA ILE A 447 -34.18 -39.44 -5.42
C ILE A 447 -33.60 -38.72 -6.64
N ALA A 448 -32.70 -39.38 -7.36
CA ALA A 448 -32.12 -38.80 -8.57
C ALA A 448 -33.14 -38.69 -9.69
N GLN A 449 -34.18 -39.53 -9.66
CA GLN A 449 -35.23 -39.43 -10.65
C GLN A 449 -36.25 -38.36 -10.28
N TYR A 450 -36.46 -38.13 -8.97
CA TYR A 450 -37.54 -37.23 -8.54
C TYR A 450 -37.27 -35.79 -8.95
N LEU A 451 -36.22 -35.18 -8.43
CA LEU A 451 -35.91 -33.80 -8.79
C LEU A 451 -35.05 -33.82 -10.04
N VAL A 452 -35.64 -33.39 -11.15
CA VAL A 452 -34.95 -33.28 -12.43
C VAL A 452 -35.36 -31.95 -13.06
N SER A 453 -34.39 -31.11 -13.36
CA SER A 453 -34.63 -29.93 -14.17
C SER A 453 -33.38 -29.66 -15.00
N ASP A 454 -33.41 -28.58 -15.76
CA ASP A 454 -32.33 -28.30 -16.69
C ASP A 454 -31.05 -27.92 -15.96
N ARG A 455 -29.94 -28.32 -16.52
CA ARG A 455 -28.68 -28.20 -15.83
C ARG A 455 -28.15 -26.77 -15.96
N PRO A 456 -27.28 -26.36 -15.03
CA PRO A 456 -26.61 -25.07 -15.16
C PRO A 456 -25.77 -24.92 -16.42
N ILE A 457 -25.95 -23.78 -17.10
CA ILE A 457 -25.21 -23.42 -18.30
C ILE A 457 -24.53 -22.07 -18.04
N MET A 458 -23.31 -21.93 -18.58
CA MET A 458 -22.43 -20.82 -18.23
C MET A 458 -21.74 -20.34 -19.50
N ARG A 459 -22.18 -19.20 -20.02
CA ARG A 459 -21.78 -18.75 -21.34
C ARG A 459 -20.37 -18.20 -21.34
N TYR A 460 -19.67 -18.37 -22.46
CA TYR A 460 -18.57 -17.52 -22.86
C TYR A 460 -19.04 -16.73 -24.08
N SER A 461 -18.12 -15.96 -24.67
CA SER A 461 -18.32 -15.16 -25.90
C SER A 461 -19.49 -14.20 -25.80
N LYS A 468 -32.32 -9.17 -29.49
CA LYS A 468 -32.14 -8.15 -30.52
C LYS A 468 -32.82 -6.85 -30.12
N ILE A 469 -34.15 -6.90 -30.01
CA ILE A 469 -34.93 -5.74 -29.62
C ILE A 469 -34.80 -5.53 -28.13
N CYS A 470 -35.25 -4.38 -27.64
CA CYS A 470 -35.11 -4.02 -26.25
C CYS A 470 -36.47 -3.93 -25.56
N ARG A 471 -36.50 -4.31 -24.29
CA ARG A 471 -37.62 -3.98 -23.41
C ARG A 471 -37.03 -3.85 -22.01
N HIS A 472 -36.67 -2.62 -21.63
CA HIS A 472 -36.00 -2.40 -20.35
C HIS A 472 -36.62 -1.29 -19.52
N LYS A 473 -37.84 -0.90 -19.83
CA LYS A 473 -38.73 -0.12 -18.97
C LYS A 473 -38.22 1.27 -18.59
N LEU A 474 -37.17 1.78 -19.26
CA LEU A 474 -36.91 3.22 -19.35
C LEU A 474 -36.68 3.92 -18.01
N PHE A 475 -35.48 3.77 -17.41
CA PHE A 475 -35.12 4.11 -16.03
C PHE A 475 -35.73 5.39 -15.44
N GLN A 476 -35.94 6.42 -16.26
CA GLN A 476 -36.62 7.61 -15.77
C GLN A 476 -38.10 7.38 -15.48
N GLU A 477 -38.66 6.23 -15.83
CA GLU A 477 -40.09 5.99 -15.70
C GLU A 477 -40.28 4.93 -14.61
N MET A 478 -39.58 5.11 -13.49
CA MET A 478 -39.82 4.30 -12.32
C MET A 478 -39.98 5.19 -11.10
N SER A 479 -40.90 4.81 -10.23
CA SER A 479 -41.21 5.55 -9.01
C SER A 479 -40.03 5.51 -8.04
N SER A 480 -40.10 6.36 -7.02
CA SER A 480 -38.96 6.62 -6.15
C SER A 480 -38.86 5.63 -5.00
N PHE A 481 -39.37 4.42 -5.17
CA PHE A 481 -39.09 3.34 -4.24
C PHE A 481 -38.38 2.18 -4.90
N GLU A 482 -38.72 1.84 -6.15
CA GLU A 482 -38.12 0.70 -6.80
C GLU A 482 -36.76 0.99 -7.40
N GLN A 483 -36.13 2.13 -7.06
CA GLN A 483 -34.73 2.31 -7.39
C GLN A 483 -33.81 1.90 -6.25
N MET A 484 -34.30 1.89 -5.02
CA MET A 484 -33.52 1.32 -3.92
C MET A 484 -33.34 -0.18 -4.10
N ARG A 485 -34.31 -0.83 -4.73
CA ARG A 485 -34.22 -2.25 -5.03
C ARG A 485 -33.35 -2.53 -6.24
N LEU A 486 -32.57 -1.55 -6.68
CA LEU A 486 -31.39 -1.84 -7.47
C LEU A 486 -30.19 -2.01 -6.56
N PHE A 487 -29.98 -1.05 -5.65
CA PHE A 487 -28.77 -1.09 -4.86
C PHE A 487 -28.83 -2.17 -3.78
N LYS A 488 -30.02 -2.58 -3.32
CA LYS A 488 -30.04 -3.73 -2.42
C LYS A 488 -29.93 -5.06 -3.13
N THR A 489 -29.99 -5.10 -4.45
CA THR A 489 -29.46 -6.25 -5.13
C THR A 489 -27.98 -6.10 -5.41
N LEU A 490 -27.50 -4.85 -5.49
CA LEU A 490 -26.09 -4.65 -5.77
C LEU A 490 -25.22 -4.98 -4.57
N SER A 491 -25.69 -4.69 -3.35
CA SER A 491 -24.98 -5.12 -2.15
C SER A 491 -24.91 -6.64 -2.07
N SER A 492 -26.04 -7.31 -2.32
CA SER A 492 -26.06 -8.76 -2.20
C SER A 492 -25.34 -9.46 -3.35
N ILE A 493 -25.22 -8.84 -4.52
CA ILE A 493 -24.36 -9.47 -5.52
C ILE A 493 -22.90 -9.18 -5.20
N SER A 494 -22.60 -8.03 -4.58
CA SER A 494 -21.21 -7.73 -4.29
C SER A 494 -20.68 -8.55 -3.14
N LEU A 495 -21.55 -8.94 -2.21
CA LEU A 495 -21.08 -9.75 -1.10
C LEU A 495 -20.73 -11.15 -1.56
N SER A 496 -21.55 -11.73 -2.43
CA SER A 496 -21.19 -13.00 -3.01
C SER A 496 -19.99 -12.90 -3.94
N LEU A 497 -19.72 -11.72 -4.52
CA LEU A 497 -18.43 -11.55 -5.21
C LEU A 497 -17.27 -11.55 -4.22
N ILE A 498 -17.41 -10.89 -3.07
CA ILE A 498 -16.26 -10.72 -2.20
C ILE A 498 -15.88 -12.03 -1.53
N ASN A 499 -16.83 -12.76 -0.92
CA ASN A 499 -16.40 -14.01 -0.30
C ASN A 499 -16.30 -15.17 -1.31
N SER A 500 -16.19 -14.87 -2.60
CA SER A 500 -15.59 -15.73 -3.59
C SER A 500 -14.10 -15.50 -3.69
N MET A 501 -13.54 -14.84 -2.71
CA MET A 501 -12.10 -14.79 -2.54
C MET A 501 -11.65 -15.71 -1.41
N LYS A 502 -12.54 -16.04 -0.48
CA LYS A 502 -12.25 -16.75 0.76
C LYS A 502 -12.08 -18.24 0.54
N THR A 503 -12.58 -18.77 -0.58
CA THR A 503 -12.44 -20.17 -0.92
C THR A 503 -10.96 -20.53 -1.01
N SER A 504 -10.60 -21.72 -0.51
CA SER A 504 -9.20 -22.03 -0.24
C SER A 504 -8.40 -22.11 -1.52
N PHE A 505 -7.18 -21.60 -1.46
CA PHE A 505 -6.46 -21.28 -2.69
C PHE A 505 -5.81 -22.49 -3.34
N SER A 506 -5.88 -23.67 -2.73
CA SER A 506 -5.43 -24.87 -3.44
C SER A 506 -6.60 -25.56 -4.13
N SER A 507 -7.51 -26.14 -3.33
CA SER A 507 -8.85 -26.65 -3.66
C SER A 507 -9.03 -27.27 -5.04
N ARG A 508 -8.26 -28.31 -5.36
CA ARG A 508 -8.36 -28.93 -6.68
C ARG A 508 -9.63 -29.76 -6.76
N LEU A 509 -10.32 -29.67 -7.89
CA LEU A 509 -11.60 -30.33 -8.08
C LEU A 509 -11.42 -31.84 -8.27
N LEU A 510 -12.54 -32.55 -8.24
CA LEU A 510 -12.56 -33.98 -8.51
C LEU A 510 -12.79 -34.32 -9.98
N VAL A 511 -13.29 -33.38 -10.78
CA VAL A 511 -13.49 -33.57 -12.21
C VAL A 511 -12.96 -32.33 -12.93
N ASN A 512 -11.99 -32.52 -13.81
CA ASN A 512 -11.42 -31.42 -14.57
C ASN A 512 -11.72 -31.56 -16.06
N GLU A 513 -12.11 -30.44 -16.67
CA GLU A 513 -12.35 -30.29 -18.10
C GLU A 513 -13.36 -31.29 -18.67
N PHE A 520 -14.82 -23.30 -26.75
CA PHE A 520 -15.24 -22.59 -25.55
C PHE A 520 -16.52 -21.80 -25.77
N GLY A 521 -17.47 -22.37 -26.52
CA GLY A 521 -18.68 -21.66 -26.83
C GLY A 521 -19.63 -21.46 -25.67
N ASN A 522 -20.24 -22.54 -25.20
CA ASN A 522 -21.19 -22.50 -24.09
C ASN A 522 -20.99 -23.78 -23.30
N VAL A 523 -20.70 -23.67 -22.01
CA VAL A 523 -20.36 -24.84 -21.22
C VAL A 523 -21.54 -25.18 -20.31
N ARG A 524 -22.06 -26.39 -20.48
CA ARG A 524 -22.96 -26.96 -19.49
C ARG A 524 -22.14 -27.34 -18.27
N LEU A 525 -22.61 -26.94 -17.10
CA LEU A 525 -21.76 -26.83 -15.93
C LEU A 525 -22.00 -28.01 -14.99
N ARG A 526 -21.11 -29.01 -15.06
CA ARG A 526 -21.24 -30.25 -14.29
C ARG A 526 -21.05 -30.02 -12.80
N GLU A 527 -19.85 -29.60 -12.40
CA GLU A 527 -19.60 -29.25 -11.02
C GLU A 527 -18.69 -28.03 -11.01
N CYS A 528 -18.85 -27.17 -10.02
CA CYS A 528 -18.21 -25.87 -10.05
C CYS A 528 -18.35 -25.27 -8.67
N TYR A 529 -17.71 -24.12 -8.46
CA TYR A 529 -17.84 -23.58 -7.12
C TYR A 529 -19.16 -22.82 -7.00
N ALA A 530 -19.42 -22.27 -5.82
CA ALA A 530 -20.75 -21.77 -5.56
C ALA A 530 -20.76 -20.80 -4.41
N GLN A 531 -21.51 -19.71 -4.56
CA GLN A 531 -21.79 -18.87 -3.40
C GLN A 531 -23.27 -18.57 -3.40
N ARG A 532 -23.79 -18.15 -2.25
CA ARG A 532 -25.22 -17.96 -2.09
C ARG A 532 -25.52 -16.58 -1.54
N PHE A 533 -26.75 -16.14 -1.77
CA PHE A 533 -27.21 -14.83 -1.32
C PHE A 533 -28.72 -14.81 -1.22
N TYR A 534 -29.23 -14.34 -0.09
CA TYR A 534 -30.64 -14.34 0.21
C TYR A 534 -31.29 -13.04 -0.24
N LEU A 535 -32.52 -13.14 -0.75
CA LEU A 535 -33.32 -11.96 -1.06
C LEU A 535 -34.59 -11.90 -0.24
N ALA A 536 -35.41 -12.95 -0.26
CA ALA A 536 -36.63 -12.97 0.53
C ALA A 536 -36.74 -14.32 1.21
N GLU A 537 -37.91 -14.65 1.74
CA GLU A 537 -38.03 -15.80 2.62
C GLU A 537 -38.35 -17.09 1.89
N SER A 538 -38.29 -17.11 0.55
CA SER A 538 -38.44 -18.36 -0.14
C SER A 538 -37.36 -18.57 -1.20
N LEU A 539 -36.96 -17.51 -1.90
CA LEU A 539 -36.07 -17.61 -3.04
C LEU A 539 -34.66 -17.19 -2.70
N VAL A 540 -33.68 -17.84 -3.31
CA VAL A 540 -32.30 -17.46 -3.13
C VAL A 540 -31.66 -17.31 -4.50
N GLY A 541 -30.41 -16.88 -4.50
CA GLY A 541 -29.63 -16.85 -5.71
C GLY A 541 -28.45 -17.79 -5.60
N PHE A 542 -27.65 -17.78 -6.66
CA PHE A 542 -26.41 -18.54 -6.67
C PHE A 542 -25.37 -17.75 -7.42
N LEU A 543 -24.13 -18.22 -7.33
CA LEU A 543 -23.08 -17.58 -8.11
C LEU A 543 -22.08 -18.67 -8.43
N PHE A 544 -21.87 -18.92 -9.72
CA PHE A 544 -21.12 -20.07 -10.20
C PHE A 544 -19.83 -19.61 -10.86
N TYR A 545 -18.72 -20.23 -10.50
CA TYR A 545 -17.44 -19.87 -11.09
C TYR A 545 -16.50 -21.06 -11.06
N GLN A 546 -15.42 -20.94 -11.79
CA GLN A 546 -14.53 -22.08 -11.92
C GLN A 546 -13.15 -21.81 -11.37
N LYS A 547 -12.60 -20.64 -11.59
CA LYS A 547 -11.25 -20.33 -11.15
C LYS A 547 -11.29 -19.62 -9.80
N THR A 548 -10.54 -20.14 -8.84
CA THR A 548 -10.43 -19.52 -7.52
C THR A 548 -9.22 -18.59 -7.46
N GLY A 549 -9.35 -17.54 -6.67
CA GLY A 549 -8.28 -16.59 -6.50
C GLY A 549 -8.64 -15.20 -7.00
N GLU A 550 -7.61 -14.36 -7.15
CA GLU A 550 -7.78 -12.93 -7.29
C GLU A 550 -7.63 -12.45 -8.74
N ARG A 551 -7.84 -13.30 -9.72
CA ARG A 551 -7.74 -12.85 -11.09
C ARG A 551 -9.14 -12.67 -11.65
N SER A 552 -9.25 -12.42 -12.95
CA SER A 552 -10.56 -12.27 -13.57
C SER A 552 -11.15 -13.64 -13.86
N ARG A 553 -12.48 -13.74 -13.76
CA ARG A 553 -13.15 -15.02 -13.97
C ARG A 553 -14.26 -14.85 -15.00
N CYS A 554 -15.07 -15.90 -15.12
CA CYS A 554 -16.20 -15.97 -16.04
C CYS A 554 -17.44 -16.46 -15.30
N TYR A 555 -18.14 -15.54 -14.66
CA TYR A 555 -19.14 -15.86 -13.66
C TYR A 555 -20.45 -16.30 -14.30
N SER A 556 -21.36 -16.81 -13.46
CA SER A 556 -22.74 -16.99 -13.91
C SER A 556 -23.70 -16.89 -12.74
N VAL A 557 -24.88 -16.34 -12.99
CA VAL A 557 -25.80 -15.93 -11.93
C VAL A 557 -27.16 -16.59 -12.13
N TYR A 558 -27.62 -17.33 -11.13
CA TYR A 558 -28.90 -18.02 -11.15
C TYR A 558 -29.79 -17.60 -9.99
N LEU A 559 -31.09 -17.79 -10.16
CA LEU A 559 -32.03 -17.74 -9.06
C LEU A 559 -32.63 -19.10 -8.80
N SER A 560 -33.33 -19.22 -7.68
CA SER A 560 -34.07 -20.42 -7.32
C SER A 560 -35.27 -19.93 -6.54
N ASP A 561 -36.42 -19.89 -7.19
CA ASP A 561 -37.60 -19.23 -6.65
C ASP A 561 -38.25 -20.09 -5.58
N ASN A 562 -38.74 -21.26 -5.96
CA ASN A 562 -39.31 -22.20 -4.99
C ASN A 562 -38.83 -23.61 -5.30
N GLY A 563 -37.70 -23.74 -5.99
CA GLY A 563 -37.25 -25.03 -6.48
C GLY A 563 -36.97 -24.94 -7.96
N VAL A 564 -37.71 -24.11 -8.66
CA VAL A 564 -37.52 -23.98 -10.10
C VAL A 564 -36.28 -23.14 -10.39
N MET A 565 -35.54 -23.56 -11.41
CA MET A 565 -34.37 -22.82 -11.86
C MET A 565 -34.75 -21.91 -13.03
N SER A 566 -34.02 -20.82 -13.18
CA SER A 566 -34.20 -19.95 -14.33
C SER A 566 -32.88 -19.25 -14.58
N GLU A 567 -32.26 -19.56 -15.72
CA GLU A 567 -30.99 -18.93 -16.05
C GLU A 567 -31.21 -17.46 -16.35
N GLN A 568 -30.30 -16.61 -15.82
CA GLN A 568 -30.44 -15.18 -16.02
C GLN A 568 -29.15 -14.53 -16.49
N GLY A 569 -28.16 -15.31 -16.90
CA GLY A 569 -27.10 -14.72 -17.66
C GLY A 569 -25.67 -15.13 -17.34
N SER A 570 -24.78 -14.20 -17.62
CA SER A 570 -23.34 -14.40 -17.59
C SER A 570 -22.69 -13.04 -17.64
N PHE A 571 -21.56 -12.90 -16.96
CA PHE A 571 -20.75 -11.70 -17.14
C PHE A 571 -19.30 -12.03 -16.85
N TYR A 572 -18.45 -11.01 -17.01
CA TYR A 572 -17.01 -11.18 -17.01
C TYR A 572 -16.48 -9.95 -16.28
N CYS A 573 -16.25 -10.07 -14.98
CA CYS A 573 -15.61 -8.96 -14.30
C CYS A 573 -14.75 -9.49 -13.17
N ASP A 574 -14.16 -8.55 -12.45
CA ASP A 574 -12.99 -8.81 -11.65
C ASP A 574 -13.35 -8.55 -10.19
N PRO A 575 -12.98 -9.44 -9.27
CA PRO A 575 -13.59 -9.40 -7.94
C PRO A 575 -13.21 -8.25 -7.04
N LYS A 576 -11.92 -8.01 -6.78
CA LYS A 576 -11.53 -7.11 -5.69
C LYS A 576 -11.63 -5.65 -6.02
N ARG A 577 -12.31 -5.28 -7.09
CA ARG A 577 -12.58 -3.89 -7.37
C ARG A 577 -14.03 -3.55 -7.07
N PHE A 578 -14.77 -4.48 -6.48
CA PHE A 578 -16.14 -4.27 -6.05
C PHE A 578 -16.28 -4.21 -4.54
N PHE A 579 -15.24 -3.76 -3.82
CA PHE A 579 -15.37 -3.66 -2.37
C PHE A 579 -16.07 -2.39 -1.91
N LEU A 580 -16.23 -1.44 -2.81
CA LEU A 580 -16.84 -0.15 -2.49
C LEU A 580 -18.31 -0.16 -2.02
N PRO A 581 -19.14 -1.00 -2.64
CA PRO A 581 -20.58 -1.13 -2.37
C PRO A 581 -20.98 -2.37 -1.55
N VAL A 582 -20.08 -2.91 -0.74
CA VAL A 582 -20.39 -4.14 -0.01
C VAL A 582 -21.58 -4.05 0.96
N PHE A 583 -21.74 -2.97 1.71
CA PHE A 583 -22.91 -2.89 2.59
C PHE A 583 -23.59 -1.53 2.51
N SER A 584 -23.18 -0.71 1.57
CA SER A 584 -23.37 0.72 1.70
C SER A 584 -24.51 1.24 0.85
N ASP A 585 -25.61 0.50 0.76
CA ASP A 585 -26.82 1.03 0.15
C ASP A 585 -27.29 2.31 0.81
N GLU A 586 -27.29 2.36 2.13
CA GLU A 586 -27.79 3.55 2.78
C GLU A 586 -26.81 4.73 2.62
N VAL A 587 -25.51 4.47 2.51
CA VAL A 587 -24.55 5.54 2.23
C VAL A 587 -24.77 6.11 0.82
N LEU A 588 -24.67 5.25 -0.20
CA LEU A 588 -24.80 5.66 -1.59
C LEU A 588 -26.24 5.85 -2.03
N ALA A 589 -27.19 5.77 -1.12
CA ALA A 589 -28.52 6.25 -1.36
C ALA A 589 -28.85 7.46 -0.51
N GLY A 590 -27.98 7.82 0.44
CA GLY A 590 -28.10 9.06 1.15
C GLY A 590 -27.30 10.18 0.52
N MET A 591 -26.22 9.89 -0.18
CA MET A 591 -25.51 10.99 -0.79
C MET A 591 -25.98 11.31 -2.20
N CYS A 592 -26.69 10.40 -2.86
CA CYS A 592 -27.34 10.78 -4.10
C CYS A 592 -28.65 11.50 -3.86
N GLU A 593 -29.00 11.70 -2.58
CA GLU A 593 -30.08 12.57 -2.18
C GLU A 593 -29.60 13.80 -1.41
N GLU A 594 -28.42 13.72 -0.77
CA GLU A 594 -27.84 14.93 -0.19
C GLU A 594 -27.47 15.90 -1.28
N MET A 595 -26.84 15.39 -2.34
CA MET A 595 -26.27 16.22 -3.38
C MET A 595 -27.36 16.84 -4.25
N THR A 596 -28.52 16.22 -4.28
CA THR A 596 -29.63 16.74 -5.07
C THR A 596 -30.34 17.88 -4.37
N SER A 597 -30.41 17.88 -3.03
CA SER A 597 -31.18 18.92 -2.33
C SER A 597 -30.51 20.30 -2.36
N TRP A 598 -29.33 20.43 -2.97
CA TRP A 598 -28.70 21.68 -3.33
C TRP A 598 -29.42 22.45 -4.42
N LEU A 599 -30.38 21.84 -5.11
CA LEU A 599 -31.03 22.51 -6.23
C LEU A 599 -32.52 22.68 -5.97
N ASP A 600 -32.86 23.27 -4.83
CA ASP A 600 -34.22 23.69 -4.55
C ASP A 600 -34.51 25.12 -5.00
N PHE A 601 -33.87 25.57 -6.07
CA PHE A 601 -34.17 26.89 -6.61
C PHE A 601 -34.82 26.85 -7.98
N ASP A 602 -34.71 25.73 -8.70
CA ASP A 602 -35.53 25.46 -9.88
C ASP A 602 -36.05 24.03 -9.73
N THR A 603 -37.32 23.93 -9.34
CA THR A 603 -37.89 22.65 -8.92
C THR A 603 -38.02 21.68 -10.09
N GLY A 604 -38.39 22.18 -11.26
CA GLY A 604 -38.38 21.36 -12.46
C GLY A 604 -36.98 20.93 -12.87
N LEU A 605 -35.96 21.69 -12.47
CA LEU A 605 -34.60 21.27 -12.79
C LEU A 605 -34.18 20.14 -11.86
N MET A 606 -34.60 20.21 -10.59
CA MET A 606 -34.25 19.17 -9.64
C MET A 606 -34.94 17.86 -9.97
N ASN A 607 -36.24 17.92 -10.29
CA ASN A 607 -37.01 16.70 -10.55
C ASN A 607 -36.62 16.01 -11.85
N ASP A 608 -35.77 16.63 -12.66
CA ASP A 608 -35.16 15.98 -13.81
C ASP A 608 -33.71 15.59 -13.55
N THR A 609 -32.91 16.42 -12.86
CA THR A 609 -31.53 16.05 -12.66
C THR A 609 -31.35 15.04 -11.54
N GLY A 610 -32.39 14.77 -10.76
CA GLY A 610 -32.35 13.71 -9.78
C GLY A 610 -32.26 12.35 -10.44
N PRO A 611 -33.32 11.95 -11.14
CA PRO A 611 -33.31 10.63 -11.77
C PRO A 611 -32.45 10.48 -13.00
N ILE A 612 -31.50 11.37 -13.27
CA ILE A 612 -30.47 11.09 -14.25
C ILE A 612 -29.14 10.84 -13.55
N LEU A 613 -28.96 11.41 -12.34
CA LEU A 613 -27.67 11.28 -11.67
C LEU A 613 -27.51 9.90 -11.06
N ARG A 614 -28.60 9.33 -10.58
CA ARG A 614 -28.49 8.07 -9.87
C ARG A 614 -28.21 6.94 -10.84
N LEU A 615 -28.58 7.12 -12.11
CA LEU A 615 -28.12 6.20 -13.14
C LEU A 615 -26.62 6.29 -13.33
N LEU A 616 -26.04 7.48 -13.19
CA LEU A 616 -24.59 7.61 -13.28
C LEU A 616 -23.90 6.94 -12.11
N VAL A 617 -24.47 7.08 -10.91
CA VAL A 617 -23.82 6.52 -9.73
C VAL A 617 -23.94 5.00 -9.74
N LEU A 618 -25.01 4.46 -10.33
CA LEU A 618 -25.01 3.02 -10.61
C LEU A 618 -24.02 2.67 -11.72
N ALA A 619 -23.91 3.51 -12.75
CA ALA A 619 -23.12 3.16 -13.91
C ALA A 619 -21.64 3.16 -13.63
N ILE A 620 -21.19 3.88 -12.61
CA ILE A 620 -19.77 3.86 -12.28
C ILE A 620 -19.40 2.57 -11.56
N LEU A 621 -20.12 2.23 -10.49
CA LEU A 621 -19.79 1.05 -9.69
C LEU A 621 -20.06 -0.22 -10.46
N CYS A 622 -21.02 -0.21 -11.34
CA CYS A 622 -21.28 -1.40 -12.12
C CYS A 622 -20.35 -1.51 -13.31
N SER A 623 -19.40 -0.59 -13.47
CA SER A 623 -18.35 -0.71 -14.49
C SER A 623 -17.15 0.13 -14.09
N PRO A 624 -16.32 -0.43 -13.20
CA PRO A 624 -15.17 0.33 -12.74
C PRO A 624 -14.02 0.16 -13.71
N SER A 625 -13.73 1.26 -14.40
CA SER A 625 -12.67 1.29 -15.37
C SER A 625 -11.90 2.55 -15.08
N LYS A 626 -10.60 2.50 -15.32
CA LYS A 626 -9.76 3.65 -15.09
C LYS A 626 -10.20 4.80 -15.96
N ARG A 627 -10.65 4.48 -17.17
CA ARG A 627 -10.99 5.51 -18.15
C ARG A 627 -12.19 6.35 -17.76
N ASN A 628 -13.27 5.75 -17.26
CA ASN A 628 -14.35 6.59 -16.75
C ASN A 628 -14.15 6.98 -15.29
N GLN A 629 -12.94 6.77 -14.78
CA GLN A 629 -12.33 7.49 -13.68
C GLN A 629 -11.54 8.70 -14.16
N THR A 630 -10.67 8.50 -15.15
CA THR A 630 -9.84 9.58 -15.66
C THR A 630 -10.68 10.66 -16.29
N PHE A 631 -11.75 10.27 -16.99
CA PHE A 631 -12.57 11.26 -17.67
C PHE A 631 -13.32 12.13 -16.68
N LEU A 632 -13.85 11.54 -15.61
CA LEU A 632 -14.56 12.34 -14.63
C LEU A 632 -13.59 13.17 -13.80
N GLN A 633 -12.35 12.73 -13.64
CA GLN A 633 -11.36 13.64 -13.07
C GLN A 633 -11.01 14.73 -14.05
N GLY A 634 -11.14 14.48 -15.34
CA GLY A 634 -10.80 15.53 -16.27
C GLY A 634 -11.81 16.65 -16.42
N LEU A 635 -12.81 16.76 -15.57
CA LEU A 635 -13.80 17.81 -15.71
C LEU A 635 -13.71 18.84 -14.59
N ARG A 636 -12.83 18.66 -13.62
CA ARG A 636 -12.50 19.76 -12.73
C ARG A 636 -11.53 20.75 -13.34
N TYR A 637 -11.03 20.50 -14.56
CA TYR A 637 -10.25 21.49 -15.32
C TYR A 637 -11.05 22.14 -16.43
N PHE A 638 -12.03 21.44 -16.98
CA PHE A 638 -12.98 22.06 -17.89
C PHE A 638 -13.84 23.08 -17.17
N LEU A 639 -14.02 22.94 -15.86
CA LEU A 639 -14.97 23.74 -15.12
C LEU A 639 -14.36 24.98 -14.52
N MET A 640 -13.08 24.99 -14.19
CA MET A 640 -12.42 26.26 -13.92
C MET A 640 -12.28 27.08 -15.19
N ALA A 641 -12.14 26.40 -16.33
CA ALA A 641 -11.93 27.06 -17.61
C ALA A 641 -13.20 27.67 -18.18
N PHE A 642 -14.32 27.61 -17.48
CA PHE A 642 -15.52 28.26 -17.91
C PHE A 642 -16.05 29.26 -16.88
N ALA A 643 -15.66 29.15 -15.62
CA ALA A 643 -15.95 30.25 -14.71
C ALA A 643 -14.92 31.36 -14.85
N ASN A 644 -13.69 31.04 -15.21
CA ASN A 644 -12.62 32.03 -15.36
C ASN A 644 -12.69 32.79 -16.68
N GLN A 645 -11.62 33.50 -17.01
CA GLN A 645 -11.63 34.35 -18.19
C GLN A 645 -10.51 34.08 -19.20
N ILE A 646 -9.55 33.19 -18.92
CA ILE A 646 -8.49 32.83 -19.86
C ILE A 646 -8.18 31.34 -19.69
N HIS A 647 -8.40 30.55 -20.74
CA HIS A 647 -8.00 29.15 -20.69
C HIS A 647 -6.93 28.89 -21.73
N HIS A 648 -6.01 28.00 -21.40
CA HIS A 648 -4.90 27.64 -22.28
C HIS A 648 -5.41 26.98 -23.56
N ILE A 649 -4.65 27.10 -24.64
CA ILE A 649 -5.19 26.87 -25.99
C ILE A 649 -5.34 25.39 -26.36
N ASP A 650 -4.59 24.47 -25.78
CA ASP A 650 -4.61 23.10 -26.27
C ASP A 650 -5.44 22.14 -25.43
N LEU A 651 -6.30 22.62 -24.53
CA LEU A 651 -6.79 21.70 -23.51
C LEU A 651 -7.95 20.85 -24.00
N ILE A 652 -8.69 21.28 -25.02
CA ILE A 652 -9.80 20.47 -25.52
C ILE A 652 -9.29 19.28 -26.31
N SER A 653 -8.05 19.32 -26.79
CA SER A 653 -7.42 18.13 -27.33
C SER A 653 -6.68 17.35 -26.27
N LYS A 654 -7.11 17.43 -25.02
CA LYS A 654 -6.56 16.59 -23.96
C LYS A 654 -7.62 15.95 -23.08
N LEU A 655 -8.84 16.49 -23.03
CA LEU A 655 -9.90 15.90 -22.22
C LEU A 655 -10.62 14.75 -22.89
N VAL A 656 -10.19 14.32 -24.07
CA VAL A 656 -10.82 13.20 -24.75
C VAL A 656 -9.95 11.97 -24.58
N VAL A 657 -10.58 10.86 -24.22
CA VAL A 657 -9.96 9.55 -24.26
C VAL A 657 -10.93 8.60 -24.96
N GLU A 658 -10.41 7.87 -25.95
CA GLU A 658 -11.27 7.09 -26.82
C GLU A 658 -11.87 5.91 -26.08
N CYS A 659 -13.11 5.61 -26.39
CA CYS A 659 -13.80 4.47 -25.80
C CYS A 659 -13.20 3.18 -26.34
N LYS A 660 -12.38 2.53 -25.52
CA LYS A 660 -11.82 1.23 -25.90
C LYS A 660 -12.88 0.15 -25.96
N SER A 661 -14.00 0.32 -25.27
CA SER A 661 -15.10 -0.64 -25.29
C SER A 661 -16.39 0.08 -25.62
N SER A 662 -17.50 -0.66 -25.59
CA SER A 662 -18.84 -0.09 -25.73
C SER A 662 -19.53 0.01 -24.40
N SER A 663 -18.77 0.19 -23.33
CA SER A 663 -19.33 0.46 -22.01
C SER A 663 -18.91 1.79 -21.44
N GLU A 664 -17.81 2.37 -21.92
CA GLU A 664 -17.39 3.70 -21.52
C GLU A 664 -18.01 4.78 -22.37
N VAL A 665 -19.14 4.51 -23.00
CA VAL A 665 -19.89 5.53 -23.69
C VAL A 665 -21.12 5.96 -22.90
N VAL A 666 -21.81 5.00 -22.29
CA VAL A 666 -23.02 5.27 -21.52
C VAL A 666 -22.73 6.01 -20.22
N VAL A 667 -21.49 6.01 -19.76
CA VAL A 667 -21.05 6.94 -18.72
C VAL A 667 -20.65 8.29 -19.31
N GLN A 668 -20.09 8.31 -20.53
CA GLN A 668 -19.70 9.56 -21.17
C GLN A 668 -20.81 10.13 -22.02
N ARG A 669 -22.04 9.88 -21.62
CA ARG A 669 -23.21 10.56 -22.14
C ARG A 669 -24.11 11.00 -21.02
N LEU A 670 -23.85 10.55 -19.80
CA LEU A 670 -24.53 11.06 -18.64
C LEU A 670 -23.70 12.08 -17.88
N ALA A 671 -22.41 12.16 -18.16
CA ALA A 671 -21.62 13.24 -17.59
C ALA A 671 -21.73 14.49 -18.45
N VAL A 672 -21.35 14.37 -19.72
CA VAL A 672 -21.42 15.49 -20.64
C VAL A 672 -22.87 15.90 -20.88
N GLY A 673 -23.76 14.91 -20.97
CA GLY A 673 -25.19 15.17 -21.05
C GLY A 673 -25.79 15.77 -19.80
N LEU A 674 -25.01 15.89 -18.72
CA LEU A 674 -25.38 16.69 -17.56
C LEU A 674 -24.81 18.10 -17.65
N PHE A 675 -23.57 18.26 -18.14
CA PHE A 675 -23.00 19.62 -18.20
C PHE A 675 -23.69 20.45 -19.29
N ILE A 676 -24.19 19.82 -20.34
CA ILE A 676 -25.01 20.56 -21.28
C ILE A 676 -26.34 20.90 -20.63
N ARG A 677 -26.78 20.09 -19.68
CA ARG A 677 -28.08 20.30 -19.06
C ARG A 677 -28.06 21.47 -18.08
N LEU A 678 -26.98 21.65 -17.29
CA LEU A 678 -27.06 22.75 -16.34
C LEU A 678 -25.85 23.69 -16.26
N LEU A 679 -24.84 23.57 -17.12
CA LEU A 679 -23.96 24.72 -17.27
C LEU A 679 -24.65 25.81 -18.08
N GLY A 680 -24.94 25.51 -19.34
CA GLY A 680 -25.58 26.51 -20.16
C GLY A 680 -26.74 26.02 -20.98
N GLY A 681 -27.92 26.54 -20.69
CA GLY A 681 -29.01 26.47 -21.63
C GLY A 681 -28.96 27.64 -22.56
N GLU A 682 -29.76 27.58 -23.62
CA GLU A 682 -29.79 28.70 -24.56
C GLU A 682 -30.46 29.93 -23.98
N SER A 683 -31.28 29.77 -22.94
CA SER A 683 -31.83 30.91 -22.21
C SER A 683 -30.86 31.31 -21.09
N ASP A 684 -31.31 32.18 -20.20
CA ASP A 684 -30.46 32.73 -19.14
C ASP A 684 -30.40 31.75 -17.97
N ALA A 685 -29.60 30.70 -18.15
CA ALA A 685 -29.44 29.66 -17.14
C ALA A 685 -28.25 30.00 -16.24
N SER A 686 -28.39 31.12 -15.54
CA SER A 686 -27.38 31.58 -14.60
C SER A 686 -28.06 32.13 -13.35
N SER A 687 -29.03 31.39 -12.81
CA SER A 687 -29.86 31.92 -11.73
C SER A 687 -29.09 31.97 -10.41
N PHE A 688 -28.73 30.81 -9.86
CA PHE A 688 -27.89 30.73 -8.66
C PHE A 688 -26.63 29.98 -9.10
N PHE A 689 -25.57 30.69 -9.43
CA PHE A 689 -24.50 29.99 -10.10
C PHE A 689 -23.58 29.26 -9.14
N SER A 690 -23.57 29.65 -7.87
CA SER A 690 -22.60 29.12 -6.92
C SER A 690 -22.87 27.65 -6.61
N ARG A 691 -24.14 27.31 -6.34
CA ARG A 691 -24.50 25.93 -6.09
C ARG A 691 -24.38 25.10 -7.36
N ARG A 692 -24.57 25.71 -8.53
CA ARG A 692 -24.27 25.00 -9.77
C ARG A 692 -22.81 24.60 -9.83
N PHE A 693 -21.91 25.50 -9.42
CA PHE A 693 -20.49 25.13 -9.41
C PHE A 693 -20.21 24.06 -8.38
N LYS A 694 -20.85 24.14 -7.22
CA LYS A 694 -20.61 23.14 -6.17
C LYS A 694 -21.06 21.76 -6.61
N TYR A 695 -22.24 21.69 -7.20
CA TYR A 695 -22.81 20.42 -7.62
C TYR A 695 -22.20 19.91 -8.91
N LEU A 696 -21.52 20.74 -9.67
CA LEU A 696 -20.75 20.15 -10.74
C LEU A 696 -19.36 19.75 -10.31
N LEU A 697 -18.83 20.40 -9.27
CA LEU A 697 -17.55 19.98 -8.77
C LEU A 697 -17.63 18.66 -8.04
N ASN A 698 -18.71 18.43 -7.29
CA ASN A 698 -18.88 17.12 -6.68
C ASN A 698 -19.48 16.11 -7.63
N VAL A 699 -19.60 16.43 -8.92
CA VAL A 699 -19.77 15.43 -9.95
C VAL A 699 -18.46 15.16 -10.69
N SER A 700 -17.60 16.16 -10.81
CA SER A 700 -16.24 15.89 -11.29
C SER A 700 -15.49 15.01 -10.31
N TYR A 701 -15.59 15.29 -9.02
CA TYR A 701 -15.00 14.38 -8.05
C TYR A 701 -15.84 13.14 -7.75
N LEU A 702 -16.89 12.83 -8.51
CA LEU A 702 -17.59 11.56 -8.31
C LEU A 702 -16.82 10.43 -8.95
N CYS A 703 -15.76 10.77 -9.66
CA CYS A 703 -14.59 9.98 -9.99
C CYS A 703 -14.14 9.02 -8.91
N HIS A 704 -14.09 9.48 -7.68
CA HIS A 704 -13.19 8.83 -6.75
C HIS A 704 -13.72 7.52 -6.18
N LEU A 705 -14.91 7.06 -6.59
CA LEU A 705 -15.48 5.81 -6.08
C LEU A 705 -14.75 4.59 -6.61
N ILE A 706 -13.87 4.73 -7.54
CA ILE A 706 -13.22 3.60 -8.16
C ILE A 706 -11.89 3.36 -7.46
N THR A 707 -11.61 2.09 -7.18
CA THR A 707 -10.49 1.74 -6.34
C THR A 707 -9.19 1.89 -7.13
N LYS A 708 -8.26 2.66 -6.60
CA LYS A 708 -6.93 2.80 -7.20
C LYS A 708 -6.16 1.49 -7.02
N GLU A 709 -6.09 0.67 -8.06
CA GLU A 709 -5.47 -0.64 -7.89
C GLU A 709 -4.53 -1.09 -9.00
N THR A 710 -4.42 -0.36 -10.12
CA THR A 710 -3.62 -0.71 -11.29
C THR A 710 -3.97 -2.10 -11.82
N PRO A 711 -5.07 -2.24 -12.61
CA PRO A 711 -5.71 -3.53 -12.91
C PRO A 711 -4.85 -4.74 -13.27
N ASP A 712 -3.63 -4.54 -13.77
CA ASP A 712 -2.67 -5.62 -13.89
C ASP A 712 -1.27 -5.00 -13.87
N ARG A 713 -0.31 -5.66 -13.23
CA ARG A 713 0.96 -4.99 -12.96
C ARG A 713 2.06 -5.35 -13.94
N LEU A 714 1.80 -6.18 -14.93
CA LEU A 714 2.77 -6.29 -16.01
C LEU A 714 2.41 -5.37 -17.16
N THR A 715 1.18 -4.86 -17.20
CA THR A 715 0.83 -3.77 -18.11
C THR A 715 0.84 -2.43 -17.42
N ASP A 716 1.29 -2.36 -16.16
CA ASP A 716 1.57 -1.07 -15.56
C ASP A 716 3.02 -0.65 -15.77
N GLN A 717 3.96 -1.61 -15.69
CA GLN A 717 5.35 -1.23 -15.81
C GLN A 717 5.75 -0.92 -17.26
N ILE A 718 5.03 -1.45 -18.25
CA ILE A 718 5.26 -0.99 -19.61
C ILE A 718 4.91 0.49 -19.75
N LYS A 719 3.80 0.91 -19.15
CA LYS A 719 3.44 2.34 -19.18
C LYS A 719 4.40 3.19 -18.38
N CYS A 720 4.84 2.71 -17.20
CA CYS A 720 5.81 3.45 -16.39
C CYS A 720 7.12 3.67 -17.12
N PHE A 721 7.69 2.62 -17.70
CA PHE A 721 8.92 2.75 -18.47
C PHE A 721 8.72 3.63 -19.70
N GLU A 722 7.60 3.47 -20.39
CA GLU A 722 7.35 4.26 -21.59
C GLU A 722 7.12 5.72 -21.26
N LYS A 723 6.68 6.03 -20.05
CA LYS A 723 6.65 7.43 -19.64
C LYS A 723 8.02 7.89 -19.16
N PHE A 724 8.88 6.95 -18.75
CA PHE A 724 10.21 7.31 -18.31
C PHE A 724 11.12 7.71 -19.47
N ILE A 725 11.03 7.04 -20.61
CA ILE A 725 12.06 7.16 -21.63
C ILE A 725 11.71 8.11 -22.78
N GLU A 726 10.44 8.44 -22.96
CA GLU A 726 10.07 9.23 -24.14
C GLU A 726 10.42 10.71 -24.11
N PRO A 727 10.45 11.43 -22.98
CA PRO A 727 11.13 12.72 -22.95
C PRO A 727 12.64 12.65 -22.98
N LYS A 728 13.25 11.49 -23.18
CA LYS A 728 14.69 11.36 -23.14
C LYS A 728 15.30 11.02 -24.49
N VAL A 729 14.80 10.01 -25.19
CA VAL A 729 15.35 9.70 -26.50
C VAL A 729 14.88 10.72 -27.54
N LYS A 730 13.78 11.43 -27.27
CA LYS A 730 13.35 12.52 -28.14
C LYS A 730 14.38 13.64 -28.18
N PHE A 731 15.03 13.88 -27.04
CA PHE A 731 16.08 14.86 -26.92
C PHE A 731 17.46 14.27 -27.17
N GLY A 732 17.59 12.95 -27.11
CA GLY A 732 18.83 12.28 -27.44
C GLY A 732 19.89 12.29 -26.37
N CYS A 733 19.66 11.63 -25.24
CA CYS A 733 20.68 11.53 -24.21
C CYS A 733 20.86 10.15 -23.59
N ALA A 734 20.00 9.20 -23.87
CA ALA A 734 20.06 7.92 -23.19
C ALA A 734 21.19 7.08 -23.73
N VAL A 735 21.85 6.34 -22.85
CA VAL A 735 22.95 5.47 -23.24
C VAL A 735 22.62 4.05 -22.81
N VAL A 736 23.57 3.14 -22.98
CA VAL A 736 23.43 1.73 -22.63
C VAL A 736 24.50 1.61 -21.57
N ASN A 737 24.88 0.38 -21.18
CA ASN A 737 25.69 -0.04 -20.04
C ASN A 737 26.92 0.81 -19.73
N PRO A 738 26.92 1.57 -18.64
CA PRO A 738 28.15 2.22 -18.19
C PRO A 738 29.02 1.28 -17.37
N SER A 739 30.08 1.83 -16.78
CA SER A 739 31.02 1.00 -16.04
C SER A 739 30.57 0.70 -14.62
N LEU A 740 29.74 1.59 -14.04
CA LEU A 740 29.30 1.65 -12.63
C LEU A 740 30.42 1.97 -11.65
N ASN A 741 31.64 2.25 -12.13
CA ASN A 741 32.71 2.69 -11.25
C ASN A 741 33.62 3.63 -12.03
N GLY A 742 33.35 4.92 -11.93
CA GLY A 742 34.31 5.85 -12.49
C GLY A 742 34.13 6.13 -13.96
N LYS A 743 34.88 5.39 -14.77
CA LYS A 743 35.23 5.80 -16.12
C LYS A 743 34.07 5.70 -17.10
N LEU A 744 34.17 6.51 -18.16
CA LEU A 744 33.34 6.42 -19.35
C LEU A 744 34.24 6.45 -20.56
N THR A 745 33.90 5.65 -21.58
CA THR A 745 34.65 5.65 -22.81
C THR A 745 34.34 6.89 -23.63
N VAL A 746 35.05 7.04 -24.76
CA VAL A 746 35.05 8.30 -25.49
C VAL A 746 33.74 8.50 -26.25
N ASP A 747 33.27 7.46 -26.93
CA ASP A 747 32.01 7.55 -27.65
C ASP A 747 30.82 7.74 -26.71
N GLN A 748 30.88 7.12 -25.53
CA GLN A 748 29.88 7.37 -24.51
C GLN A 748 30.02 8.77 -23.93
N GLU A 749 31.24 9.30 -23.90
CA GLU A 749 31.46 10.64 -23.40
C GLU A 749 30.88 11.68 -24.33
N ASP A 750 30.92 11.42 -25.64
CA ASP A 750 30.56 12.43 -26.62
C ASP A 750 29.07 12.72 -26.62
N ILE A 751 28.23 11.68 -26.45
CA ILE A 751 26.80 11.90 -26.42
C ILE A 751 26.38 12.63 -25.15
N MET A 752 27.07 12.37 -24.03
CA MET A 752 26.82 13.08 -22.78
C MET A 752 27.17 14.56 -22.92
N ILE A 753 28.35 14.85 -23.43
CA ILE A 753 28.78 16.24 -23.51
C ILE A 753 28.02 16.99 -24.61
N ASN A 754 27.57 16.30 -25.65
CA ASN A 754 26.77 16.95 -26.68
C ASN A 754 25.37 17.25 -26.17
N GLY A 755 24.80 16.35 -25.36
CA GLY A 755 23.58 16.69 -24.66
C GLY A 755 23.76 17.84 -23.69
N LEU A 756 24.96 17.98 -23.13
CA LEU A 756 25.24 19.08 -22.22
C LEU A 756 25.21 20.42 -22.93
N LYS A 757 25.91 20.55 -24.06
CA LYS A 757 25.87 21.86 -24.69
C LYS A 757 24.69 22.03 -25.65
N LYS A 758 23.88 20.99 -25.85
CA LYS A 758 22.61 21.18 -26.53
C LYS A 758 21.50 21.57 -25.55
N PHE A 759 21.62 21.17 -24.29
CA PHE A 759 20.69 21.59 -23.24
C PHE A 759 20.74 23.09 -23.02
N PHE A 760 21.90 23.71 -23.26
CA PHE A 760 22.10 25.11 -22.96
C PHE A 760 22.12 25.99 -24.21
N SER A 761 21.47 25.58 -25.29
CA SER A 761 21.59 26.45 -26.45
C SER A 761 20.61 27.61 -26.38
N LYS A 762 19.37 27.38 -26.84
CA LYS A 762 18.18 28.25 -26.72
C LYS A 762 18.42 29.75 -26.64
N SER A 763 18.93 30.32 -27.72
CA SER A 763 19.11 31.77 -27.83
C SER A 763 17.82 32.51 -27.56
N LEU A 764 17.95 33.76 -27.12
CA LEU A 764 16.85 34.39 -26.39
C LEU A 764 15.72 34.89 -27.29
N ARG A 765 15.97 35.15 -28.58
CA ARG A 765 15.00 35.87 -29.39
C ARG A 765 14.51 35.08 -30.59
N ASP A 766 14.17 33.81 -30.40
CA ASP A 766 13.47 33.05 -31.43
C ASP A 766 12.27 32.34 -30.83
N THR A 767 11.09 32.61 -31.38
CA THR A 767 9.87 32.02 -30.85
C THR A 767 9.72 30.55 -31.23
N GLU A 768 10.50 30.05 -32.17
CA GLU A 768 10.53 28.61 -32.40
C GLU A 768 11.47 27.96 -31.40
N ASP A 769 11.35 26.64 -31.30
CA ASP A 769 12.01 25.80 -30.30
C ASP A 769 11.73 26.30 -28.88
N VAL A 770 10.46 26.24 -28.53
CA VAL A 770 9.99 26.69 -27.22
C VAL A 770 9.39 25.55 -26.41
N GLN A 771 9.17 24.39 -27.01
CA GLN A 771 8.72 23.20 -26.30
C GLN A 771 9.89 22.23 -26.15
N THR A 772 11.06 22.79 -25.85
CA THR A 772 12.33 22.09 -25.84
C THR A 772 13.02 22.32 -24.50
N PRO A 773 13.53 21.28 -23.85
CA PRO A 773 14.11 21.46 -22.51
C PRO A 773 15.38 22.28 -22.53
N GLY A 774 15.66 22.93 -21.40
CA GLY A 774 16.89 23.67 -21.21
C GLY A 774 16.64 25.11 -20.82
N VAL A 775 17.73 25.83 -20.59
CA VAL A 775 17.64 27.21 -20.11
C VAL A 775 18.33 28.13 -21.10
N CYS A 776 17.84 29.36 -21.19
CA CYS A 776 18.54 30.41 -21.92
C CYS A 776 19.65 30.93 -21.02
N LYS A 777 20.90 30.76 -21.45
CA LYS A 777 22.05 30.96 -20.56
C LYS A 777 22.26 32.41 -20.20
N GLU A 778 21.75 33.33 -21.00
CA GLU A 778 21.95 34.74 -20.74
C GLU A 778 20.86 35.33 -19.85
N LEU A 779 19.71 34.68 -19.75
CA LEU A 779 18.61 35.14 -18.92
C LEU A 779 18.73 34.66 -17.48
N LEU A 780 19.21 33.43 -17.32
CA LEU A 780 19.56 32.91 -16.00
C LEU A 780 20.66 33.74 -15.34
N ASN A 781 21.50 34.38 -16.14
CA ASN A 781 22.55 35.23 -15.59
C ASN A 781 21.96 36.44 -14.88
N TYR A 782 20.98 37.10 -15.49
CA TYR A 782 20.28 38.19 -14.78
C TYR A 782 19.52 37.65 -13.59
N CYS A 783 18.94 36.46 -13.75
CA CYS A 783 18.11 35.86 -12.70
C CYS A 783 18.90 35.57 -11.43
N VAL A 784 20.18 35.24 -11.56
CA VAL A 784 20.99 35.03 -10.37
C VAL A 784 21.71 36.31 -9.93
N SER A 785 22.06 37.20 -10.88
CA SER A 785 22.81 38.39 -10.48
C SER A 785 21.94 39.43 -9.82
N LEU A 786 20.67 39.51 -10.19
CA LEU A 786 19.76 40.37 -9.46
C LEU A 786 19.45 39.78 -8.08
N PHE A 787 19.61 38.46 -7.92
CA PHE A 787 19.44 37.80 -6.64
C PHE A 787 20.61 38.05 -5.69
N ASN A 788 21.82 38.23 -6.23
CA ASN A 788 22.96 38.60 -5.38
C ASN A 788 22.71 39.89 -4.64
N ARG A 789 22.27 40.92 -5.35
CA ARG A 789 21.87 42.12 -4.65
C ARG A 789 20.49 41.91 -4.02
N GLY A 790 20.16 42.77 -3.07
CA GLY A 790 18.90 42.64 -2.37
C GLY A 790 17.77 43.38 -3.05
N LYS A 791 17.28 42.88 -4.19
CA LYS A 791 16.12 43.48 -4.82
C LYS A 791 14.96 42.53 -5.02
N LEU A 792 15.17 41.21 -4.99
CA LEU A 792 14.04 40.30 -4.97
C LEU A 792 13.35 40.36 -3.62
N LYS A 793 12.12 39.86 -3.57
CA LYS A 793 11.39 39.85 -2.30
C LYS A 793 11.95 38.83 -1.30
N VAL A 794 12.75 37.87 -1.76
CA VAL A 794 13.58 37.08 -0.85
C VAL A 794 15.04 37.37 -1.16
N SER A 795 15.89 37.10 -0.19
CA SER A 795 17.31 37.40 -0.31
C SER A 795 18.06 36.46 0.62
N GLY A 796 19.27 36.10 0.21
CA GLY A 796 20.01 35.05 0.87
C GLY A 796 20.79 35.44 2.11
N GLU A 797 20.11 35.60 3.24
CA GLU A 797 20.80 35.88 4.49
C GLU A 797 21.06 34.64 5.33
N LEU A 798 20.20 33.62 5.23
CA LEU A 798 20.51 32.21 5.52
C LEU A 798 21.00 32.02 6.96
N LYS A 799 20.06 32.15 7.90
CA LYS A 799 20.38 31.95 9.32
C LYS A 799 20.79 30.50 9.59
N ASN A 800 21.46 30.31 10.74
CA ASN A 800 21.93 29.06 11.37
C ASN A 800 22.48 28.00 10.41
N ASN A 801 23.64 28.31 9.80
CA ASN A 801 24.34 27.67 8.69
C ASN A 801 24.33 26.14 8.65
N PRO A 802 24.26 25.54 7.45
CA PRO A 802 23.89 24.13 7.36
C PRO A 802 25.00 23.15 7.69
N PHE A 803 26.27 23.56 7.63
CA PHE A 803 27.36 22.61 7.75
C PHE A 803 27.55 22.10 9.18
N ARG A 804 26.57 21.35 9.68
CA ARG A 804 26.60 20.81 11.03
C ARG A 804 26.77 19.29 11.01
N VAL A 820 17.88 -7.01 9.20
CA VAL A 820 16.78 -6.57 8.35
C VAL A 820 17.12 -6.95 6.89
N VAL A 821 16.08 -7.14 6.09
CA VAL A 821 16.21 -7.56 4.69
C VAL A 821 16.09 -6.32 3.82
N ILE A 822 16.93 -6.22 2.79
CA ILE A 822 16.84 -5.12 1.85
C ILE A 822 17.09 -5.67 0.44
N PRO A 823 16.20 -5.42 -0.50
CA PRO A 823 16.12 -6.27 -1.70
C PRO A 823 17.12 -5.85 -2.78
N LYS A 824 17.06 -6.57 -3.90
CA LYS A 824 17.76 -6.18 -5.11
C LYS A 824 17.02 -5.03 -5.78
N LEU A 825 17.60 -4.53 -6.88
CA LEU A 825 17.14 -3.28 -7.47
C LEU A 825 16.67 -3.43 -8.91
N ASP A 826 16.21 -4.60 -9.31
CA ASP A 826 15.68 -4.77 -10.65
C ASP A 826 14.22 -5.23 -10.66
N GLU A 827 13.61 -5.36 -9.49
CA GLU A 827 12.21 -5.80 -9.40
C GLU A 827 11.61 -5.23 -8.11
N LEU A 828 10.96 -4.09 -8.25
CA LEU A 828 10.49 -3.36 -7.09
C LEU A 828 8.97 -3.26 -7.11
N GLY A 829 8.38 -3.37 -5.92
CA GLY A 829 6.95 -3.54 -5.77
C GLY A 829 6.55 -4.96 -5.42
N ASN A 830 7.45 -5.93 -5.57
CA ASN A 830 7.16 -7.33 -5.32
C ASN A 830 7.44 -7.68 -3.86
N ILE A 831 7.10 -8.92 -3.49
CA ILE A 831 7.10 -9.32 -2.10
C ILE A 831 8.07 -10.45 -1.78
N LEU A 832 8.55 -11.20 -2.77
CA LEU A 832 9.74 -12.04 -2.62
C LEU A 832 10.61 -11.81 -3.84
N SER A 833 11.58 -10.91 -3.70
CA SER A 833 12.56 -10.72 -4.75
C SER A 833 13.46 -11.94 -4.85
N THR A 834 14.10 -12.09 -6.01
CA THR A 834 14.66 -13.38 -6.40
C THR A 834 15.88 -13.76 -5.55
N TYR A 835 16.42 -12.85 -4.76
CA TYR A 835 17.52 -13.23 -3.89
C TYR A 835 17.02 -13.99 -2.67
N ASP A 836 15.90 -13.59 -2.09
CA ASP A 836 15.45 -14.25 -0.86
C ASP A 836 14.88 -15.63 -1.13
N LYS A 837 14.28 -15.83 -2.31
CA LYS A 837 13.61 -17.08 -2.65
C LYS A 837 14.59 -18.24 -2.77
N GLU A 838 15.88 -17.96 -2.89
CA GLU A 838 16.89 -19.00 -2.73
C GLU A 838 17.57 -18.99 -1.37
N LYS A 839 17.62 -17.83 -0.69
CA LYS A 839 18.33 -17.78 0.59
C LYS A 839 17.59 -18.55 1.67
N LEU A 840 16.26 -18.44 1.71
CA LEU A 840 15.58 -19.25 2.72
C LEU A 840 15.54 -20.73 2.31
N VAL A 841 15.73 -21.04 1.02
CA VAL A 841 15.95 -22.42 0.59
C VAL A 841 17.23 -22.97 1.20
N SER A 842 18.32 -22.22 1.07
CA SER A 842 19.58 -22.70 1.62
C SER A 842 19.56 -22.76 3.15
N ALA A 843 18.84 -21.85 3.78
CA ALA A 843 18.67 -21.92 5.24
C ALA A 843 17.89 -23.15 5.66
N CYS A 844 16.83 -23.49 4.92
CA CYS A 844 16.06 -24.68 5.26
C CYS A 844 16.86 -25.96 5.04
N VAL A 845 17.65 -26.02 3.95
CA VAL A 845 18.45 -27.21 3.67
C VAL A 845 19.56 -27.38 4.71
N SER A 846 20.17 -26.27 5.14
CA SER A 846 21.18 -26.37 6.19
C SER A 846 20.55 -26.72 7.53
N SER A 847 19.31 -26.31 7.78
CA SER A 847 18.66 -26.66 9.04
C SER A 847 18.23 -28.12 9.05
N MET A 848 17.85 -28.68 7.90
CA MET A 848 17.43 -30.07 7.89
C MET A 848 18.59 -31.03 7.73
N ALA A 849 19.69 -30.60 7.09
CA ALA A 849 20.83 -31.47 6.91
C ALA A 849 21.53 -31.79 8.22
N GLU A 850 21.36 -30.94 9.22
CA GLU A 850 21.97 -31.16 10.52
C GLU A 850 21.06 -31.95 11.45
N ARG A 851 19.73 -31.94 11.21
CA ARG A 851 18.84 -32.48 12.22
C ARG A 851 18.77 -34.01 12.20
N PHE A 852 18.98 -34.65 11.05
CA PHE A 852 19.00 -36.10 11.01
C PHE A 852 20.40 -36.66 10.83
N LYS A 853 21.42 -35.84 11.03
CA LYS A 853 22.77 -36.34 11.23
C LYS A 853 23.23 -36.24 12.68
N THR A 854 22.37 -35.73 13.57
CA THR A 854 22.69 -35.82 14.98
C THR A 854 22.31 -37.18 15.56
N LYS A 855 21.29 -37.82 15.00
CA LYS A 855 20.86 -39.13 15.49
C LYS A 855 20.82 -40.19 14.40
N GLY A 856 20.45 -39.85 13.17
CA GLY A 856 20.47 -40.83 12.11
C GLY A 856 19.10 -41.35 11.74
N ARG A 857 18.13 -40.45 11.63
CA ARG A 857 16.77 -40.84 11.26
C ARG A 857 16.69 -41.24 9.79
N TYR A 858 17.22 -40.39 8.90
CA TYR A 858 17.25 -40.58 7.44
C TYR A 858 15.86 -40.80 6.86
N ASN A 859 14.89 -40.07 7.40
CA ASN A 859 13.55 -40.00 6.84
C ASN A 859 12.95 -38.65 7.16
N LEU A 860 12.28 -38.06 6.17
CA LEU A 860 11.75 -36.71 6.27
C LEU A 860 10.23 -36.76 6.28
N ASP A 861 9.62 -35.93 7.12
CA ASP A 861 8.19 -35.97 7.35
C ASP A 861 7.52 -34.91 6.49
N PRO A 862 6.50 -35.27 5.66
CA PRO A 862 5.90 -34.28 4.74
C PRO A 862 5.14 -33.11 5.35
N GLU A 863 5.11 -32.98 6.67
CA GLU A 863 4.77 -31.71 7.30
C GLU A 863 5.95 -31.04 7.97
N SER A 864 6.89 -31.80 8.51
CA SER A 864 8.10 -31.23 9.09
C SER A 864 9.09 -30.77 8.02
N THR A 865 8.84 -31.05 6.75
CA THR A 865 9.53 -30.37 5.67
C THR A 865 8.75 -29.17 5.14
N ASP A 866 7.51 -28.99 5.57
CA ASP A 866 6.76 -27.75 5.35
C ASP A 866 6.61 -26.96 6.63
N TYR A 867 7.23 -27.41 7.71
CA TYR A 867 7.13 -26.72 8.98
C TYR A 867 8.13 -25.58 9.06
N LEU A 868 9.23 -25.68 8.31
CA LEU A 868 10.31 -24.72 8.45
C LEU A 868 10.07 -23.47 7.61
N ILE A 869 9.75 -23.67 6.32
CA ILE A 869 9.58 -22.57 5.38
C ILE A 869 8.40 -21.72 5.78
N LEU A 870 7.30 -22.37 6.12
CA LEU A 870 6.09 -21.71 6.56
C LEU A 870 6.24 -21.12 7.96
N LYS A 871 7.30 -21.45 8.69
CA LYS A 871 7.61 -20.74 9.93
C LYS A 871 8.42 -19.48 9.66
N ASN A 872 9.57 -19.61 9.00
CA ASN A 872 10.39 -18.41 8.82
C ASN A 872 9.91 -17.50 7.70
N LEU A 873 8.80 -17.83 7.04
CA LEU A 873 8.18 -16.86 6.15
C LEU A 873 7.27 -15.92 6.94
N THR A 874 6.48 -16.47 7.86
CA THR A 874 5.60 -15.67 8.70
C THR A 874 5.40 -16.33 10.05
N SER A 886 1.61 -31.76 15.10
CA SER A 886 1.16 -30.38 15.27
C SER A 886 0.44 -29.91 14.01
N GLN A 887 -0.52 -30.72 13.56
CA GLN A 887 -1.25 -30.42 12.32
C GLN A 887 -2.17 -29.21 12.45
N GLU A 888 -2.54 -28.84 13.67
CA GLU A 888 -3.44 -27.71 13.84
C GLU A 888 -2.72 -26.40 13.62
N GLU A 889 -1.44 -26.32 13.98
CA GLU A 889 -0.74 -25.05 13.87
C GLU A 889 -0.42 -24.71 12.42
N LEU A 890 -0.25 -25.74 11.57
CA LEU A 890 -0.02 -25.51 10.15
C LEU A 890 -1.22 -24.83 9.52
N SER A 891 -2.39 -25.46 9.62
CA SER A 891 -3.61 -24.87 9.08
C SER A 891 -4.07 -23.64 9.86
N LEU A 892 -3.51 -23.40 11.04
CA LEU A 892 -3.60 -22.05 11.61
C LEU A 892 -2.84 -21.05 10.75
N MET A 893 -1.59 -21.38 10.39
CA MET A 893 -0.77 -20.38 9.70
C MET A 893 -0.34 -20.80 8.29
N TYR A 894 -1.04 -21.74 7.66
CA TYR A 894 -0.93 -21.91 6.21
C TYR A 894 -1.86 -20.96 5.48
N GLU A 895 -3.12 -20.93 5.88
CA GLU A 895 -4.20 -20.27 5.16
C GLU A 895 -4.26 -18.79 5.43
N THR A 896 -3.22 -18.19 5.99
CA THR A 896 -3.22 -16.76 6.23
C THR A 896 -2.16 -16.17 5.33
N LEU A 897 -2.20 -16.55 4.07
CA LEU A 897 -1.34 -16.02 3.03
C LEU A 897 -2.21 -15.32 1.98
N THR A 898 -1.57 -14.94 0.89
CA THR A 898 -2.21 -14.37 -0.29
C THR A 898 -1.71 -15.22 -1.46
N GLU A 899 -2.43 -15.21 -2.59
CA GLU A 899 -2.06 -16.09 -3.70
C GLU A 899 -0.71 -15.73 -4.29
N GLU A 900 -0.35 -14.45 -4.21
CA GLU A 900 0.99 -13.99 -4.59
C GLU A 900 2.08 -14.70 -3.79
N GLN A 901 1.78 -15.13 -2.57
CA GLN A 901 2.73 -15.88 -1.78
C GLN A 901 2.54 -17.38 -1.87
N VAL A 902 1.36 -17.86 -2.24
CA VAL A 902 1.17 -19.30 -2.40
C VAL A 902 1.95 -19.80 -3.61
N GLU A 903 1.98 -18.99 -4.68
CA GLU A 903 2.75 -19.36 -5.86
C GLU A 903 4.26 -19.32 -5.61
N SER A 904 4.72 -18.66 -4.53
CA SER A 904 6.13 -18.68 -4.14
C SER A 904 6.44 -19.83 -3.20
N PHE A 905 5.51 -20.11 -2.28
CA PHE A 905 5.66 -21.23 -1.36
C PHE A 905 5.72 -22.55 -2.10
N ASN A 906 5.01 -22.65 -3.24
CA ASN A 906 5.12 -23.88 -4.04
C ASN A 906 6.50 -24.04 -4.65
N GLU A 907 7.11 -22.96 -5.16
CA GLU A 907 8.46 -23.06 -5.71
C GLU A 907 9.49 -23.40 -4.66
N ILE A 908 9.30 -22.89 -3.43
CA ILE A 908 10.26 -23.19 -2.39
C ILE A 908 10.16 -24.64 -1.95
N LYS A 909 8.93 -25.15 -1.77
CA LYS A 909 8.75 -26.58 -1.50
C LYS A 909 9.32 -27.44 -2.62
N TYR A 910 9.18 -26.97 -3.86
CA TYR A 910 9.61 -27.72 -5.03
C TYR A 910 11.14 -27.88 -5.06
N ASP A 911 11.87 -26.77 -5.05
CA ASP A 911 13.32 -26.92 -5.17
C ASP A 911 13.96 -27.44 -3.89
N VAL A 912 13.32 -27.27 -2.72
CA VAL A 912 13.89 -27.89 -1.52
C VAL A 912 13.73 -29.42 -1.57
N GLN A 913 12.55 -29.92 -1.98
CA GLN A 913 12.41 -31.37 -2.05
C GLN A 913 13.25 -31.97 -3.17
N VAL A 914 13.44 -31.26 -4.28
CA VAL A 914 14.33 -31.77 -5.32
C VAL A 914 15.77 -31.80 -4.82
N ALA A 915 16.22 -30.76 -4.10
CA ALA A 915 17.59 -30.73 -3.57
C ALA A 915 17.80 -31.82 -2.53
N LEU A 916 16.81 -32.06 -1.69
CA LEU A 916 16.90 -33.16 -0.73
C LEU A 916 16.91 -34.51 -1.41
N ALA A 917 16.20 -34.64 -2.54
CA ALA A 917 16.26 -35.89 -3.28
C ALA A 917 17.63 -36.10 -3.91
N LYS A 918 18.22 -35.02 -4.42
CA LYS A 918 19.58 -35.09 -4.95
C LYS A 918 20.60 -35.37 -3.86
N MET A 919 20.27 -35.06 -2.60
CA MET A 919 21.25 -35.13 -1.52
C MET A 919 21.69 -36.56 -1.22
N ALA A 920 20.85 -37.55 -1.47
CA ALA A 920 21.25 -38.94 -1.24
C ALA A 920 21.25 -39.78 -2.51
N ASP A 921 21.11 -39.17 -3.68
CA ASP A 921 21.11 -39.92 -4.93
C ASP A 921 22.54 -40.22 -5.36
N ASN A 922 22.75 -41.43 -5.88
CA ASN A 922 24.07 -41.87 -6.33
C ASN A 922 23.96 -42.56 -7.69
N SER A 950 13.70 -47.06 -21.94
CA SER A 950 12.88 -46.21 -21.07
C SER A 950 12.46 -44.80 -21.56
N PRO A 951 13.24 -44.06 -22.40
CA PRO A 951 12.69 -42.80 -22.93
C PRO A 951 11.88 -42.97 -24.20
N PHE A 952 11.46 -44.19 -24.53
CA PHE A 952 10.83 -44.47 -25.83
C PHE A 952 9.32 -44.26 -25.78
N GLY A 953 8.89 -43.08 -25.32
CA GLY A 953 7.51 -42.69 -25.46
C GLY A 953 7.32 -41.71 -26.60
N VAL A 954 7.63 -42.15 -27.81
CA VAL A 954 7.50 -41.26 -28.95
C VAL A 954 6.11 -41.16 -29.58
N MET A 955 5.10 -40.81 -28.78
CA MET A 955 3.76 -40.59 -29.33
C MET A 955 3.86 -39.33 -30.19
N LYS A 956 4.54 -38.33 -29.63
CA LYS A 956 4.86 -37.09 -30.30
C LYS A 956 6.37 -37.12 -30.18
N GLU A 957 7.06 -37.04 -31.32
CA GLU A 957 8.52 -37.14 -31.30
C GLU A 957 9.24 -35.97 -30.63
N ILE A 958 10.27 -36.30 -29.86
CA ILE A 958 11.10 -35.29 -29.22
C ILE A 958 11.69 -34.63 -30.45
N ARG A 959 12.02 -35.50 -31.40
CA ARG A 959 12.53 -35.11 -32.72
C ARG A 959 12.33 -33.63 -33.03
N ALA A 960 11.20 -33.06 -32.64
CA ALA A 960 10.98 -31.64 -32.83
C ALA A 960 10.25 -30.94 -31.69
N GLU A 961 9.99 -31.62 -30.57
CA GLU A 961 9.26 -30.92 -29.51
C GLU A 961 9.91 -30.74 -28.13
N VAL A 962 9.99 -31.84 -27.37
CA VAL A 962 10.50 -31.77 -26.01
C VAL A 962 11.94 -31.32 -25.84
N SER A 963 12.85 -31.84 -26.67
CA SER A 963 14.24 -31.45 -26.53
C SER A 963 14.39 -29.96 -26.78
N LEU A 964 13.73 -29.47 -27.82
CA LEU A 964 13.82 -28.06 -28.16
C LEU A 964 13.25 -27.21 -27.05
N HIS A 965 12.11 -27.64 -26.49
CA HIS A 965 11.52 -26.86 -25.42
C HIS A 965 12.46 -26.77 -24.23
N GLU A 966 13.06 -27.91 -23.88
CA GLU A 966 13.96 -27.93 -22.75
C GLU A 966 15.16 -27.03 -22.98
N VAL A 967 15.74 -27.09 -24.18
CA VAL A 967 16.91 -26.25 -24.44
C VAL A 967 16.54 -24.77 -24.39
N LYS A 968 15.45 -24.42 -25.06
CA LYS A 968 14.99 -23.03 -25.10
C LYS A 968 14.60 -22.53 -23.73
N ASP A 969 13.89 -23.39 -22.99
CA ASP A 969 13.42 -23.05 -21.65
C ASP A 969 14.35 -23.53 -20.56
N PHE A 970 15.47 -24.12 -20.94
CA PHE A 970 16.47 -24.61 -19.99
C PHE A 970 15.88 -25.64 -19.02
N ASP A 971 15.90 -25.32 -17.74
CA ASP A 971 15.42 -26.21 -16.69
C ASP A 971 13.93 -26.56 -16.84
N PRO A 972 13.58 -27.76 -16.38
CA PRO A 972 12.23 -28.39 -16.40
C PRO A 972 11.22 -27.56 -15.64
N ASP A 973 11.64 -26.93 -14.56
CA ASP A 973 10.77 -26.12 -13.72
C ASP A 973 10.11 -24.98 -14.48
N VAL A 974 10.85 -24.35 -15.38
CA VAL A 974 10.31 -23.23 -16.16
C VAL A 974 9.65 -23.62 -17.49
N LEU A 975 9.54 -24.93 -17.75
CA LEU A 975 8.92 -25.39 -19.00
C LEU A 975 7.46 -24.95 -19.10
N PRO A 976 7.04 -24.54 -20.31
CA PRO A 976 5.68 -24.06 -20.56
C PRO A 976 4.74 -25.22 -20.81
N SER A 977 3.46 -24.95 -20.59
CA SER A 977 2.41 -25.91 -20.89
C SER A 977 1.69 -25.61 -22.19
N ASP A 978 2.03 -24.50 -22.85
CA ASP A 978 1.41 -24.09 -24.09
C ASP A 978 2.15 -24.60 -25.32
N VAL A 979 2.92 -25.67 -25.18
CA VAL A 979 3.64 -26.23 -26.32
C VAL A 979 2.87 -27.39 -26.96
N TYR A 980 2.02 -28.07 -26.20
CA TYR A 980 1.35 -29.30 -26.64
C TYR A 980 -0.16 -29.13 -26.62
N LYS A 981 -0.82 -30.25 -26.85
CA LYS A 981 -2.26 -30.41 -26.66
C LYS A 981 -2.52 -30.81 -25.21
N GLU A 982 -3.73 -31.26 -24.90
CA GLU A 982 -4.10 -31.67 -23.56
C GLU A 982 -3.94 -33.16 -23.33
N LEU A 983 -4.53 -33.99 -24.20
CA LEU A 983 -4.60 -35.45 -23.97
C LEU A 983 -3.24 -36.11 -24.05
N CYS A 984 -2.25 -35.46 -24.66
CA CYS A 984 -0.90 -36.01 -24.67
C CYS A 984 -0.29 -36.00 -23.27
N ASP A 985 -0.65 -35.01 -22.45
CA ASP A 985 -0.28 -35.03 -21.04
C ASP A 985 -0.94 -36.20 -20.31
N ALA A 986 -2.08 -36.65 -20.79
CA ALA A 986 -2.69 -37.84 -20.20
C ALA A 986 -2.00 -39.11 -20.65
N VAL A 987 -1.65 -39.20 -21.94
CA VAL A 987 -1.21 -40.50 -22.43
C VAL A 987 0.28 -40.72 -22.18
N TYR A 988 1.12 -39.67 -22.20
CA TYR A 988 2.54 -39.90 -21.95
C TYR A 988 2.81 -40.09 -20.47
N LYS A 989 1.97 -39.53 -19.59
CA LYS A 989 2.04 -39.84 -18.18
C LYS A 989 1.70 -41.29 -17.92
N SER A 990 0.80 -41.87 -18.72
CA SER A 990 0.14 -43.12 -18.35
C SER A 990 0.93 -44.34 -18.80
N SER A 991 2.25 -44.25 -18.88
CA SER A 991 3.07 -45.44 -19.03
C SER A 991 2.91 -46.34 -17.81
N GLU A 992 3.22 -47.61 -17.99
CA GLU A 992 2.97 -48.62 -16.98
C GLU A 992 3.93 -48.46 -15.79
N LYS A 993 3.64 -49.19 -14.72
CA LYS A 993 4.48 -49.18 -13.54
C LYS A 993 5.82 -49.86 -13.83
N CYS A 994 6.89 -49.24 -13.39
CA CYS A 994 8.26 -49.63 -13.67
C CYS A 994 9.07 -49.27 -12.44
N ASN A 995 10.39 -49.14 -12.61
CA ASN A 995 11.23 -48.66 -11.53
C ASN A 995 11.04 -47.16 -11.22
N PHE A 996 10.26 -46.44 -12.02
CA PHE A 996 9.98 -45.04 -11.71
C PHE A 996 9.05 -44.89 -10.52
N PHE A 997 8.17 -45.85 -10.28
CA PHE A 997 7.07 -45.65 -9.35
C PHE A 997 7.17 -46.61 -8.16
N LEU A 998 6.14 -46.58 -7.34
CA LEU A 998 5.89 -47.50 -6.24
C LEU A 998 4.39 -47.45 -5.92
N GLU A 999 3.99 -48.22 -4.92
CA GLU A 999 2.69 -48.09 -4.28
C GLU A 999 2.90 -47.92 -2.79
N GLU A 1000 1.80 -47.75 -2.05
CA GLU A 1000 1.82 -47.37 -0.63
C GLU A 1000 2.58 -46.07 -0.43
N VAL A 1001 1.95 -44.93 -0.71
CA VAL A 1001 2.59 -43.61 -0.82
C VAL A 1001 3.41 -43.16 0.40
N LEU A 1002 3.35 -43.88 1.53
CA LEU A 1002 4.41 -43.93 2.54
C LEU A 1002 4.67 -42.58 3.20
N ASP A 1003 3.71 -42.20 4.06
CA ASP A 1003 3.73 -40.93 4.79
C ASP A 1003 4.94 -40.72 5.70
N VAL A 1004 5.78 -41.72 5.93
CA VAL A 1004 7.04 -41.52 6.65
C VAL A 1004 8.19 -41.24 5.67
N CYS A 1005 8.26 -41.98 4.55
CA CYS A 1005 9.10 -41.72 3.38
C CYS A 1005 10.60 -41.59 3.67
N PRO A 1006 11.33 -42.70 3.79
CA PRO A 1006 12.78 -42.61 3.96
C PRO A 1006 13.46 -41.97 2.75
N LEU A 1007 14.58 -41.31 3.03
CA LEU A 1007 15.25 -40.48 2.04
C LEU A 1007 15.94 -41.34 0.99
N GLY A 1008 15.95 -40.84 -0.25
CA GLY A 1008 16.41 -41.60 -1.38
C GLY A 1008 15.29 -42.18 -2.20
N LEU A 1009 14.04 -41.89 -1.85
CA LEU A 1009 12.89 -42.37 -2.58
C LEU A 1009 12.01 -41.25 -3.09
N LEU A 1010 12.30 -39.99 -2.77
CA LEU A 1010 11.45 -38.88 -3.18
C LEU A 1010 11.50 -38.62 -4.68
N LEU A 1011 12.46 -39.20 -5.40
CA LEU A 1011 12.39 -39.22 -6.86
C LEU A 1011 11.52 -40.34 -7.39
N LYS A 1012 11.01 -41.21 -6.53
CA LYS A 1012 10.06 -42.22 -6.96
C LYS A 1012 8.83 -42.32 -6.09
N ASN A 1013 8.88 -41.88 -4.83
CA ASN A 1013 7.68 -41.87 -4.00
C ASN A 1013 6.78 -40.72 -4.39
N LEU A 1014 7.34 -39.52 -4.48
CA LEU A 1014 6.59 -38.29 -4.67
C LEU A 1014 5.89 -38.23 -6.01
N THR A 1015 6.35 -39.01 -6.99
CA THR A 1015 5.68 -39.00 -8.29
C THR A 1015 4.37 -39.78 -8.22
N THR A 1016 4.33 -40.84 -7.39
CA THR A 1016 3.14 -41.67 -7.32
C THR A 1016 1.98 -40.95 -6.64
N SER A 1017 2.29 -39.99 -5.76
CA SER A 1017 1.25 -39.21 -5.11
C SER A 1017 0.53 -38.28 -6.08
N SER A 1018 1.12 -38.01 -7.24
CA SER A 1018 0.43 -37.34 -8.32
C SER A 1018 0.09 -38.28 -9.46
N TYR A 1019 0.53 -39.53 -9.41
CA TYR A 1019 -0.03 -40.59 -10.26
C TYR A 1019 -1.40 -41.02 -9.79
N MET A 1020 -1.66 -40.94 -8.48
CA MET A 1020 -2.95 -41.33 -7.94
C MET A 1020 -3.93 -40.16 -7.86
N GLU A 1021 -3.45 -38.97 -7.49
CA GLU A 1021 -4.25 -37.78 -7.71
C GLU A 1021 -4.25 -37.50 -9.21
N GLU A 1022 -5.33 -36.88 -9.70
CA GLU A 1022 -5.62 -36.86 -11.13
C GLU A 1022 -4.68 -35.98 -11.94
N GLU A 1023 -3.87 -35.12 -11.30
CA GLU A 1023 -3.07 -34.18 -12.09
C GLU A 1023 -1.96 -34.91 -12.83
N TYR A 1024 -1.60 -34.36 -13.97
CA TYR A 1024 -0.73 -35.03 -14.93
C TYR A 1024 0.53 -34.25 -15.24
N PHE A 1025 0.42 -32.91 -15.33
CA PHE A 1025 1.50 -32.07 -15.83
C PHE A 1025 2.68 -32.06 -14.86
N MET A 1026 2.39 -31.97 -13.58
CA MET A 1026 3.44 -31.94 -12.57
C MET A 1026 4.08 -33.31 -12.46
N CYS A 1027 3.31 -34.36 -12.74
CA CYS A 1027 3.86 -35.70 -12.88
C CYS A 1027 4.75 -35.81 -14.11
N PHE A 1028 4.42 -35.09 -15.19
CA PHE A 1028 5.30 -35.07 -16.35
C PHE A 1028 6.63 -34.40 -16.03
N LYS A 1029 6.59 -33.31 -15.25
CA LYS A 1029 7.84 -32.65 -14.87
C LYS A 1029 8.68 -33.52 -13.93
N TYR A 1030 8.03 -34.28 -13.04
CA TYR A 1030 8.78 -35.19 -12.19
C TYR A 1030 9.36 -36.37 -12.96
N LEU A 1031 8.61 -36.90 -13.93
CA LEU A 1031 9.15 -37.98 -14.76
C LEU A 1031 10.30 -37.50 -15.62
N LEU A 1032 10.26 -36.24 -16.06
CA LEU A 1032 11.35 -35.74 -16.88
C LEU A 1032 12.57 -35.43 -16.01
N ILE A 1033 12.36 -34.90 -14.81
CA ILE A 1033 13.51 -34.61 -13.94
C ILE A 1033 14.06 -35.87 -13.29
N GLN A 1034 13.33 -36.99 -13.37
CA GLN A 1034 13.95 -38.27 -13.05
C GLN A 1034 14.94 -38.68 -14.13
N GLY A 1035 14.47 -38.83 -15.35
CA GLY A 1035 15.24 -39.54 -16.36
C GLY A 1035 16.38 -38.79 -17.01
N HIS A 1036 17.21 -38.11 -16.20
CA HIS A 1036 18.51 -37.56 -16.60
C HIS A 1036 18.36 -36.53 -17.73
N PHE A 1037 17.29 -35.75 -17.69
CA PHE A 1037 16.99 -34.88 -18.82
C PHE A 1037 17.08 -33.40 -18.50
N ASP A 1038 18.15 -32.99 -17.82
CA ASP A 1038 18.50 -31.59 -17.77
C ASP A 1038 19.87 -31.28 -18.39
N GLN A 1039 20.73 -32.27 -18.56
CA GLN A 1039 22.05 -32.08 -19.17
C GLN A 1039 21.98 -31.65 -20.63
N ALA A 1078 62.95 -9.03 -5.07
CA ALA A 1078 61.74 -9.60 -4.51
C ALA A 1078 60.51 -8.84 -5.01
N ASP A 1079 59.89 -9.37 -6.07
CA ASP A 1079 58.69 -8.73 -6.61
C ASP A 1079 57.46 -9.05 -5.76
N LYS A 1080 57.33 -10.31 -5.31
CA LYS A 1080 56.11 -10.72 -4.63
C LYS A 1080 55.99 -10.13 -3.23
N LEU A 1081 57.10 -9.74 -2.59
CA LEU A 1081 56.99 -9.11 -1.28
C LEU A 1081 56.61 -7.64 -1.43
N ASP A 1082 57.01 -7.01 -2.53
CA ASP A 1082 56.51 -5.68 -2.85
C ASP A 1082 55.07 -5.71 -3.33
N LYS A 1083 54.61 -6.85 -3.84
CA LYS A 1083 53.20 -7.06 -4.10
C LYS A 1083 52.44 -7.49 -2.85
N SER A 1084 53.16 -7.90 -1.81
CA SER A 1084 52.53 -8.38 -0.58
C SER A 1084 51.95 -7.24 0.25
N TYR A 1085 52.43 -6.03 0.05
CA TYR A 1085 51.73 -4.87 0.58
C TYR A 1085 50.43 -4.70 -0.19
N PHE A 1086 49.42 -4.13 0.47
CA PHE A 1086 48.04 -4.21 -0.01
C PHE A 1086 47.86 -3.38 -1.28
N THR A 1087 47.68 -4.10 -2.39
CA THR A 1087 47.53 -3.55 -3.73
C THR A 1087 46.11 -3.89 -4.20
N ASN A 1088 45.70 -3.31 -5.33
CA ASN A 1088 44.43 -3.70 -5.94
C ASN A 1088 44.48 -5.07 -6.61
N ALA A 1089 45.65 -5.71 -6.65
CA ALA A 1089 45.69 -7.14 -6.93
C ALA A 1089 45.58 -7.94 -5.65
N ALA A 1090 45.89 -7.33 -4.51
CA ALA A 1090 45.87 -7.99 -3.20
C ALA A 1090 44.58 -7.75 -2.45
N LEU A 1091 43.46 -7.65 -3.18
CA LEU A 1091 42.18 -7.31 -2.55
C LEU A 1091 41.60 -8.51 -1.80
N ARG A 1092 41.59 -9.68 -2.44
CA ARG A 1092 40.89 -10.85 -1.95
C ARG A 1092 41.63 -11.62 -0.87
N ASN A 1093 42.70 -11.06 -0.30
CA ASN A 1093 43.43 -11.77 0.74
C ASN A 1093 42.69 -11.80 2.06
N LEU A 1094 41.73 -10.91 2.26
CA LEU A 1094 41.10 -10.76 3.56
C LEU A 1094 39.59 -10.66 3.40
N CYS A 1095 38.91 -10.97 4.50
CA CYS A 1095 37.48 -10.68 4.59
C CYS A 1095 37.25 -9.26 5.04
N PHE A 1096 38.04 -8.80 6.01
CA PHE A 1096 37.88 -7.48 6.62
C PHE A 1096 38.62 -6.39 5.88
N TYR A 1097 39.01 -6.61 4.62
CA TYR A 1097 39.79 -5.62 3.90
C TYR A 1097 38.96 -4.41 3.51
N SER A 1098 37.65 -4.61 3.31
CA SER A 1098 36.68 -3.57 2.91
C SER A 1098 37.10 -2.92 1.58
N GLU A 1099 37.06 -3.76 0.55
CA GLU A 1099 37.41 -3.38 -0.82
C GLU A 1099 36.51 -2.28 -1.38
N ASP A 1100 35.29 -2.13 -0.86
CA ASP A 1100 34.29 -1.23 -1.40
C ASP A 1100 34.34 0.15 -0.75
N SER A 1101 35.52 0.59 -0.32
CA SER A 1101 35.47 1.73 0.58
C SER A 1101 35.72 3.05 -0.13
N PRO A 1102 34.99 4.11 0.24
CA PRO A 1102 35.23 5.43 -0.36
C PRO A 1102 36.57 6.03 0.05
N THR A 1103 37.45 6.22 -0.91
CA THR A 1103 38.83 6.59 -0.62
C THR A 1103 39.30 7.83 -1.36
N GLU A 1104 38.87 8.02 -2.60
CA GLU A 1104 39.27 9.19 -3.38
C GLU A 1104 38.19 9.46 -4.41
N PHE A 1105 37.33 10.44 -4.14
CA PHE A 1105 36.27 10.71 -5.09
C PHE A 1105 36.83 11.45 -6.31
N THR A 1106 36.11 11.33 -7.40
CA THR A 1106 36.56 11.77 -8.72
C THR A 1106 35.59 12.88 -9.15
N SER A 1107 35.67 13.28 -10.42
CA SER A 1107 34.78 14.31 -10.92
C SER A 1107 33.32 13.88 -10.90
N ILE A 1108 33.02 12.59 -11.10
CA ILE A 1108 31.64 12.16 -11.27
C ILE A 1108 31.24 11.01 -10.35
N SER A 1109 32.20 10.35 -9.73
CA SER A 1109 31.93 9.08 -9.07
C SER A 1109 32.39 9.15 -7.61
N SER A 1110 32.39 7.99 -6.94
CA SER A 1110 32.86 7.99 -5.56
C SER A 1110 33.70 6.74 -5.26
N ASN A 1111 34.34 6.17 -6.28
CA ASN A 1111 35.34 5.10 -6.21
C ASN A 1111 34.79 3.77 -5.70
N SER A 1112 33.54 3.72 -5.29
CA SER A 1112 32.88 2.56 -4.74
C SER A 1112 31.55 2.28 -5.41
N GLY A 1113 30.81 3.32 -5.77
CA GLY A 1113 29.51 3.16 -6.38
C GLY A 1113 29.18 4.36 -7.25
N ASN A 1114 28.04 4.30 -7.90
CA ASN A 1114 27.70 5.33 -8.86
C ASN A 1114 26.24 5.71 -8.75
N LEU A 1115 25.68 5.61 -7.54
CA LEU A 1115 24.34 6.08 -7.18
C LEU A 1115 23.24 5.39 -8.00
N LYS A 1116 23.09 4.08 -7.77
CA LYS A 1116 22.07 3.33 -8.49
C LYS A 1116 20.67 3.70 -8.01
N PHE A 1117 19.66 3.16 -8.70
CA PHE A 1117 18.24 3.36 -8.37
C PHE A 1117 17.47 2.13 -8.82
N GLY A 1118 16.17 2.29 -9.00
CA GLY A 1118 15.31 1.23 -9.51
C GLY A 1118 13.91 1.78 -9.65
N LEU A 1119 13.11 1.13 -10.47
CA LEU A 1119 11.85 1.73 -10.90
C LEU A 1119 10.64 1.10 -10.23
N SER A 1120 9.59 1.92 -10.10
CA SER A 1120 8.37 1.58 -9.40
C SER A 1120 7.36 2.69 -9.65
N TYR A 1121 6.08 2.35 -9.53
CA TYR A 1121 4.95 3.26 -9.70
C TYR A 1121 4.24 3.45 -8.36
N LYS A 1122 3.30 4.39 -8.31
CA LYS A 1122 2.81 4.89 -7.02
C LYS A 1122 1.31 4.78 -6.80
N GLU A 1123 0.52 4.46 -7.84
CA GLU A 1123 -0.93 4.20 -7.78
C GLU A 1123 -1.72 5.41 -7.31
N GLN A 1124 -1.61 6.50 -8.05
CA GLN A 1124 -2.39 7.70 -7.73
C GLN A 1124 -3.75 7.55 -8.44
N VAL A 1125 -4.54 8.62 -8.54
CA VAL A 1125 -5.90 8.51 -9.05
C VAL A 1125 -5.93 8.44 -10.57
N GLY A 1126 -5.52 9.50 -11.26
CA GLY A 1126 -5.64 9.49 -12.70
C GLY A 1126 -4.50 8.82 -13.40
N SER A 1127 -3.33 9.41 -13.31
CA SER A 1127 -2.15 8.97 -14.04
C SER A 1127 -1.15 8.41 -13.04
N ASN A 1128 -0.57 7.26 -13.36
CA ASN A 1128 0.35 6.64 -12.42
C ASN A 1128 1.65 7.42 -12.36
N ARG A 1129 2.04 7.81 -11.16
CA ARG A 1129 3.26 8.54 -10.89
C ARG A 1129 4.41 7.57 -10.67
N GLU A 1130 5.57 7.86 -11.26
CA GLU A 1130 6.72 7.00 -11.01
C GLU A 1130 7.42 7.44 -9.75
N LEU A 1131 8.25 6.55 -9.21
CA LEU A 1131 8.85 6.78 -7.89
C LEU A 1131 10.13 5.98 -7.84
N TYR A 1132 11.26 6.65 -7.61
CA TYR A 1132 12.56 5.98 -7.69
C TYR A 1132 12.91 5.42 -6.33
N VAL A 1133 12.84 4.10 -6.20
CA VAL A 1133 13.40 3.42 -5.03
C VAL A 1133 14.92 3.51 -5.11
N GLY A 1134 15.53 3.98 -4.04
CA GLY A 1134 16.97 4.12 -4.07
C GLY A 1134 17.67 3.09 -3.22
N ASP A 1135 18.96 2.89 -3.48
CA ASP A 1135 19.80 1.95 -2.77
C ASP A 1135 20.22 2.58 -1.43
N LEU A 1136 21.10 1.92 -0.67
CA LEU A 1136 21.40 2.37 0.69
C LEU A 1136 22.51 3.41 0.76
N ASN A 1137 23.48 3.39 -0.15
CA ASN A 1137 24.42 4.50 -0.20
C ASN A 1137 23.76 5.75 -0.73
N THR A 1138 22.79 5.58 -1.63
CA THR A 1138 22.16 6.73 -2.26
C THR A 1138 21.28 7.50 -1.29
N LYS A 1139 20.71 6.82 -0.29
CA LYS A 1139 19.92 7.56 0.70
C LYS A 1139 20.82 8.40 1.60
N LEU A 1140 21.96 7.85 2.02
CA LEU A 1140 22.87 8.65 2.84
C LEU A 1140 23.60 9.71 2.04
N MET A 1141 23.62 9.62 0.72
CA MET A 1141 24.16 10.72 -0.07
C MET A 1141 23.08 11.63 -0.61
N THR A 1142 21.80 11.30 -0.43
CA THR A 1142 20.71 12.19 -0.78
C THR A 1142 20.22 13.03 0.39
N ARG A 1143 20.21 12.45 1.61
CA ARG A 1143 19.72 13.17 2.79
C ARG A 1143 20.56 14.39 3.10
N LEU A 1144 21.86 14.35 2.76
CA LEU A 1144 22.74 15.49 3.00
C LEU A 1144 22.32 16.70 2.17
N VAL A 1145 22.15 16.49 0.86
CA VAL A 1145 21.73 17.56 -0.04
C VAL A 1145 20.34 18.03 0.29
N GLU A 1146 19.47 17.10 0.65
CA GLU A 1146 18.08 17.45 0.92
C GLU A 1146 17.96 18.29 2.19
N ASP A 1147 18.71 17.96 3.22
CA ASP A 1147 18.68 18.83 4.39
C ASP A 1147 19.48 20.10 4.21
N PHE A 1148 20.44 20.15 3.27
CA PHE A 1148 21.03 21.44 2.94
C PHE A 1148 20.00 22.38 2.35
N SER A 1149 19.21 21.90 1.39
CA SER A 1149 18.17 22.74 0.83
C SER A 1149 17.06 23.01 1.83
N GLU A 1150 16.86 22.11 2.79
CA GLU A 1150 15.91 22.41 3.85
C GLU A 1150 16.46 23.47 4.78
N ALA A 1151 17.78 23.58 4.87
CA ALA A 1151 18.35 24.65 5.67
C ALA A 1151 18.28 26.00 4.95
N VAL A 1152 18.55 26.01 3.64
CA VAL A 1152 18.51 27.28 2.91
C VAL A 1152 17.09 27.79 2.78
N GLY A 1153 16.17 26.92 2.38
CA GLY A 1153 14.77 27.29 2.26
C GLY A 1153 14.06 27.50 3.57
N ASN A 1154 14.71 27.21 4.70
CA ASN A 1154 14.15 27.57 5.98
C ASN A 1154 14.18 29.06 6.20
N SER A 1155 15.22 29.73 5.71
CA SER A 1155 15.34 31.18 5.85
C SER A 1155 14.65 31.94 4.73
N MET A 1156 14.04 31.24 3.77
CA MET A 1156 13.24 31.89 2.75
C MET A 1156 11.87 32.24 3.31
N LYS A 1157 11.07 32.91 2.51
CA LYS A 1157 9.82 33.42 3.01
C LYS A 1157 8.59 32.99 2.22
N TYR A 1158 8.75 32.35 1.06
CA TYR A 1158 7.59 32.10 0.21
C TYR A 1158 7.30 30.66 -0.11
N THR A 1159 8.19 29.72 0.18
CA THR A 1159 7.83 28.34 -0.09
C THR A 1159 6.77 27.88 0.91
N CYS A 1160 6.02 26.87 0.50
CA CYS A 1160 5.24 26.10 1.46
C CYS A 1160 5.27 24.66 0.98
N LEU A 1161 6.29 23.95 1.41
CA LEU A 1161 6.35 22.50 1.22
C LEU A 1161 6.52 21.77 2.54
N ASN A 1162 7.45 22.21 3.38
CA ASN A 1162 7.67 21.55 4.65
C ASN A 1162 7.04 22.27 5.82
N SER A 1163 6.82 23.57 5.69
CA SER A 1163 6.33 24.39 6.79
C SER A 1163 4.82 24.57 6.66
N GLU A 1164 4.11 24.26 7.73
CA GLU A 1164 2.66 24.42 7.73
C GLU A 1164 2.29 25.90 7.78
N LYS A 1165 3.08 26.70 8.49
CA LYS A 1165 2.70 28.06 8.84
C LYS A 1165 2.59 28.95 7.61
N GLU A 1166 3.51 28.80 6.66
CA GLU A 1166 3.47 29.67 5.50
C GLU A 1166 2.34 29.28 4.56
N PHE A 1167 2.05 27.97 4.47
CA PHE A 1167 0.88 27.49 3.74
C PHE A 1167 -0.40 28.05 4.33
N GLU A 1168 -0.45 28.16 5.66
CA GLU A 1168 -1.63 28.73 6.29
C GLU A 1168 -1.74 30.22 6.03
N ARG A 1169 -0.60 30.93 5.95
CA ARG A 1169 -0.66 32.33 5.58
C ARG A 1169 -1.08 32.53 4.13
N ALA A 1170 -0.68 31.60 3.24
CA ALA A 1170 -1.09 31.71 1.84
C ALA A 1170 -2.58 31.50 1.68
N ILE A 1171 -3.15 30.54 2.41
CA ILE A 1171 -4.60 30.35 2.36
C ILE A 1171 -5.34 31.55 2.96
N CYS A 1172 -4.84 32.08 4.07
CA CYS A 1172 -5.46 33.26 4.68
C CYS A 1172 -5.34 34.50 3.79
N ASP A 1173 -4.34 34.56 2.92
CA ASP A 1173 -4.30 35.66 1.96
C ASP A 1173 -5.27 35.43 0.83
N MET A 1174 -5.39 34.18 0.37
CA MET A 1174 -6.19 33.88 -0.81
C MET A 1174 -7.67 34.12 -0.54
N LYS A 1175 -8.13 33.86 0.69
CA LYS A 1175 -9.54 34.10 1.04
C LYS A 1175 -9.91 35.57 0.90
N MET A 1176 -9.12 36.47 1.49
CA MET A 1176 -9.47 37.88 1.42
C MET A 1176 -9.13 38.50 0.08
N ALA A 1177 -8.25 37.88 -0.69
CA ALA A 1177 -7.88 38.52 -1.95
C ALA A 1177 -8.67 38.01 -3.15
N VAL A 1178 -9.43 36.91 -3.01
CA VAL A 1178 -10.43 36.62 -4.04
C VAL A 1178 -11.58 37.62 -3.95
N ASN A 1179 -11.99 37.97 -2.73
CA ASN A 1179 -13.15 38.83 -2.50
C ASN A 1179 -12.90 40.30 -2.73
N ASN A 1180 -11.74 40.70 -3.26
CA ASN A 1180 -11.38 42.10 -3.30
C ASN A 1180 -11.00 42.52 -4.72
N GLY A 1181 -11.51 41.80 -5.71
CA GLY A 1181 -11.34 42.17 -7.10
C GLY A 1181 -9.95 41.99 -7.66
N ASP A 1182 -9.27 40.91 -7.29
CA ASP A 1182 -7.93 40.68 -7.82
C ASP A 1182 -8.03 39.89 -9.11
N LEU A 1183 -6.88 39.59 -9.69
CA LEU A 1183 -6.80 38.67 -10.82
C LEU A 1183 -5.82 37.59 -10.43
N SER A 1184 -6.35 36.45 -10.00
CA SER A 1184 -5.59 35.42 -9.32
C SER A 1184 -5.55 34.16 -10.16
N CYS A 1185 -4.36 33.63 -10.39
CA CYS A 1185 -4.15 32.53 -11.32
C CYS A 1185 -3.99 31.21 -10.58
N SER A 1186 -3.73 30.15 -11.34
CA SER A 1186 -3.58 28.81 -10.78
C SER A 1186 -2.78 27.98 -11.77
N TYR A 1187 -1.49 27.89 -11.58
CA TYR A 1187 -0.66 27.35 -12.64
C TYR A 1187 -0.41 25.87 -12.44
N ASP A 1188 0.50 25.34 -13.27
CA ASP A 1188 0.99 23.98 -13.19
C ASP A 1188 2.31 23.97 -13.96
N HIS A 1189 3.01 22.85 -13.93
CA HIS A 1189 4.23 22.71 -14.73
C HIS A 1189 4.32 21.29 -15.27
N SER A 1190 4.25 21.18 -16.59
CA SER A 1190 4.10 19.89 -17.24
C SER A 1190 5.40 19.11 -17.20
N LYS A 1191 5.34 17.94 -16.56
CA LYS A 1191 6.47 17.04 -16.38
C LYS A 1191 7.65 17.77 -15.75
N TRP A 1192 7.34 18.40 -14.62
CA TRP A 1192 8.34 19.01 -13.75
C TRP A 1192 9.38 18.02 -13.26
N GLY A 1193 9.05 16.74 -13.18
CA GLY A 1193 10.05 15.77 -12.84
C GLY A 1193 11.00 15.58 -13.99
N PRO A 1194 10.61 14.82 -14.99
CA PRO A 1194 11.59 14.33 -15.95
C PRO A 1194 12.04 15.32 -17.02
N THR A 1195 11.90 16.61 -16.80
CA THR A 1195 12.54 17.58 -17.68
C THR A 1195 13.78 18.21 -17.06
N MET A 1196 13.71 18.68 -15.80
CA MET A 1196 14.82 19.40 -15.23
C MET A 1196 15.95 18.46 -14.84
N SER A 1197 17.14 19.02 -14.68
CA SER A 1197 18.38 18.26 -14.63
C SER A 1197 19.27 18.78 -13.51
N PRO A 1198 20.14 17.94 -12.96
CA PRO A 1198 21.08 18.43 -11.95
C PRO A 1198 22.09 19.45 -12.47
N ALA A 1199 22.37 19.47 -13.78
CA ALA A 1199 23.31 20.46 -14.30
C ALA A 1199 22.76 21.87 -14.16
N LEU A 1200 21.44 22.03 -14.21
CA LEU A 1200 20.83 23.32 -13.95
C LEU A 1200 21.04 23.74 -12.50
N PHE A 1201 20.95 22.78 -11.57
CA PHE A 1201 21.18 23.08 -10.17
C PHE A 1201 22.65 23.41 -9.91
N LEU A 1202 23.57 22.83 -10.68
CA LEU A 1202 24.98 23.26 -10.62
C LEU A 1202 25.15 24.69 -11.10
N ALA A 1203 24.62 25.00 -12.29
CA ALA A 1203 24.75 26.35 -12.83
C ALA A 1203 24.01 27.41 -12.04
N LEU A 1204 23.11 27.00 -11.14
CA LEU A 1204 22.55 27.94 -10.19
C LEU A 1204 23.37 28.03 -8.91
N LEU A 1205 23.96 26.92 -8.44
CA LEU A 1205 24.71 26.98 -7.18
C LEU A 1205 26.11 27.51 -7.33
N GLN A 1206 26.54 27.89 -8.54
CA GLN A 1206 27.88 28.43 -8.69
C GLN A 1206 27.97 29.85 -8.16
N MET A 1207 27.00 30.68 -8.50
CA MET A 1207 27.09 32.11 -8.27
C MET A 1207 26.07 32.60 -7.24
N LEU A 1208 25.90 31.86 -6.15
CA LEU A 1208 25.17 32.37 -5.01
C LEU A 1208 26.16 32.93 -4.01
N GLU A 1209 25.67 33.71 -3.06
CA GLU A 1209 26.60 34.17 -2.03
C GLU A 1209 26.26 33.63 -0.65
N LEU A 1210 25.04 33.83 -0.15
CA LEU A 1210 24.52 33.25 1.09
C LEU A 1210 25.41 33.58 2.30
N ARG A 1211 25.45 34.87 2.61
CA ARG A 1211 26.35 35.34 3.66
C ARG A 1211 25.78 35.06 5.05
N THR A 1212 26.56 34.37 5.87
CA THR A 1212 26.13 33.88 7.17
C THR A 1212 25.95 35.03 8.16
N PRO A 1213 24.87 35.04 8.96
CA PRO A 1213 24.69 36.12 9.93
C PRO A 1213 25.68 36.08 11.08
N VAL A 1214 26.20 34.91 11.44
CA VAL A 1214 27.17 34.83 12.52
C VAL A 1214 28.50 35.42 12.07
N ASP A 1215 28.96 35.02 10.90
CA ASP A 1215 30.22 35.53 10.33
C ASP A 1215 29.95 35.99 8.91
N ARG A 1216 29.96 37.31 8.70
CA ARG A 1216 29.61 37.88 7.40
C ARG A 1216 30.70 37.61 6.38
N SER A 1217 30.52 36.54 5.60
CA SER A 1217 31.48 36.12 4.60
C SER A 1217 30.76 35.27 3.56
N LYS A 1218 31.46 34.97 2.48
CA LYS A 1218 30.94 34.11 1.43
C LYS A 1218 31.36 32.67 1.72
N ILE A 1219 30.38 31.83 2.07
CA ILE A 1219 30.70 30.45 2.43
C ILE A 1219 31.04 29.65 1.18
N ASP A 1220 31.81 28.58 1.38
CA ASP A 1220 32.12 27.65 0.30
C ASP A 1220 31.07 26.55 0.26
N LEU A 1221 30.53 26.31 -0.94
CA LEU A 1221 29.52 25.28 -1.12
C LEU A 1221 30.11 24.10 -1.88
N ASP A 1222 31.42 23.89 -1.73
CA ASP A 1222 32.11 22.90 -2.55
C ASP A 1222 31.77 21.47 -2.16
N SER A 1223 31.39 21.25 -0.91
CA SER A 1223 30.95 19.91 -0.53
C SER A 1223 29.57 19.59 -1.09
N VAL A 1224 28.82 20.61 -1.50
CA VAL A 1224 27.56 20.40 -2.21
C VAL A 1224 27.75 20.47 -3.72
N LYS A 1225 28.63 21.36 -4.21
CA LYS A 1225 28.93 21.42 -5.64
C LYS A 1225 29.61 20.16 -6.16
N SER A 1226 30.22 19.37 -5.29
CA SER A 1226 30.88 18.15 -5.72
C SER A 1226 30.06 16.92 -5.41
N ILE A 1227 28.80 17.09 -5.03
CA ILE A 1227 27.92 15.94 -4.83
C ILE A 1227 26.66 16.03 -5.68
N LEU A 1228 26.24 17.21 -6.15
CA LEU A 1228 25.23 17.20 -7.20
C LEU A 1228 25.82 16.78 -8.54
N LYS A 1229 27.15 16.85 -8.71
CA LYS A 1229 27.77 16.22 -9.86
C LYS A 1229 27.60 14.71 -9.82
N TRP A 1230 27.47 14.13 -8.64
CA TRP A 1230 27.13 12.71 -8.60
C TRP A 1230 25.70 12.48 -9.05
N HIS A 1231 24.78 13.38 -8.68
CA HIS A 1231 23.41 13.22 -9.14
C HIS A 1231 23.22 13.57 -10.61
N LEU A 1232 24.19 14.25 -11.22
CA LEU A 1232 24.15 14.42 -12.66
C LEU A 1232 24.30 13.09 -13.37
N HIS A 1233 25.05 12.16 -12.81
CA HIS A 1233 25.30 10.87 -13.45
C HIS A 1233 24.75 9.78 -12.52
N LYS A 1234 23.46 9.56 -12.60
CA LYS A 1234 22.78 8.46 -11.92
C LYS A 1234 22.74 7.27 -12.85
N VAL A 1235 22.31 6.13 -12.33
CA VAL A 1235 22.18 4.92 -13.12
C VAL A 1235 20.78 4.38 -12.88
N VAL A 1236 19.85 4.80 -13.70
CA VAL A 1236 18.48 4.29 -13.61
C VAL A 1236 18.48 2.90 -14.22
N GLU A 1237 17.98 1.91 -13.48
CA GLU A 1237 17.91 0.55 -13.99
C GLU A 1237 16.79 0.40 -15.03
N VAL A 1238 16.54 -0.83 -15.46
CA VAL A 1238 15.26 -1.21 -16.03
C VAL A 1238 14.66 -2.25 -15.10
N PRO A 1239 13.34 -2.36 -14.97
CA PRO A 1239 12.78 -3.45 -14.19
C PRO A 1239 12.89 -4.76 -14.95
N ILE A 1240 13.08 -5.86 -14.22
CA ILE A 1240 13.26 -7.14 -14.88
C ILE A 1240 11.94 -7.67 -15.44
N ASN A 1241 10.80 -7.21 -14.92
CA ASN A 1241 9.49 -7.64 -15.41
C ASN A 1241 9.12 -7.01 -16.75
N VAL A 1242 9.91 -6.10 -17.27
CA VAL A 1242 9.65 -5.50 -18.58
C VAL A 1242 10.74 -5.86 -19.59
N ALA A 1243 11.87 -6.40 -19.15
CA ALA A 1243 12.92 -6.76 -20.08
C ALA A 1243 12.62 -8.04 -20.85
N GLU A 1244 11.66 -8.82 -20.39
CA GLU A 1244 11.29 -10.05 -21.09
C GLU A 1244 9.89 -10.03 -21.66
N ALA A 1245 9.16 -8.92 -21.55
CA ALA A 1245 7.91 -8.77 -22.28
C ALA A 1245 8.07 -7.92 -23.52
N TYR A 1246 8.99 -6.96 -23.51
CA TYR A 1246 9.45 -6.31 -24.72
C TYR A 1246 10.40 -7.17 -25.53
N CYS A 1247 10.95 -8.22 -24.94
CA CYS A 1247 11.76 -9.16 -25.70
C CYS A 1247 10.92 -10.06 -26.60
N ILE A 1248 9.64 -10.25 -26.29
CA ILE A 1248 8.78 -11.17 -27.03
C ILE A 1248 8.36 -10.57 -28.36
N GLY A 1249 7.64 -9.46 -28.32
CA GLY A 1249 7.07 -8.87 -29.52
C GLY A 1249 8.08 -8.29 -30.50
N SER A 1264 4.56 2.88 -29.20
CA SER A 1264 5.53 1.89 -28.78
C SER A 1264 6.95 2.30 -29.16
N LEU A 1265 7.27 3.59 -28.97
CA LEU A 1265 8.57 4.09 -29.38
C LEU A 1265 9.68 3.58 -28.45
N SER A 1266 9.34 3.23 -27.21
CA SER A 1266 10.31 2.56 -26.36
C SER A 1266 10.65 1.17 -26.88
N GLU A 1267 9.70 0.50 -27.53
CA GLU A 1267 10.00 -0.79 -28.15
C GLU A 1267 10.95 -0.63 -29.32
N GLU A 1268 10.81 0.48 -30.08
CA GLU A 1268 11.81 0.80 -31.08
C GLU A 1268 13.15 1.14 -30.45
N PHE A 1269 13.14 1.70 -29.24
CA PHE A 1269 14.40 1.99 -28.58
C PHE A 1269 15.12 0.72 -28.17
N PHE A 1270 14.37 -0.32 -27.80
CA PHE A 1270 15.03 -1.61 -27.62
C PHE A 1270 15.52 -2.15 -28.96
N HIS A 1271 14.62 -2.25 -29.94
CA HIS A 1271 14.92 -2.97 -31.17
C HIS A 1271 15.61 -2.10 -32.22
N GLN A 1272 16.28 -1.03 -31.80
CA GLN A 1272 17.38 -0.50 -32.56
C GLN A 1272 18.70 -0.61 -31.80
N THR A 1273 18.65 -0.89 -30.49
CA THR A 1273 19.85 -1.14 -29.70
C THR A 1273 20.16 -2.62 -29.59
N MET A 1274 19.54 -3.44 -30.43
CA MET A 1274 20.02 -4.80 -30.66
C MET A 1274 20.91 -4.91 -31.89
N GLN A 1275 20.75 -4.01 -32.86
CA GLN A 1275 21.61 -3.98 -34.04
C GLN A 1275 22.95 -3.31 -33.78
N LEU A 1276 23.16 -2.81 -32.57
CA LEU A 1276 24.48 -2.56 -32.01
C LEU A 1276 24.98 -3.88 -31.40
N SER A 1277 25.99 -3.81 -30.53
CA SER A 1277 26.36 -4.97 -29.72
C SER A 1277 25.17 -5.40 -28.86
N GLY A 1278 24.66 -6.61 -29.12
CA GLY A 1278 23.32 -6.99 -28.74
C GLY A 1278 23.02 -7.26 -27.27
N GLN A 1279 23.82 -6.71 -26.36
CA GLN A 1279 23.52 -6.80 -24.95
C GLN A 1279 22.26 -6.01 -24.63
N ILE A 1280 21.54 -6.45 -23.61
CA ILE A 1280 20.27 -5.84 -23.21
C ILE A 1280 20.58 -4.48 -22.59
N PRO A 1281 19.74 -3.48 -22.79
CA PRO A 1281 19.97 -2.19 -22.14
C PRO A 1281 19.49 -2.13 -20.71
N SER A 1282 20.33 -2.56 -19.78
CA SER A 1282 19.94 -2.64 -18.38
C SER A 1282 20.33 -1.41 -17.56
N HIS A 1283 20.97 -0.40 -18.14
CA HIS A 1283 21.34 0.78 -17.37
C HIS A 1283 21.26 2.02 -18.25
N ILE A 1284 20.67 3.08 -17.75
CA ILE A 1284 20.56 4.30 -18.54
C ILE A 1284 21.16 5.46 -17.76
N MET A 1285 22.46 5.69 -17.95
CA MET A 1285 23.06 6.93 -17.49
C MET A 1285 22.50 8.05 -18.33
N SER A 1286 22.30 9.21 -17.75
CA SER A 1286 21.42 10.17 -18.38
C SER A 1286 21.96 11.57 -18.16
N VAL A 1287 21.16 12.56 -18.57
CA VAL A 1287 21.45 13.96 -18.29
C VAL A 1287 20.34 14.59 -17.45
N LEU A 1288 19.09 14.33 -17.81
CA LEU A 1288 17.96 15.10 -17.28
C LEU A 1288 16.86 14.19 -16.72
N ASP A 1289 16.94 13.82 -15.44
CA ASP A 1289 15.75 13.27 -14.81
C ASP A 1289 15.29 14.02 -13.56
N MET A 1290 16.02 13.98 -12.44
CA MET A 1290 15.48 14.37 -11.11
C MET A 1290 14.10 13.73 -10.89
N GLY A 1291 14.10 12.42 -10.68
CA GLY A 1291 12.84 11.72 -10.50
C GLY A 1291 12.09 12.19 -9.27
N GLN A 1292 10.77 12.07 -9.34
CA GLN A 1292 9.90 12.78 -8.41
C GLN A 1292 9.99 12.17 -7.03
N GLY A 1293 10.86 12.70 -6.18
CA GLY A 1293 11.04 12.15 -4.86
C GLY A 1293 12.48 11.80 -4.52
N ILE A 1294 13.45 12.46 -5.14
CA ILE A 1294 14.85 12.29 -4.75
C ILE A 1294 15.44 13.63 -4.37
N LEU A 1295 15.41 14.58 -5.28
CA LEU A 1295 16.06 15.87 -5.09
C LEU A 1295 15.02 16.94 -4.86
N HIS A 1296 14.02 16.59 -4.03
CA HIS A 1296 12.76 17.32 -3.97
C HIS A 1296 12.93 18.74 -3.46
N ASN A 1297 13.58 18.93 -2.31
CA ASN A 1297 13.76 20.29 -1.83
C ASN A 1297 14.83 21.07 -2.59
N THR A 1298 15.68 20.42 -3.40
CA THR A 1298 16.57 21.17 -4.28
C THR A 1298 15.93 21.55 -5.59
N SER A 1299 14.61 21.59 -5.64
CA SER A 1299 13.89 22.39 -6.60
C SER A 1299 12.84 23.22 -5.90
N ASP A 1300 12.66 23.02 -4.60
CA ASP A 1300 11.83 23.92 -3.84
C ASP A 1300 12.43 25.31 -3.74
N LEU A 1301 13.76 25.42 -3.76
CA LEU A 1301 14.35 26.75 -3.85
C LEU A 1301 14.39 27.22 -5.30
N TYR A 1302 14.61 26.30 -6.24
CA TYR A 1302 14.68 26.71 -7.63
C TYR A 1302 13.33 27.13 -8.17
N GLY A 1303 12.27 26.61 -7.59
CA GLY A 1303 10.94 27.09 -7.91
C GLY A 1303 10.57 28.36 -7.20
N LEU A 1304 11.50 28.98 -6.53
CA LEU A 1304 11.27 30.20 -5.77
C LEU A 1304 12.14 31.36 -6.26
N ILE A 1305 13.42 31.10 -6.54
CA ILE A 1305 14.30 32.13 -7.09
C ILE A 1305 13.78 32.61 -8.43
N THR A 1306 13.49 31.67 -9.31
CA THR A 1306 13.01 32.02 -10.64
C THR A 1306 11.62 32.62 -10.58
N GLU A 1307 10.79 32.19 -9.63
CA GLU A 1307 9.48 32.81 -9.48
C GLU A 1307 9.60 34.24 -8.99
N GLN A 1308 10.57 34.55 -8.14
CA GLN A 1308 10.72 35.94 -7.76
C GLN A 1308 11.33 36.78 -8.88
N PHE A 1309 12.13 36.16 -9.75
CA PHE A 1309 12.58 36.90 -10.92
C PHE A 1309 11.41 37.24 -11.83
N LEU A 1310 10.54 36.26 -12.08
CA LEU A 1310 9.40 36.52 -12.96
C LEU A 1310 8.36 37.40 -12.29
N CYS A 1311 8.27 37.37 -10.97
CA CYS A 1311 7.37 38.25 -10.26
C CYS A 1311 7.98 39.63 -10.07
N TYR A 1312 9.26 39.79 -10.40
CA TYR A 1312 9.82 41.11 -10.60
C TYR A 1312 9.65 41.61 -12.02
N ALA A 1313 9.44 40.71 -12.98
CA ALA A 1313 9.28 41.13 -14.36
C ALA A 1313 7.95 41.80 -14.63
N LEU A 1314 7.00 41.75 -13.72
CA LEU A 1314 5.74 42.42 -13.92
C LEU A 1314 5.53 43.58 -12.97
N ASP A 1315 6.46 43.79 -12.02
CA ASP A 1315 6.47 45.02 -11.24
C ASP A 1315 7.09 46.18 -12.02
N LEU A 1316 7.74 45.89 -13.13
CA LEU A 1316 8.58 46.86 -13.80
C LEU A 1316 8.15 47.16 -15.22
N LEU A 1317 7.49 46.23 -15.90
CA LEU A 1317 7.08 46.42 -17.27
C LEU A 1317 5.57 46.43 -17.45
N TYR A 1318 4.80 46.26 -16.38
CA TYR A 1318 3.35 46.41 -16.46
C TYR A 1318 2.76 47.05 -15.21
N ASP A 1319 3.56 47.83 -14.48
CA ASP A 1319 3.29 48.67 -13.30
C ASP A 1319 2.21 48.16 -12.32
N VAL A 1320 2.30 46.89 -11.94
CA VAL A 1320 1.42 46.32 -10.93
C VAL A 1320 2.27 45.75 -9.79
N ILE A 1321 1.63 45.17 -8.79
CA ILE A 1321 2.35 44.72 -7.59
C ILE A 1321 2.10 43.24 -7.26
N PRO A 1322 2.66 42.30 -8.00
CA PRO A 1322 2.25 40.90 -7.83
C PRO A 1322 2.95 40.22 -6.66
N VAL A 1323 2.45 39.02 -6.32
CA VAL A 1323 3.01 38.20 -5.25
C VAL A 1323 2.77 36.71 -5.55
N SER A 1324 3.83 35.90 -5.55
CA SER A 1324 3.82 34.58 -6.15
C SER A 1324 4.24 33.48 -5.19
N TYR A 1325 3.29 32.69 -4.69
CA TYR A 1325 3.61 31.56 -3.81
C TYR A 1325 4.12 30.38 -4.63
N THR A 1326 4.41 29.27 -3.96
CA THR A 1326 5.06 28.11 -4.59
C THR A 1326 4.97 26.86 -3.74
N SER A 1327 4.49 25.75 -4.29
CA SER A 1327 4.57 24.46 -3.61
C SER A 1327 5.33 23.42 -4.42
N SER A 1328 6.31 23.87 -5.21
CA SER A 1328 7.30 23.10 -5.98
C SER A 1328 6.73 22.36 -7.18
N ASP A 1329 5.41 22.33 -7.33
CA ASP A 1329 4.80 21.83 -8.55
C ASP A 1329 3.60 22.64 -8.97
N ASP A 1330 2.94 23.34 -8.05
CA ASP A 1330 1.83 24.20 -8.38
C ASP A 1330 2.08 25.56 -7.78
N GLN A 1331 1.60 26.59 -8.46
CA GLN A 1331 1.89 27.95 -8.07
C GLN A 1331 0.59 28.71 -7.98
N ILE A 1332 0.66 29.91 -7.42
CA ILE A 1332 -0.39 30.89 -7.57
C ILE A 1332 0.24 32.26 -7.45
N THR A 1333 0.11 33.07 -8.48
CA THR A 1333 0.79 34.37 -8.54
C THR A 1333 -0.30 35.41 -8.53
N LEU A 1334 -0.71 35.84 -7.34
CA LEU A 1334 -1.78 36.82 -7.25
C LEU A 1334 -1.29 38.17 -7.76
N VAL A 1335 -2.20 38.88 -8.40
CA VAL A 1335 -1.89 40.09 -9.13
C VAL A 1335 -2.90 41.15 -8.75
N LYS A 1336 -2.42 42.29 -8.29
CA LYS A 1336 -3.31 43.42 -8.15
C LYS A 1336 -3.27 44.23 -9.44
N THR A 1337 -4.35 44.96 -9.70
CA THR A 1337 -4.40 45.80 -10.87
C THR A 1337 -4.61 47.26 -10.48
N PRO A 1338 -4.10 48.22 -11.23
CA PRO A 1338 -4.31 49.62 -10.88
C PRO A 1338 -5.73 50.05 -11.20
N SER A 1339 -6.23 50.98 -10.37
CA SER A 1339 -7.60 51.49 -10.38
C SER A 1339 -8.63 50.37 -10.25
N ALA A 1348 -13.05 42.43 -18.32
CA ALA A 1348 -11.96 43.15 -17.69
C ALA A 1348 -10.66 42.42 -17.93
N ALA A 1349 -10.46 41.99 -19.16
CA ALA A 1349 -9.32 41.17 -19.56
C ALA A 1349 -8.61 41.79 -20.76
N GLU A 1350 -8.32 43.08 -20.67
CA GLU A 1350 -7.54 43.74 -21.72
C GLU A 1350 -6.09 43.32 -21.72
N TRP A 1351 -5.58 42.85 -20.57
CA TRP A 1351 -4.15 42.66 -20.36
C TRP A 1351 -3.73 41.21 -20.45
N LEU A 1352 -4.26 40.51 -21.47
CA LEU A 1352 -3.65 39.27 -21.97
C LEU A 1352 -2.15 39.41 -22.22
N GLU A 1353 -1.70 40.60 -22.63
CA GLU A 1353 -0.27 40.89 -22.78
C GLU A 1353 0.50 40.72 -21.48
N MET A 1354 -0.16 40.90 -20.34
CA MET A 1354 0.51 40.62 -19.08
C MET A 1354 0.76 39.12 -18.91
N ILE A 1355 -0.19 38.29 -19.33
CA ILE A 1355 -0.10 36.88 -19.02
C ILE A 1355 0.64 36.13 -20.11
N CYS A 1356 0.40 36.48 -21.37
CA CYS A 1356 1.05 35.74 -22.44
C CYS A 1356 2.54 36.04 -22.52
N PHE A 1357 2.97 37.20 -22.03
CA PHE A 1357 4.41 37.43 -21.86
C PHE A 1357 4.94 36.63 -20.68
N HIS A 1358 4.11 36.41 -19.66
CA HIS A 1358 4.54 35.73 -18.44
C HIS A 1358 4.88 34.27 -18.67
N GLU A 1359 4.23 33.64 -19.64
CA GLU A 1359 4.64 32.30 -20.02
C GLU A 1359 5.95 32.34 -20.77
N PHE A 1360 6.14 33.39 -21.58
CA PHE A 1360 7.19 33.37 -22.58
C PHE A 1360 8.57 33.50 -21.98
N LEU A 1361 8.69 34.13 -20.81
CA LEU A 1361 9.99 34.07 -20.17
C LEU A 1361 10.19 32.73 -19.48
N SER A 1362 9.13 32.14 -18.93
CA SER A 1362 9.30 30.97 -18.08
C SER A 1362 9.70 29.74 -18.86
N SER A 1363 9.26 29.63 -20.11
CA SER A 1363 9.72 28.55 -20.97
C SER A 1363 11.19 28.66 -21.32
N LYS A 1364 11.78 29.84 -21.12
CA LYS A 1364 13.21 30.04 -21.26
C LYS A 1364 14.01 29.49 -20.09
N LEU A 1365 13.37 28.90 -19.09
CA LEU A 1365 14.10 28.41 -17.93
C LEU A 1365 13.73 26.97 -17.60
N ASN A 1366 13.20 26.25 -18.59
CA ASN A 1366 12.50 24.97 -18.56
C ASN A 1366 11.58 24.79 -17.34
N LYS A 1367 10.88 25.87 -17.00
CA LYS A 1367 9.63 25.82 -16.26
C LYS A 1367 8.52 26.07 -17.27
N PHE A 1368 7.92 25.01 -17.77
CA PHE A 1368 6.82 25.10 -18.71
C PHE A 1368 5.52 25.35 -17.96
N VAL A 1369 4.52 25.89 -18.65
CA VAL A 1369 3.16 25.98 -18.12
C VAL A 1369 2.34 24.89 -18.79
N SER A 1370 1.78 24.00 -17.99
CA SER A 1370 1.06 22.85 -18.50
C SER A 1370 -0.27 23.29 -19.12
N PRO A 1371 -0.76 22.58 -20.14
CA PRO A 1371 -2.08 22.89 -20.70
C PRO A 1371 -3.24 22.62 -19.77
N LYS A 1372 -3.00 22.03 -18.61
CA LYS A 1372 -3.99 21.95 -17.54
C LYS A 1372 -4.19 23.27 -16.83
N SER A 1373 -3.36 24.27 -17.08
CA SER A 1373 -3.49 25.53 -16.36
C SER A 1373 -4.68 26.32 -16.82
N VAL A 1374 -5.23 27.11 -15.90
CA VAL A 1374 -6.42 27.94 -16.13
C VAL A 1374 -6.32 29.19 -15.25
N ILE A 1375 -6.45 30.37 -15.85
CA ILE A 1375 -6.31 31.64 -15.14
C ILE A 1375 -7.52 32.54 -15.34
N GLY A 1376 -8.08 33.04 -14.25
CA GLY A 1376 -9.04 34.12 -14.33
C GLY A 1376 -9.20 34.84 -13.02
N THR A 1377 -10.42 35.17 -12.65
CA THR A 1377 -10.64 35.97 -11.46
C THR A 1377 -11.68 35.38 -10.52
N PHE A 1378 -12.21 34.19 -10.79
CA PHE A 1378 -13.25 33.65 -9.91
C PHE A 1378 -12.80 32.38 -9.19
N VAL A 1379 -12.42 31.33 -9.88
CA VAL A 1379 -11.97 30.11 -9.22
C VAL A 1379 -10.46 30.03 -9.30
N ALA A 1380 -9.82 29.64 -8.19
CA ALA A 1380 -8.38 29.50 -8.12
C ALA A 1380 -8.06 28.37 -7.17
N GLU A 1381 -7.01 27.62 -7.47
CA GLU A 1381 -6.76 26.37 -6.78
C GLU A 1381 -5.33 26.28 -6.33
N PHE A 1382 -5.10 25.47 -5.30
CA PHE A 1382 -3.76 25.26 -4.77
C PHE A 1382 -3.81 24.00 -3.91
N LYS A 1383 -3.11 22.95 -4.35
CA LYS A 1383 -3.13 21.62 -3.71
C LYS A 1383 -4.54 21.06 -3.49
N SER A 1384 -5.43 21.32 -4.45
CA SER A 1384 -6.83 20.89 -4.44
C SER A 1384 -7.57 21.37 -3.19
N ARG A 1385 -7.64 22.70 -3.05
CA ARG A 1385 -8.51 23.37 -2.07
C ARG A 1385 -9.10 24.60 -2.75
N PHE A 1386 -10.26 24.43 -3.38
CA PHE A 1386 -10.75 25.39 -4.36
C PHE A 1386 -11.46 26.54 -3.67
N PHE A 1387 -11.09 27.79 -4.02
CA PHE A 1387 -11.68 28.94 -3.30
C PHE A 1387 -12.59 29.79 -4.21
N VAL A 1388 -13.85 29.36 -4.28
CA VAL A 1388 -14.93 30.15 -4.86
C VAL A 1388 -15.17 31.41 -4.04
N MET A 1389 -15.71 32.45 -4.70
CA MET A 1389 -16.09 33.74 -4.11
C MET A 1389 -16.89 33.63 -2.82
N GLY A 1390 -16.39 34.28 -1.77
CA GLY A 1390 -17.13 34.40 -0.54
C GLY A 1390 -17.24 33.15 0.31
N GLU A 1391 -16.63 32.05 -0.09
CA GLU A 1391 -16.89 30.79 0.60
C GLU A 1391 -15.76 29.81 0.31
N GLU A 1392 -16.01 28.54 0.60
CA GLU A 1392 -15.20 27.43 0.15
C GLU A 1392 -16.16 26.33 -0.26
N THR A 1393 -15.80 25.54 -1.26
CA THR A 1393 -16.71 24.46 -1.65
C THR A 1393 -16.45 23.23 -0.79
N PRO A 1394 -17.46 22.74 -0.06
CA PRO A 1394 -17.21 21.71 0.96
C PRO A 1394 -16.75 20.36 0.43
N LEU A 1395 -16.98 20.05 -0.85
CA LEU A 1395 -16.35 18.94 -1.55
C LEU A 1395 -16.67 17.60 -0.87
N LEU A 1396 -17.95 17.23 -0.94
CA LEU A 1396 -18.49 16.12 -0.15
C LEU A 1396 -17.94 14.77 -0.57
N THR A 1397 -17.53 14.59 -1.83
CA THR A 1397 -17.32 13.24 -2.34
C THR A 1397 -15.87 12.87 -2.47
N LYS A 1398 -14.96 13.58 -1.84
CA LYS A 1398 -13.67 12.96 -1.63
C LYS A 1398 -13.60 12.31 -0.26
N PHE A 1399 -14.34 12.83 0.71
CA PHE A 1399 -14.25 12.32 2.07
C PHE A 1399 -15.05 11.03 2.26
N VAL A 1400 -16.28 10.98 1.75
CA VAL A 1400 -17.08 9.75 1.82
C VAL A 1400 -16.48 8.66 0.94
N SER A 1401 -15.93 9.05 -0.21
CA SER A 1401 -15.26 8.06 -1.04
C SER A 1401 -13.93 7.64 -0.45
N ALA A 1402 -13.37 8.41 0.48
CA ALA A 1402 -12.18 7.97 1.17
C ALA A 1402 -12.46 7.21 2.46
N ALA A 1403 -13.66 7.34 3.02
CA ALA A 1403 -14.04 6.58 4.20
C ALA A 1403 -14.78 5.29 3.88
N LEU A 1404 -15.29 5.13 2.67
CA LEU A 1404 -15.89 3.83 2.35
C LEU A 1404 -14.80 2.79 2.12
N HIS A 1405 -13.69 3.18 1.51
CA HIS A 1405 -12.49 2.36 1.41
C HIS A 1405 -11.71 2.38 2.70
N ASN A 1406 -10.44 1.95 2.59
CA ASN A 1406 -9.39 1.87 3.62
C ASN A 1406 -9.89 1.41 5.00
N VAL A 1407 -10.49 0.22 4.98
CA VAL A 1407 -10.83 -0.51 6.19
C VAL A 1407 -9.67 -1.48 6.42
N LYS A 1408 -8.72 -1.05 7.26
CA LYS A 1408 -7.57 -1.87 7.61
C LYS A 1408 -7.83 -2.56 8.93
N CYS A 1409 -7.58 -3.86 8.97
CA CYS A 1409 -8.04 -4.71 10.07
C CYS A 1409 -6.85 -5.20 10.87
N LYS A 1410 -6.78 -4.83 12.14
CA LYS A 1410 -5.98 -5.58 13.09
C LYS A 1410 -6.86 -6.19 14.17
N THR A 1411 -7.59 -5.38 14.89
CA THR A 1411 -8.49 -5.75 15.97
C THR A 1411 -9.76 -4.93 15.81
N PRO A 1412 -10.88 -5.45 16.25
CA PRO A 1412 -12.12 -4.67 16.14
C PRO A 1412 -12.28 -3.57 17.17
N THR A 1413 -11.21 -3.17 17.84
CA THR A 1413 -11.15 -1.88 18.52
C THR A 1413 -10.31 -0.87 17.76
N GLN A 1414 -9.20 -1.32 17.17
CA GLN A 1414 -8.40 -0.44 16.32
C GLN A 1414 -9.18 0.01 15.09
N LEU A 1415 -10.03 -0.85 14.56
CA LEU A 1415 -10.85 -0.47 13.41
C LEU A 1415 -11.98 0.47 13.80
N SER A 1416 -12.30 0.59 15.08
CA SER A 1416 -13.13 1.70 15.56
C SER A 1416 -12.27 2.79 16.17
N GLU A 1417 -11.10 3.02 15.57
CA GLU A 1417 -10.36 4.24 15.80
C GLU A 1417 -10.18 5.02 14.51
N THR A 1418 -9.76 4.32 13.43
CA THR A 1418 -9.52 4.95 12.14
C THR A 1418 -10.78 5.58 11.58
N ILE A 1419 -11.88 4.85 11.58
CA ILE A 1419 -13.09 5.34 10.95
C ILE A 1419 -13.80 6.36 11.84
N ASP A 1420 -13.55 6.31 13.15
CA ASP A 1420 -14.01 7.41 14.01
C ASP A 1420 -13.22 8.69 13.73
N THR A 1421 -11.93 8.58 13.44
CA THR A 1421 -11.17 9.77 13.11
C THR A 1421 -11.57 10.35 11.75
N ILE A 1422 -11.85 9.49 10.78
CA ILE A 1422 -12.26 9.98 9.46
C ILE A 1422 -13.68 10.54 9.52
N CYS A 1423 -14.46 10.09 10.49
CA CYS A 1423 -15.69 10.81 10.78
C CYS A 1423 -15.44 12.14 11.50
N ASP A 1424 -14.35 12.28 12.25
CA ASP A 1424 -14.10 13.56 12.91
C ASP A 1424 -13.68 14.62 11.90
N GLN A 1425 -12.83 14.27 10.95
CA GLN A 1425 -12.51 15.22 9.88
C GLN A 1425 -13.69 15.43 8.96
N CYS A 1426 -14.49 14.39 8.74
CA CYS A 1426 -15.50 14.48 7.69
C CYS A 1426 -16.68 15.38 8.08
N ILE A 1427 -16.86 15.69 9.37
CA ILE A 1427 -17.85 16.72 9.72
C ILE A 1427 -17.22 18.11 9.70
N ALA A 1428 -15.90 18.22 9.59
CA ALA A 1428 -15.30 19.55 9.50
C ALA A 1428 -15.54 20.22 8.16
N ASN A 1429 -15.98 19.47 7.16
CA ASN A 1429 -16.44 20.03 5.90
C ASN A 1429 -17.94 19.89 5.72
N GLY A 1430 -18.63 19.41 6.74
CA GLY A 1430 -20.07 19.47 6.79
C GLY A 1430 -20.77 18.59 5.78
N VAL A 1431 -20.61 17.28 5.92
CA VAL A 1431 -21.33 16.39 5.01
C VAL A 1431 -22.80 16.33 5.42
N SER A 1432 -23.11 15.74 6.57
CA SER A 1432 -24.37 15.81 7.28
C SER A 1432 -24.13 15.03 8.56
N THR A 1433 -25.16 14.79 9.35
CA THR A 1433 -25.03 13.68 10.27
C THR A 1433 -25.58 12.39 9.68
N LYS A 1434 -26.48 12.47 8.70
CA LYS A 1434 -27.12 11.26 8.17
C LYS A 1434 -26.15 10.46 7.30
N ILE A 1435 -25.19 11.11 6.66
CA ILE A 1435 -24.13 10.33 6.03
C ILE A 1435 -23.13 9.86 7.08
N VAL A 1436 -23.03 10.58 8.21
CA VAL A 1436 -22.11 10.13 9.26
C VAL A 1436 -22.67 8.92 9.98
N ALA A 1437 -23.98 8.84 10.16
CA ALA A 1437 -24.56 7.69 10.82
C ALA A 1437 -24.93 6.55 9.89
N ARG A 1438 -24.35 6.46 8.71
CA ARG A 1438 -24.51 5.29 7.87
C ARG A 1438 -23.19 4.72 7.42
N ILE A 1439 -22.08 5.46 7.57
CA ILE A 1439 -20.77 4.84 7.62
C ILE A 1439 -20.66 4.02 8.90
N SER A 1440 -21.35 4.45 9.96
CA SER A 1440 -21.26 3.81 11.26
C SER A 1440 -22.35 2.79 11.51
N LYS A 1441 -22.90 2.22 10.45
CA LYS A 1441 -23.47 0.89 10.49
C LYS A 1441 -22.84 -0.03 9.47
N ARG A 1442 -22.25 0.48 8.40
CA ARG A 1442 -21.41 -0.36 7.57
C ARG A 1442 -20.18 -0.81 8.33
N VAL A 1443 -19.58 0.07 9.12
CA VAL A 1443 -18.46 -0.36 9.95
C VAL A 1443 -18.92 -1.23 11.12
N ASN A 1444 -20.21 -1.21 11.45
CA ASN A 1444 -20.68 -2.07 12.51
C ASN A 1444 -21.06 -3.46 11.98
N GLN A 1445 -21.67 -3.52 10.80
CA GLN A 1445 -22.04 -4.78 10.19
C GLN A 1445 -20.92 -5.43 9.41
N LEU A 1446 -19.82 -4.75 9.15
CA LEU A 1446 -18.64 -5.49 8.73
C LEU A 1446 -18.05 -6.28 9.87
N ILE A 1447 -18.35 -5.89 11.11
CA ILE A 1447 -17.96 -6.68 12.26
C ILE A 1447 -19.00 -7.74 12.57
N ARG A 1448 -20.28 -7.38 12.57
CA ARG A 1448 -21.34 -8.33 12.93
C ARG A 1448 -21.51 -9.43 11.88
N TYR A 1449 -20.95 -9.26 10.70
CA TYR A 1449 -20.79 -10.35 9.76
C TYR A 1449 -19.55 -11.18 10.08
N SER A 1450 -18.56 -10.58 10.74
CA SER A 1450 -17.24 -11.19 10.80
C SER A 1450 -17.07 -12.12 11.99
N GLY A 1451 -18.13 -12.76 12.47
CA GLY A 1451 -18.00 -13.72 13.53
C GLY A 1451 -17.94 -13.16 14.93
N TYR A 1452 -17.28 -12.01 15.11
CA TYR A 1452 -17.01 -11.38 16.40
C TYR A 1452 -18.24 -11.14 17.25
N GLY A 1453 -19.39 -10.97 16.63
CA GLY A 1453 -20.54 -10.59 17.41
C GLY A 1453 -20.49 -9.10 17.75
N ASP A 1454 -21.28 -8.71 18.74
CA ASP A 1454 -21.36 -7.32 19.11
C ASP A 1454 -21.06 -7.17 20.60
N THR A 1455 -20.65 -5.96 20.97
CA THR A 1455 -20.18 -5.64 22.30
C THR A 1455 -20.50 -4.16 22.48
N PRO A 1456 -20.70 -3.68 23.72
CA PRO A 1456 -21.27 -2.33 23.88
C PRO A 1456 -20.36 -1.20 23.49
N PHE A 1457 -19.07 -1.41 23.29
CA PHE A 1457 -18.27 -0.32 22.72
C PHE A 1457 -18.33 -0.37 21.20
N GLY A 1458 -17.73 -1.40 20.60
CA GLY A 1458 -17.87 -1.75 19.19
C GLY A 1458 -17.57 -0.60 18.24
N ALA A 1459 -18.38 -0.52 17.19
CA ALA A 1459 -18.36 0.62 16.29
C ALA A 1459 -18.93 1.84 17.00
N ILE A 1460 -18.75 3.01 16.39
CA ILE A 1460 -19.15 4.23 17.07
C ILE A 1460 -20.66 4.38 16.96
N GLU A 1461 -21.20 5.33 17.71
CA GLU A 1461 -22.60 5.32 18.04
C GLU A 1461 -23.44 5.84 16.88
N ASP A 1462 -24.75 5.74 17.07
CA ASP A 1462 -25.73 6.29 16.17
C ASP A 1462 -26.40 7.47 16.85
N GLN A 1463 -27.11 8.27 16.05
CA GLN A 1463 -27.80 9.48 16.48
C GLN A 1463 -26.81 10.46 17.15
N ASP A 1464 -25.88 10.92 16.34
CA ASP A 1464 -24.89 11.88 16.77
C ASP A 1464 -25.15 13.21 16.06
N VAL A 1465 -25.19 14.29 16.83
CA VAL A 1465 -25.61 15.56 16.26
C VAL A 1465 -24.64 16.71 16.52
N LYS A 1466 -24.27 16.94 17.77
CA LYS A 1466 -23.46 18.09 18.14
C LYS A 1466 -22.09 17.70 18.66
N ASP A 1467 -21.97 16.55 19.29
CA ASP A 1467 -20.79 16.14 20.04
C ASP A 1467 -19.56 15.88 19.19
N TRP A 1468 -19.66 15.95 17.86
CA TRP A 1468 -18.46 16.01 17.05
C TRP A 1468 -17.73 17.34 17.26
N VAL A 1469 -18.47 18.39 17.63
CA VAL A 1469 -17.86 19.67 17.92
C VAL A 1469 -17.16 19.65 19.27
N ASP A 1470 -17.80 19.07 20.28
CA ASP A 1470 -17.32 19.13 21.66
C ASP A 1470 -16.94 17.73 22.12
N GLY A 1471 -15.70 17.33 21.87
CA GLY A 1471 -15.23 16.11 22.51
C GLY A 1471 -14.74 15.05 21.58
N SER A 1472 -13.76 14.29 22.04
CA SER A 1472 -13.11 13.26 21.25
C SER A 1472 -13.83 11.93 21.47
N ARG A 1473 -13.17 10.82 21.10
CA ARG A 1473 -13.75 9.49 21.21
C ARG A 1473 -14.07 9.10 22.65
N GLY A 1474 -13.35 9.69 23.61
CA GLY A 1474 -13.69 9.45 25.00
C GLY A 1474 -15.05 10.00 25.44
N TYR A 1475 -15.67 10.88 24.65
CA TYR A 1475 -16.99 11.36 25.06
C TYR A 1475 -18.13 10.56 24.46
N ARG A 1476 -17.98 10.14 23.20
CA ARG A 1476 -19.05 9.51 22.47
C ARG A 1476 -19.44 8.15 23.04
N LEU A 1477 -18.52 7.47 23.74
CA LEU A 1477 -18.87 6.18 24.30
C LEU A 1477 -19.84 6.31 25.45
N GLN A 1478 -19.84 7.44 26.14
CA GLN A 1478 -20.80 7.62 27.22
C GLN A 1478 -22.20 7.80 26.66
N ARG A 1479 -22.33 8.56 25.58
CA ARG A 1479 -23.61 8.66 24.89
C ARG A 1479 -24.00 7.36 24.21
N LYS A 1480 -23.06 6.45 23.98
CA LYS A 1480 -23.46 5.13 23.49
C LYS A 1480 -23.95 4.23 24.63
N ILE A 1481 -23.22 4.20 25.74
CA ILE A 1481 -23.59 3.33 26.85
C ILE A 1481 -24.89 3.78 27.50
N GLU A 1482 -25.04 5.08 27.75
CA GLU A 1482 -26.30 5.49 28.37
C GLU A 1482 -27.45 5.56 27.38
N ALA A 1483 -27.21 5.22 26.10
CA ALA A 1483 -28.30 5.00 25.17
C ALA A 1483 -28.95 3.64 25.36
N ILE A 1484 -28.26 2.67 25.95
CA ILE A 1484 -28.91 1.40 26.29
C ILE A 1484 -29.86 1.58 27.46
N PHE A 1485 -29.38 2.20 28.54
CA PHE A 1485 -30.24 2.54 29.67
C PHE A 1485 -31.12 3.71 29.25
N TYR A 1486 -32.22 3.39 28.57
CA TYR A 1486 -33.06 4.42 28.00
C TYR A 1486 -33.93 5.10 29.05
N ASP A 1487 -34.22 4.42 30.16
CA ASP A 1487 -34.93 5.07 31.25
C ASP A 1487 -34.01 5.90 32.14
N ASP A 1488 -32.69 5.72 32.02
CA ASP A 1488 -31.66 6.53 32.68
C ASP A 1488 -31.77 6.46 34.19
N LYS A 1489 -32.05 5.26 34.72
CA LYS A 1489 -32.28 5.10 36.15
C LYS A 1489 -31.29 4.17 36.81
N GLU A 1490 -30.23 3.75 36.10
CA GLU A 1490 -29.24 2.87 36.70
C GLU A 1490 -27.81 3.33 36.51
N THR A 1491 -27.54 4.22 35.56
CA THR A 1491 -26.28 4.94 35.53
C THR A 1491 -26.38 6.29 36.21
N SER A 1492 -27.54 6.62 36.76
CA SER A 1492 -27.64 7.87 37.51
C SER A 1492 -26.89 7.77 38.82
N PHE A 1493 -26.87 6.60 39.42
CA PHE A 1493 -26.22 6.45 40.71
C PHE A 1493 -24.70 6.44 40.59
N ILE A 1494 -24.17 5.89 39.49
CA ILE A 1494 -22.72 5.95 39.29
C ILE A 1494 -22.29 7.35 38.91
N ARG A 1495 -23.17 8.14 38.30
CA ARG A 1495 -22.87 9.54 38.10
C ARG A 1495 -22.90 10.31 39.40
N ASN A 1496 -23.83 9.98 40.31
CA ASN A 1496 -23.85 10.67 41.60
C ASN A 1496 -22.63 10.30 42.45
N CYS A 1497 -22.20 9.04 42.37
CA CYS A 1497 -20.97 8.65 43.05
C CYS A 1497 -19.75 9.33 42.43
N ALA A 1498 -19.77 9.57 41.11
CA ALA A 1498 -18.67 10.33 40.50
C ALA A 1498 -18.69 11.79 40.94
N ARG A 1499 -19.88 12.34 41.17
CA ARG A 1499 -19.98 13.68 41.78
C ARG A 1499 -19.42 13.68 43.19
N LYS A 1500 -19.56 12.56 43.91
CA LYS A 1500 -18.94 12.47 45.23
C LYS A 1500 -17.41 12.39 45.12
N VAL A 1501 -16.90 11.68 44.13
CA VAL A 1501 -15.47 11.39 44.07
C VAL A 1501 -14.67 12.57 43.53
N PHE A 1502 -15.09 13.11 42.37
CA PHE A 1502 -14.21 14.00 41.63
C PHE A 1502 -14.03 15.35 42.30
N ASN A 1503 -15.04 15.82 43.04
CA ASN A 1503 -14.83 17.02 43.83
C ASN A 1503 -13.91 16.78 45.01
N ASP A 1504 -13.74 15.53 45.44
CA ASP A 1504 -12.83 15.24 46.54
C ASP A 1504 -11.41 15.02 46.04
N ILE A 1505 -11.24 14.52 44.82
CA ILE A 1505 -9.90 14.22 44.32
C ILE A 1505 -9.19 15.45 43.78
N LYS A 1506 -9.86 16.60 43.72
CA LYS A 1506 -9.26 17.79 43.15
C LYS A 1506 -8.30 18.45 44.14
N ARG A 1507 -7.80 19.63 43.80
CA ARG A 1507 -6.73 20.26 44.56
C ARG A 1507 -7.24 20.81 45.90
N GLY A 1508 -6.29 21.22 46.73
CA GLY A 1508 -6.60 21.73 48.05
C GLY A 1508 -6.91 20.69 49.10
N ARG A 1509 -6.67 19.41 48.80
CA ARG A 1509 -7.09 18.26 49.59
C ARG A 1509 -6.43 17.03 48.99
N ILE A 1510 -6.12 16.05 49.83
CA ILE A 1510 -5.47 14.85 49.32
C ILE A 1510 -6.52 13.82 48.91
N PHE A 1511 -7.27 13.30 49.89
CA PHE A 1511 -8.42 12.39 49.70
C PHE A 1511 -8.08 11.20 48.81
N GLU A 1512 -7.24 10.34 49.37
CA GLU A 1512 -6.75 9.07 48.80
C GLU A 1512 -6.05 9.27 47.45
N GLU A 1513 -4.85 9.86 47.55
CA GLU A 1513 -3.86 9.75 46.49
C GLU A 1513 -3.02 8.48 46.57
N ASN A 1514 -3.49 7.45 47.27
CA ASN A 1514 -2.85 6.15 47.32
C ASN A 1514 -3.55 5.11 46.45
N LEU A 1515 -4.24 5.56 45.40
CA LEU A 1515 -5.05 4.68 44.56
C LEU A 1515 -4.25 3.88 43.55
N ILE A 1516 -2.92 4.04 43.53
CA ILE A 1516 -2.07 3.34 42.57
C ILE A 1516 -2.14 1.84 42.76
N ASN A 1517 -2.35 1.38 43.99
CA ASN A 1517 -2.47 -0.06 44.25
C ASN A 1517 -3.91 -0.53 44.27
N LEU A 1518 -4.88 0.37 44.45
CA LEU A 1518 -6.28 -0.06 44.55
C LEU A 1518 -6.84 -0.44 43.19
N ILE A 1519 -6.34 0.17 42.12
CA ILE A 1519 -6.81 -0.14 40.77
C ILE A 1519 -6.30 -1.51 40.32
N GLY A 1520 -5.06 -1.84 40.67
CA GLY A 1520 -4.42 -3.07 40.24
C GLY A 1520 -4.89 -4.37 40.88
N ARG A 1521 -5.98 -4.35 41.66
CA ARG A 1521 -6.58 -5.59 42.09
C ARG A 1521 -7.22 -6.33 40.93
N GLY A 1522 -7.63 -5.59 39.92
CA GLY A 1522 -8.42 -6.07 38.81
C GLY A 1522 -9.46 -5.03 38.48
N GLY A 1523 -10.52 -5.45 37.79
CA GLY A 1523 -11.56 -4.50 37.45
C GLY A 1523 -12.84 -4.77 38.21
N ASP A 1524 -13.10 -6.06 38.46
CA ASP A 1524 -14.41 -6.48 38.94
C ASP A 1524 -14.67 -6.02 40.38
N GLU A 1525 -13.62 -5.84 41.17
CA GLU A 1525 -13.78 -5.49 42.57
C GLU A 1525 -13.32 -4.08 42.91
N ALA A 1526 -12.79 -3.32 41.96
CA ALA A 1526 -12.32 -1.98 42.29
C ALA A 1526 -13.49 -1.04 42.56
N LEU A 1527 -14.59 -1.20 41.81
CA LEU A 1527 -15.81 -0.47 42.13
C LEU A 1527 -16.38 -0.91 43.47
N THR A 1528 -16.16 -2.17 43.86
CA THR A 1528 -16.61 -2.61 45.18
C THR A 1528 -15.76 -1.97 46.28
N GLY A 1529 -14.60 -1.43 45.93
CA GLY A 1529 -13.90 -0.56 46.86
C GLY A 1529 -14.45 0.85 46.84
N PHE A 1530 -14.63 1.42 45.64
CA PHE A 1530 -14.99 2.83 45.53
C PHE A 1530 -16.40 3.14 46.02
N LEU A 1531 -17.35 2.22 45.87
CA LEU A 1531 -18.72 2.55 46.23
C LEU A 1531 -18.91 2.59 47.74
N GLN A 1532 -18.33 1.61 48.45
CA GLN A 1532 -18.35 1.66 49.90
C GLN A 1532 -17.31 2.62 50.46
N TYR A 1533 -16.36 3.08 49.65
CA TYR A 1533 -15.61 4.27 50.02
C TYR A 1533 -16.52 5.49 50.07
N ALA A 1534 -17.21 5.76 48.96
CA ALA A 1534 -18.18 6.84 48.93
C ALA A 1534 -19.39 6.53 49.81
N GLY A 1535 -19.67 5.26 50.07
CA GLY A 1535 -20.55 4.91 51.15
C GLY A 1535 -21.99 4.63 50.77
N CYS A 1536 -22.34 3.35 50.71
CA CYS A 1536 -23.73 2.91 50.69
C CYS A 1536 -23.77 1.50 51.26
N SER A 1537 -24.91 0.83 51.08
CA SER A 1537 -25.12 -0.48 51.69
C SER A 1537 -24.37 -1.55 50.89
N GLU A 1538 -24.63 -2.81 51.24
CA GLU A 1538 -24.24 -3.91 50.36
C GLU A 1538 -25.24 -4.08 49.24
N GLN A 1539 -26.46 -3.59 49.40
CA GLN A 1539 -27.50 -3.81 48.40
C GLN A 1539 -27.26 -2.98 47.15
N GLU A 1540 -26.59 -1.84 47.29
CA GLU A 1540 -26.22 -1.06 46.11
C GLU A 1540 -25.21 -1.80 45.26
N VAL A 1541 -24.21 -2.42 45.89
CA VAL A 1541 -23.26 -3.24 45.15
C VAL A 1541 -23.95 -4.49 44.63
N ASN A 1542 -25.00 -4.93 45.31
CA ASN A 1542 -25.79 -6.06 44.83
C ASN A 1542 -26.57 -5.71 43.56
N ARG A 1543 -27.06 -4.47 43.46
CA ARG A 1543 -27.84 -4.09 42.29
C ARG A 1543 -27.01 -3.38 41.22
N VAL A 1544 -25.72 -3.14 41.47
CA VAL A 1544 -24.84 -2.57 40.46
C VAL A 1544 -23.95 -3.63 39.82
N LEU A 1545 -23.30 -4.45 40.63
CA LEU A 1545 -22.36 -5.44 40.12
C LEU A 1545 -23.03 -6.64 39.46
N ASN A 1546 -24.36 -6.67 39.39
CA ASN A 1546 -25.06 -7.72 38.67
C ASN A 1546 -24.96 -7.57 37.14
N TYR A 1547 -24.74 -6.36 36.63
CA TYR A 1547 -24.60 -6.16 35.19
C TYR A 1547 -23.20 -6.55 34.73
N ARG A 1548 -23.12 -7.40 33.70
CA ARG A 1548 -21.83 -7.80 33.15
C ARG A 1548 -21.94 -7.87 31.64
N TRP A 1549 -20.94 -7.33 30.94
CA TRP A 1549 -20.85 -7.46 29.50
C TRP A 1549 -19.79 -8.50 29.18
N VAL A 1550 -20.11 -9.44 28.29
CA VAL A 1550 -19.13 -10.47 27.99
C VAL A 1550 -18.03 -9.87 27.14
N ASN A 1551 -16.80 -10.04 27.57
CA ASN A 1551 -15.65 -9.50 26.88
C ASN A 1551 -14.95 -10.64 26.15
N LEU A 1552 -14.02 -10.30 25.28
CA LEU A 1552 -13.19 -11.28 24.64
C LEU A 1552 -11.70 -11.04 24.83
N SER A 1553 -11.27 -9.81 25.01
CA SER A 1553 -9.86 -9.54 25.28
C SER A 1553 -9.64 -9.30 26.78
N SER A 1554 -9.95 -10.31 27.59
CA SER A 1554 -9.83 -10.18 29.03
C SER A 1554 -8.40 -10.43 29.48
N PHE A 1555 -7.95 -11.68 29.34
CA PHE A 1555 -6.66 -12.07 29.89
C PHE A 1555 -5.55 -11.64 28.93
N GLY A 1556 -5.56 -12.20 27.71
CA GLY A 1556 -4.77 -11.68 26.63
C GLY A 1556 -5.65 -11.01 25.59
N ASP A 1557 -5.03 -10.66 24.47
CA ASP A 1557 -5.77 -10.01 23.39
C ASP A 1557 -5.75 -10.89 22.15
N LEU A 1558 -6.62 -10.54 21.19
CA LEU A 1558 -6.97 -11.42 20.08
C LEU A 1558 -5.77 -11.66 19.19
N ARG A 1559 -5.51 -12.93 18.88
CA ARG A 1559 -4.34 -13.31 18.11
C ARG A 1559 -4.76 -13.73 16.71
N LEU A 1560 -4.09 -13.17 15.72
CA LEU A 1560 -4.24 -13.62 14.35
C LEU A 1560 -2.95 -13.31 13.60
N VAL A 1561 -2.38 -14.32 12.96
CA VAL A 1561 -1.13 -14.14 12.25
C VAL A 1561 -1.33 -14.36 10.77
N VAL A 1578 1.70 -6.02 28.52
CA VAL A 1578 1.95 -4.63 28.21
C VAL A 1578 0.78 -4.04 27.40
N PRO A 1579 0.33 -2.84 27.76
CA PRO A 1579 -0.71 -2.18 26.97
C PRO A 1579 -0.19 -1.57 25.68
N THR A 1580 -1.06 -0.83 24.98
CA THR A 1580 -0.67 -0.01 23.84
C THR A 1580 -0.13 1.34 24.29
N LEU A 1581 -0.14 1.59 25.61
CA LEU A 1581 0.36 2.83 26.19
C LEU A 1581 1.85 3.05 25.89
N ILE A 1582 2.65 1.99 26.01
CA ILE A 1582 4.09 2.13 25.87
C ILE A 1582 4.48 2.35 24.41
N LYS A 1583 3.83 1.62 23.50
CA LYS A 1583 4.05 1.85 22.08
C LYS A 1583 3.48 3.19 21.64
N THR A 1584 2.51 3.73 22.38
CA THR A 1584 2.05 5.08 22.10
C THR A 1584 3.10 6.11 22.51
N LEU A 1585 3.74 5.91 23.67
CA LEU A 1585 4.73 6.88 24.13
C LEU A 1585 6.03 6.80 23.34
N GLN A 1586 6.38 5.62 22.80
CA GLN A 1586 7.68 5.50 22.14
C GLN A 1586 7.74 6.28 20.84
N SER A 1587 6.59 6.53 20.20
CA SER A 1587 6.58 7.28 18.95
C SER A 1587 6.66 8.78 19.17
N LYS A 1588 6.37 9.26 20.38
CA LYS A 1588 6.77 10.61 20.76
C LYS A 1588 8.21 10.62 21.25
N LEU A 1589 8.67 9.49 21.80
CA LEU A 1589 10.03 9.38 22.31
C LEU A 1589 11.05 9.43 21.18
N SER A 1590 10.94 8.53 20.21
CA SER A 1590 12.04 8.28 19.28
C SER A 1590 12.11 9.35 18.18
N ARG A 1591 11.07 9.44 17.36
CA ARG A 1591 11.15 10.26 16.17
C ARG A 1591 9.85 10.99 15.91
N SER A 1612 -0.90 -3.88 -0.77
CA SER A 1612 -1.83 -4.96 -1.07
C SER A 1612 -3.26 -4.42 -1.17
N SER A 1613 -4.10 -5.12 -1.91
CA SER A 1613 -5.45 -4.65 -2.17
C SER A 1613 -6.34 -4.88 -0.95
N VAL A 1614 -7.24 -3.92 -0.70
CA VAL A 1614 -8.02 -3.90 0.55
C VAL A 1614 -9.00 -5.07 0.60
N ALA A 1615 -9.66 -5.34 -0.50
CA ALA A 1615 -10.57 -6.47 -0.60
C ALA A 1615 -9.89 -7.79 -0.61
N SER A 1616 -8.60 -7.91 -0.33
CA SER A 1616 -8.00 -9.16 0.11
C SER A 1616 -7.32 -9.01 1.45
N GLY A 1617 -7.57 -7.89 2.13
CA GLY A 1617 -7.07 -7.65 3.47
C GLY A 1617 -8.22 -7.49 4.43
N PHE A 1618 -9.44 -7.62 3.93
CA PHE A 1618 -10.60 -7.81 4.78
C PHE A 1618 -10.98 -9.28 4.90
N ILE A 1619 -10.63 -10.11 3.92
CA ILE A 1619 -10.95 -11.54 4.01
C ILE A 1619 -10.10 -12.21 5.09
N GLY A 1620 -8.89 -11.73 5.30
CA GLY A 1620 -8.07 -12.21 6.40
C GLY A 1620 -8.55 -11.77 7.77
N PHE A 1621 -9.63 -11.02 7.82
CA PHE A 1621 -10.32 -10.67 9.03
C PHE A 1621 -11.65 -11.42 9.15
N CYS A 1622 -11.93 -12.33 8.22
CA CYS A 1622 -13.03 -13.27 8.43
C CYS A 1622 -12.57 -14.71 8.25
N LYS A 1623 -11.28 -14.94 8.03
CA LYS A 1623 -10.74 -16.29 7.88
C LYS A 1623 -9.82 -16.70 9.02
N SER A 1624 -9.07 -15.76 9.57
CA SER A 1624 -8.23 -15.98 10.74
C SER A 1624 -8.82 -15.30 11.97
N MET A 1625 -10.12 -15.14 11.99
CA MET A 1625 -10.83 -14.67 13.16
C MET A 1625 -12.00 -15.56 13.53
N GLY A 1626 -12.73 -16.07 12.53
CA GLY A 1626 -13.74 -17.07 12.80
C GLY A 1626 -13.20 -18.40 13.22
N SER A 1627 -11.92 -18.64 13.01
CA SER A 1627 -11.21 -19.79 13.55
C SER A 1627 -10.61 -19.39 14.89
N LYS A 1628 -9.65 -20.17 15.40
CA LYS A 1628 -9.18 -20.10 16.77
C LYS A 1628 -8.39 -18.81 17.01
N CYS A 1629 -8.99 -17.87 17.73
CA CYS A 1629 -8.35 -16.57 17.92
C CYS A 1629 -8.47 -16.01 19.32
N VAL A 1630 -8.98 -16.74 20.29
CA VAL A 1630 -9.07 -16.21 21.65
C VAL A 1630 -8.04 -16.96 22.48
N ARG A 1631 -7.55 -16.32 23.54
CA ARG A 1631 -6.58 -16.94 24.43
C ARG A 1631 -7.06 -16.84 25.87
N ASP A 1632 -6.69 -17.84 26.67
CA ASP A 1632 -7.04 -17.87 28.07
C ASP A 1632 -5.84 -17.51 28.94
N GLY A 1633 -6.08 -17.44 30.25
CA GLY A 1633 -5.02 -17.09 31.17
C GLY A 1633 -4.02 -18.21 31.32
N LYS A 1634 -4.49 -19.44 31.26
CA LYS A 1634 -3.60 -20.59 31.15
C LYS A 1634 -3.02 -20.65 29.74
N GLY A 1635 -2.06 -21.54 29.54
CA GLY A 1635 -1.56 -21.77 28.20
C GLY A 1635 -2.60 -22.49 27.35
N GLY A 1636 -3.08 -21.84 26.30
CA GLY A 1636 -4.05 -22.48 25.44
C GLY A 1636 -4.80 -21.46 24.60
N PHE A 1637 -5.66 -21.99 23.73
CA PHE A 1637 -6.48 -21.22 22.81
C PHE A 1637 -7.77 -21.99 22.57
N LEU A 1638 -8.82 -21.27 22.17
CA LEU A 1638 -10.08 -21.90 21.81
C LEU A 1638 -10.82 -21.01 20.81
N TYR A 1639 -12.05 -21.42 20.47
CA TYR A 1639 -12.85 -20.78 19.43
C TYR A 1639 -13.70 -19.66 20.02
N ILE A 1640 -14.52 -19.05 19.16
CA ILE A 1640 -15.49 -18.08 19.65
C ILE A 1640 -16.86 -18.71 19.83
N LYS A 1641 -17.28 -19.53 18.87
CA LYS A 1641 -18.56 -20.22 18.96
C LYS A 1641 -18.62 -21.16 20.15
N GLU A 1642 -17.48 -21.67 20.57
CA GLU A 1642 -17.39 -22.48 21.77
C GLU A 1642 -17.68 -21.64 23.02
N VAL A 1643 -17.28 -20.36 23.01
CA VAL A 1643 -17.58 -19.51 24.16
C VAL A 1643 -19.04 -19.11 24.18
N TYR A 1644 -19.59 -18.73 23.03
CA TYR A 1644 -21.01 -18.37 22.96
C TYR A 1644 -21.95 -19.55 23.05
N SER A 1645 -21.45 -20.78 23.04
CA SER A 1645 -22.28 -21.95 23.30
C SER A 1645 -22.47 -22.19 24.79
N GLY A 1646 -21.81 -21.43 25.64
CA GLY A 1646 -21.84 -21.64 27.06
C GLY A 1646 -22.55 -20.53 27.80
N ILE A 1647 -23.70 -20.08 27.29
CA ILE A 1647 -24.44 -19.02 27.96
C ILE A 1647 -25.93 -19.30 27.86
N ASN A 1648 -26.63 -19.14 28.98
CA ASN A 1648 -28.01 -19.59 29.15
C ASN A 1648 -28.99 -18.50 28.74
N VAL A 1649 -30.25 -18.70 29.09
CA VAL A 1649 -31.33 -17.78 28.78
C VAL A 1649 -31.92 -17.27 30.09
N CYS A 1650 -31.96 -15.94 30.25
CA CYS A 1650 -32.24 -15.26 31.50
C CYS A 1650 -33.33 -14.22 31.36
N ILE A 1651 -34.52 -14.62 30.90
CA ILE A 1651 -35.65 -13.76 30.49
C ILE A 1651 -36.06 -12.73 31.55
N CYS A 1652 -35.69 -12.94 32.82
CA CYS A 1652 -36.13 -12.10 33.92
C CYS A 1652 -35.52 -10.69 33.91
N GLU A 1653 -35.82 -9.90 32.88
CA GLU A 1653 -35.79 -8.44 32.82
C GLU A 1653 -34.38 -7.83 32.80
N ILE A 1654 -33.33 -8.61 33.04
CA ILE A 1654 -31.99 -8.06 32.87
C ILE A 1654 -31.49 -8.34 31.47
N CYS A 1655 -31.67 -9.57 30.98
CA CYS A 1655 -31.41 -9.85 29.58
C CYS A 1655 -32.41 -9.14 28.67
N ALA A 1656 -33.60 -8.82 29.20
CA ALA A 1656 -34.62 -8.09 28.45
C ALA A 1656 -34.42 -6.59 28.50
N LEU A 1657 -33.23 -6.12 28.84
CA LEU A 1657 -32.92 -4.69 28.74
C LEU A 1657 -32.54 -4.32 27.32
N LYS A 1658 -31.44 -4.90 26.83
CA LYS A 1658 -31.07 -4.89 25.42
C LYS A 1658 -30.69 -6.32 25.06
N PRO A 1659 -31.21 -6.88 23.99
CA PRO A 1659 -30.97 -8.30 23.70
C PRO A 1659 -29.56 -8.55 23.18
N LYS A 1660 -29.02 -9.69 23.60
CA LYS A 1660 -27.76 -10.27 23.15
C LYS A 1660 -26.52 -9.41 23.47
N ILE A 1661 -26.65 -8.39 24.32
CA ILE A 1661 -25.53 -7.48 24.59
C ILE A 1661 -25.20 -7.42 26.07
N ILE A 1662 -26.19 -7.09 26.90
CA ILE A 1662 -26.06 -7.08 28.35
C ILE A 1662 -26.75 -8.32 28.90
N TYR A 1663 -26.05 -9.06 29.76
CA TYR A 1663 -26.59 -10.29 30.32
C TYR A 1663 -26.88 -10.13 31.81
N CYS A 1664 -27.38 -11.21 32.40
CA CYS A 1664 -27.56 -11.33 33.84
C CYS A 1664 -26.23 -11.71 34.48
N ASN A 1665 -26.28 -12.09 35.75
CA ASN A 1665 -25.12 -12.68 36.40
C ASN A 1665 -25.22 -14.21 36.44
N ASP A 1666 -26.40 -14.75 36.74
CA ASP A 1666 -26.60 -16.18 36.86
C ASP A 1666 -26.65 -16.90 35.52
N SER A 1667 -26.76 -16.16 34.41
CA SER A 1667 -26.64 -16.75 33.08
C SER A 1667 -25.19 -16.87 32.63
N LEU A 1668 -24.25 -16.51 33.48
CA LEU A 1668 -22.83 -16.61 33.18
C LEU A 1668 -22.15 -17.60 34.12
N ASN A 1669 -22.76 -18.77 34.31
CA ASN A 1669 -22.20 -19.73 35.25
C ASN A 1669 -21.05 -20.51 34.64
N LYS A 1670 -21.28 -21.11 33.47
CA LYS A 1670 -20.29 -22.00 32.85
C LYS A 1670 -19.08 -21.22 32.37
N VAL A 1671 -19.32 -20.12 31.67
CA VAL A 1671 -18.30 -19.14 31.30
C VAL A 1671 -18.37 -18.04 32.34
N SER A 1672 -17.38 -17.98 33.23
CA SER A 1672 -17.45 -17.04 34.33
C SER A 1672 -16.15 -16.30 34.58
N GLN A 1673 -15.18 -16.39 33.70
CA GLN A 1673 -13.88 -15.79 33.93
C GLN A 1673 -13.61 -14.58 33.04
N PHE A 1674 -14.59 -14.15 32.25
CA PHE A 1674 -14.44 -13.01 31.37
C PHE A 1674 -15.17 -11.76 31.84
N SER A 1675 -16.28 -11.91 32.54
CA SER A 1675 -17.33 -10.88 32.55
C SER A 1675 -16.97 -9.71 33.45
N LYS A 1676 -16.55 -8.61 32.86
CA LYS A 1676 -16.47 -7.34 33.56
C LYS A 1676 -17.83 -6.65 33.52
N PRO A 1677 -18.09 -5.73 34.44
CA PRO A 1677 -19.30 -4.89 34.33
C PRO A 1677 -19.14 -3.78 33.31
N ILE A 1678 -20.27 -3.30 32.79
CA ILE A 1678 -20.19 -2.07 32.03
C ILE A 1678 -19.99 -0.90 32.96
N LEU A 1679 -20.50 -0.98 34.20
CA LEU A 1679 -20.56 0.21 35.05
C LEU A 1679 -19.20 0.65 35.52
N TRP A 1680 -18.26 -0.28 35.66
CA TRP A 1680 -16.88 0.11 35.91
C TRP A 1680 -16.29 0.87 34.73
N ASP A 1681 -16.62 0.46 33.51
CA ASP A 1681 -16.14 1.19 32.34
C ASP A 1681 -16.80 2.56 32.22
N TYR A 1682 -18.08 2.66 32.61
CA TYR A 1682 -18.75 3.95 32.68
C TYR A 1682 -18.02 4.88 33.64
N PHE A 1683 -17.69 4.35 34.82
CA PHE A 1683 -17.07 5.19 35.85
C PHE A 1683 -15.66 5.60 35.44
N SER A 1684 -14.92 4.71 34.80
CA SER A 1684 -13.58 5.07 34.37
C SER A 1684 -13.60 6.05 33.21
N LEU A 1685 -14.58 5.94 32.31
CA LEU A 1685 -14.71 6.93 31.24
C LEU A 1685 -15.11 8.29 31.80
N VAL A 1686 -15.97 8.31 32.82
CA VAL A 1686 -16.40 9.59 33.36
C VAL A 1686 -15.25 10.28 34.10
N LEU A 1687 -14.50 9.54 34.89
CA LEU A 1687 -13.34 10.15 35.55
C LEU A 1687 -12.20 10.43 34.60
N THR A 1688 -12.21 9.83 33.40
CA THR A 1688 -11.32 10.29 32.34
C THR A 1688 -11.79 11.62 31.76
N ASN A 1689 -13.08 11.73 31.47
CA ASN A 1689 -13.56 12.92 30.77
C ASN A 1689 -13.55 14.14 31.66
N ALA A 1690 -13.77 13.97 32.96
CA ALA A 1690 -13.72 15.11 33.86
C ALA A 1690 -12.30 15.63 34.02
N CYS A 1691 -11.31 14.74 33.95
CA CYS A 1691 -9.92 15.18 33.79
C CYS A 1691 -9.76 15.97 32.51
N GLU A 1692 -10.28 15.45 31.41
CA GLU A 1692 -9.93 16.04 30.12
C GLU A 1692 -10.75 17.28 29.80
N LEU A 1693 -12.03 17.34 30.21
CA LEU A 1693 -12.80 18.56 29.97
C LEU A 1693 -13.93 18.69 30.97
N GLY A 1694 -14.64 19.81 30.84
CA GLY A 1694 -16.04 19.95 31.18
C GLY A 1694 -16.55 20.39 32.53
N GLU A 1695 -16.53 19.51 33.52
CA GLU A 1695 -17.42 19.56 34.70
C GLU A 1695 -18.89 19.74 34.29
N TRP A 1696 -19.29 19.19 33.13
CA TRP A 1696 -20.70 19.16 32.76
C TRP A 1696 -21.05 17.82 32.12
N VAL A 1697 -20.15 16.84 32.11
CA VAL A 1697 -20.49 15.49 31.67
C VAL A 1697 -21.46 14.80 32.59
N PHE A 1698 -21.71 15.35 33.78
CA PHE A 1698 -22.42 14.66 34.84
C PHE A 1698 -23.93 14.80 34.76
N SER A 1699 -24.43 15.89 34.20
CA SER A 1699 -25.84 16.21 34.34
C SER A 1699 -26.71 15.31 33.45
N THR A 1700 -27.98 15.21 33.82
CA THR A 1700 -28.95 14.51 32.99
C THR A 1700 -29.26 15.36 31.78
N VAL A 1701 -29.40 14.71 30.63
CA VAL A 1701 -29.57 15.38 29.34
C VAL A 1701 -30.88 16.14 29.33
N LYS A 1702 -30.79 17.45 29.11
CA LYS A 1702 -31.97 18.26 28.91
C LYS A 1702 -32.54 18.00 27.52
N GLU A 1703 -33.87 17.99 27.42
CA GLU A 1703 -34.50 17.69 26.15
C GLU A 1703 -34.35 18.88 25.21
N PRO A 1704 -33.99 18.65 23.92
CA PRO A 1704 -33.59 19.77 23.05
C PRO A 1704 -34.66 20.79 22.70
N GLN A 1705 -34.26 21.78 21.92
CA GLN A 1705 -35.10 22.92 21.60
C GLN A 1705 -36.10 22.57 20.51
N LEU A 1710 -38.29 25.97 12.05
CA LEU A 1710 -37.06 25.53 11.42
C LEU A 1710 -36.47 26.60 10.50
N ASN A 1711 -35.14 26.66 10.49
CA ASN A 1711 -34.44 27.51 9.54
C ASN A 1711 -34.33 26.74 8.21
N ASN A 1712 -33.75 27.37 7.19
CA ASN A 1712 -33.58 26.71 5.91
C ASN A 1712 -32.57 25.58 6.03
N GLN A 1713 -32.70 24.61 5.13
CA GLN A 1713 -31.89 23.40 5.12
C GLN A 1713 -30.49 23.66 4.58
N ASN A 1714 -30.20 24.87 4.11
CA ASN A 1714 -28.91 25.14 3.49
C ASN A 1714 -28.32 26.44 4.02
N PHE A 1715 -28.27 26.59 5.33
CA PHE A 1715 -27.69 27.78 5.96
C PHE A 1715 -26.58 27.30 6.89
N PHE A 1716 -25.40 27.07 6.34
CA PHE A 1716 -24.33 26.55 7.16
C PHE A 1716 -23.26 27.60 7.42
N TRP A 1717 -22.68 27.49 8.61
CA TRP A 1717 -21.96 28.59 9.23
C TRP A 1717 -20.93 28.00 10.19
N ALA A 1718 -20.08 28.88 10.72
CA ALA A 1718 -18.87 28.46 11.40
C ALA A 1718 -19.05 28.42 12.91
N VAL A 1719 -18.56 27.36 13.54
CA VAL A 1719 -18.48 27.27 14.99
C VAL A 1719 -17.06 26.90 15.40
N LYS A 1720 -16.70 27.28 16.62
CA LYS A 1720 -15.44 27.00 17.27
C LYS A 1720 -15.67 26.02 18.41
N PRO A 1721 -14.65 25.26 18.83
CA PRO A 1721 -14.91 24.14 19.75
C PRO A 1721 -15.41 24.54 21.13
N LYS A 1722 -14.84 25.55 21.79
CA LYS A 1722 -15.26 26.03 23.11
C LYS A 1722 -15.18 24.89 24.15
N VAL A 1723 -13.95 24.51 24.45
CA VAL A 1723 -13.68 23.46 25.41
C VAL A 1723 -13.05 24.08 26.66
N VAL A 1724 -13.38 23.52 27.82
CA VAL A 1724 -12.86 23.96 29.11
C VAL A 1724 -12.04 22.82 29.69
N ARG A 1725 -10.72 22.95 29.69
CA ARG A 1725 -9.81 21.84 29.96
C ARG A 1725 -9.18 22.03 31.34
N GLN A 1726 -9.42 21.07 32.24
CA GLN A 1726 -8.89 21.19 33.61
C GLN A 1726 -7.59 20.40 33.75
N ILE A 1727 -6.62 20.79 32.93
CA ILE A 1727 -5.20 20.50 33.18
C ILE A 1727 -4.46 21.79 32.88
N GLU A 1728 -3.14 21.75 32.96
CA GLU A 1728 -2.30 22.77 32.36
C GLU A 1728 -1.48 22.10 31.27
N ASP A 1729 -1.19 22.85 30.21
CA ASP A 1729 -0.57 22.27 29.01
C ASP A 1729 0.92 22.02 29.18
N GLN A 1730 1.60 21.79 28.04
CA GLN A 1730 3.01 21.39 27.96
C GLN A 1730 3.23 20.07 28.71
N LEU A 1731 2.62 19.03 28.14
CA LEU A 1731 2.74 17.67 28.65
C LEU A 1731 3.78 16.86 27.89
N GLY A 1732 4.71 17.52 27.21
CA GLY A 1732 5.65 16.83 26.35
C GLY A 1732 6.65 15.94 27.07
N MET A 1733 6.83 16.14 28.37
CA MET A 1733 7.79 15.37 29.15
C MET A 1733 7.20 14.78 30.42
N ASN A 1734 6.13 15.36 30.95
CA ASN A 1734 5.60 14.98 32.26
C ASN A 1734 4.98 13.58 32.28
N HIS A 1735 4.57 13.06 31.12
CA HIS A 1735 4.05 11.69 31.07
C HIS A 1735 5.15 10.68 31.29
N VAL A 1736 6.40 11.03 30.94
CA VAL A 1736 7.52 10.13 31.18
C VAL A 1736 7.85 10.09 32.67
N LEU A 1737 7.85 11.25 33.34
CA LEU A 1737 8.15 11.30 34.75
C LEU A 1737 7.02 10.81 35.65
N GLN A 1738 5.87 10.41 35.10
CA GLN A 1738 4.79 9.93 35.94
C GLN A 1738 4.48 8.46 35.67
N SER A 1739 5.51 7.65 35.51
CA SER A 1739 5.37 6.21 35.58
C SER A 1739 6.27 5.59 36.64
N ILE A 1740 7.13 6.38 37.29
CA ILE A 1740 8.00 5.85 38.35
C ILE A 1740 7.16 5.45 39.55
N ARG A 1741 6.13 6.24 39.86
CA ARG A 1741 5.20 5.91 40.93
C ARG A 1741 4.24 4.79 40.56
N ARG A 1742 4.24 4.36 39.29
CA ARG A 1742 3.27 3.41 38.78
C ARG A 1742 3.86 2.05 38.47
N ASN A 1743 4.86 1.99 37.60
CA ASN A 1743 5.51 0.71 37.26
C ASN A 1743 6.95 0.96 36.88
N TYR A 1744 7.87 0.58 37.76
CA TYR A 1744 9.28 0.88 37.55
C TYR A 1744 9.94 -0.02 36.49
N PRO A 1745 9.87 -1.38 36.55
CA PRO A 1745 10.70 -2.16 35.61
C PRO A 1745 10.25 -2.07 34.16
N VAL A 1746 8.97 -1.77 33.90
CA VAL A 1746 8.52 -1.55 32.53
C VAL A 1746 9.15 -0.28 31.96
N LEU A 1747 9.30 0.75 32.79
CA LEU A 1747 10.06 1.92 32.36
C LEU A 1747 11.55 1.61 32.26
N PHE A 1748 12.04 0.65 33.04
CA PHE A 1748 13.46 0.31 33.03
C PHE A 1748 13.86 -0.34 31.71
N ASP A 1749 13.18 -1.43 31.34
CA ASP A 1749 13.59 -2.14 30.13
C ASP A 1749 13.08 -1.48 28.86
N GLU A 1750 11.91 -0.84 28.92
CA GLU A 1750 11.31 -0.24 27.74
C GLU A 1750 10.49 0.99 28.07
N LEU A 1770 1.99 16.33 36.96
CA LEU A 1770 1.90 17.72 37.38
C LEU A 1770 1.01 17.88 38.61
N LYS A 1771 -0.18 18.45 38.39
CA LYS A 1771 -1.12 18.70 39.48
C LYS A 1771 -2.27 17.73 39.55
N PHE A 1772 -2.70 17.17 38.41
CA PHE A 1772 -3.82 16.24 38.43
C PHE A 1772 -3.63 15.11 37.41
N LEU A 1773 -2.45 14.96 36.82
CA LEU A 1773 -2.25 13.94 35.80
C LEU A 1773 -2.25 12.53 36.37
N ASP A 1774 -1.90 12.38 37.65
CA ASP A 1774 -1.51 11.07 38.16
C ASP A 1774 -2.69 10.20 38.56
N VAL A 1775 -3.81 10.78 38.99
CA VAL A 1775 -4.92 9.93 39.44
C VAL A 1775 -5.69 9.36 38.26
N CYS A 1776 -5.64 10.01 37.10
CA CYS A 1776 -6.23 9.45 35.89
C CYS A 1776 -5.16 9.15 34.84
N ILE A 1777 -4.04 8.61 35.30
CA ILE A 1777 -3.14 7.87 34.43
C ILE A 1777 -3.11 6.39 34.80
N ALA A 1778 -3.43 6.04 36.05
CA ALA A 1778 -3.63 4.65 36.41
C ALA A 1778 -5.01 4.16 36.04
N LEU A 1779 -5.92 5.06 35.66
CA LEU A 1779 -7.19 4.69 35.05
C LEU A 1779 -7.08 4.57 33.55
N ASP A 1780 -5.88 4.36 33.03
CA ASP A 1780 -5.69 4.22 31.60
C ASP A 1780 -4.88 2.97 31.30
N MET A 1781 -4.00 2.61 32.22
CA MET A 1781 -3.03 1.57 31.93
C MET A 1781 -3.63 0.18 32.05
N MET A 1782 -4.78 0.05 32.70
CA MET A 1782 -5.39 -1.25 32.92
C MET A 1782 -6.26 -1.75 31.77
N ASN A 1783 -6.54 -0.92 30.77
CA ASN A 1783 -7.25 -1.39 29.57
C ASN A 1783 -6.78 -0.59 28.36
N GLU A 1784 -7.43 -0.82 27.22
CA GLU A 1784 -7.01 -0.26 25.95
C GLU A 1784 -7.98 0.78 25.41
N ASN A 1785 -9.25 0.70 25.78
CA ASN A 1785 -10.34 1.44 25.16
C ASN A 1785 -10.50 2.86 25.68
N LEU A 1786 -9.47 3.44 26.30
CA LEU A 1786 -9.62 4.68 27.06
C LEU A 1786 -9.02 5.89 26.35
N GLY A 1787 -7.72 5.88 26.08
CA GLY A 1787 -7.12 6.91 25.25
C GLY A 1787 -7.07 8.33 25.81
N ILE A 1788 -6.24 8.57 26.82
CA ILE A 1788 -6.04 9.93 27.32
C ILE A 1788 -4.82 10.58 26.70
N ILE A 1789 -3.65 9.95 26.85
CA ILE A 1789 -2.39 10.62 26.52
C ILE A 1789 -2.16 10.76 25.03
N SER A 1790 -2.97 10.14 24.19
CA SER A 1790 -2.92 10.48 22.78
C SER A 1790 -3.66 11.76 22.47
N HIS A 1791 -4.51 12.23 23.39
CA HIS A 1791 -5.33 13.41 23.16
C HIS A 1791 -4.96 14.59 24.04
N LEU A 1792 -3.96 14.45 24.90
CA LEU A 1792 -3.50 15.59 25.68
C LEU A 1792 -2.18 16.15 25.18
N LEU A 1793 -1.35 15.37 24.50
CA LEU A 1793 -0.13 15.94 23.95
C LEU A 1793 -0.37 16.60 22.59
N LYS A 1794 -1.39 16.17 21.85
CA LYS A 1794 -1.81 16.86 20.65
C LYS A 1794 -2.89 17.88 20.99
N THR A 1795 -3.57 18.41 19.97
CA THR A 1795 -4.77 19.21 20.19
C THR A 1795 -5.80 18.78 19.16
N ARG A 1796 -6.90 19.53 19.09
CA ARG A 1796 -8.08 19.08 18.33
C ARG A 1796 -7.85 19.12 16.83
N ASP A 1797 -6.93 19.98 16.37
CA ASP A 1797 -6.29 19.97 15.07
C ASP A 1797 -7.20 20.31 13.90
N ASN A 1798 -8.48 20.61 14.12
CA ASN A 1798 -9.31 21.24 13.10
C ASN A 1798 -9.78 22.62 13.54
N SER A 1799 -10.53 22.69 14.64
CA SER A 1799 -10.92 23.90 15.38
C SER A 1799 -11.70 24.93 14.55
N VAL A 1800 -12.18 24.58 13.37
CA VAL A 1800 -12.81 25.56 12.50
C VAL A 1800 -14.14 25.04 11.95
N TYR A 1801 -14.81 24.15 12.72
CA TYR A 1801 -15.95 23.36 12.25
C TYR A 1801 -17.08 24.19 11.65
N ILE A 1802 -17.57 23.75 10.49
CA ILE A 1802 -18.65 24.42 9.78
C ILE A 1802 -19.82 23.45 9.63
N VAL A 1803 -21.00 23.88 10.08
CA VAL A 1803 -22.15 22.99 10.19
C VAL A 1803 -23.42 23.72 9.80
N LYS A 1804 -24.41 22.92 9.41
CA LYS A 1804 -25.72 23.43 9.05
C LYS A 1804 -26.40 24.07 10.25
N GLN A 1805 -27.31 25.00 9.98
CA GLN A 1805 -28.11 25.53 11.08
C GLN A 1805 -29.11 24.50 11.56
N SER A 1806 -29.63 23.68 10.66
CA SER A 1806 -30.64 22.71 11.01
C SER A 1806 -30.06 21.48 11.70
N ASP A 1807 -28.73 21.34 11.75
CA ASP A 1807 -28.08 20.25 12.48
C ASP A 1807 -26.99 20.76 13.43
N CYS A 1808 -27.03 22.03 13.80
CA CYS A 1808 -26.30 22.53 14.95
C CYS A 1808 -27.19 23.17 15.99
N ALA A 1809 -28.39 23.61 15.60
CA ALA A 1809 -29.33 24.20 16.55
C ALA A 1809 -30.37 23.21 17.03
N LEU A 1810 -30.61 22.13 16.31
CA LEU A 1810 -31.62 21.15 16.67
C LEU A 1810 -31.19 20.30 17.86
N ALA A 1811 -29.92 20.31 18.23
CA ALA A 1811 -29.36 19.38 19.20
C ALA A 1811 -29.77 19.72 20.62
N HIS A 1812 -29.26 18.91 21.55
CA HIS A 1812 -29.50 19.07 22.97
C HIS A 1812 -28.59 20.16 23.52
N ILE A 1813 -28.54 20.24 24.85
CA ILE A 1813 -27.58 21.07 25.57
C ILE A 1813 -27.46 20.51 26.98
N ARG A 1814 -26.26 20.57 27.55
CA ARG A 1814 -25.97 20.02 28.87
C ARG A 1814 -25.19 21.06 29.65
N GLN A 1815 -25.91 21.91 30.38
CA GLN A 1815 -25.33 22.97 31.18
C GLN A 1815 -25.09 22.47 32.60
N SER A 1816 -24.51 23.32 33.44
CA SER A 1816 -24.27 22.98 34.84
C SER A 1816 -25.04 23.91 35.75
N TYR B 436 -18.80 47.61 1.39
CA TYR B 436 -19.27 46.50 0.58
C TYR B 436 -18.14 45.60 0.13
N GLY B 437 -18.51 44.52 -0.54
CA GLY B 437 -17.55 43.58 -1.05
C GLY B 437 -17.15 43.87 -2.48
N ARG B 438 -16.97 42.81 -3.25
CA ARG B 438 -16.44 42.89 -4.59
C ARG B 438 -17.55 43.28 -5.57
N TYR B 439 -17.17 44.02 -6.62
CA TYR B 439 -18.17 44.62 -7.50
C TYR B 439 -18.56 43.64 -8.61
N ASN B 440 -19.30 42.63 -8.19
CA ASN B 440 -20.05 41.73 -9.05
C ASN B 440 -21.31 41.33 -8.29
N CYS B 441 -22.24 40.70 -8.99
CA CYS B 441 -23.44 40.21 -8.33
C CYS B 441 -23.09 38.99 -7.49
N LYS B 442 -23.61 38.93 -6.26
CA LYS B 442 -23.35 37.77 -5.43
C LYS B 442 -24.08 36.54 -5.96
N CYS B 443 -25.17 36.73 -6.70
CA CYS B 443 -25.92 35.59 -7.22
C CYS B 443 -25.34 35.04 -8.51
N CYS B 444 -25.33 35.84 -9.58
CA CYS B 444 -25.18 35.26 -10.92
C CYS B 444 -23.79 35.37 -11.50
N TRP B 445 -22.88 36.08 -10.82
CA TRP B 445 -21.45 36.20 -11.13
C TRP B 445 -21.04 36.85 -12.44
N PHE B 446 -21.94 37.17 -13.35
CA PHE B 446 -21.46 37.62 -14.65
C PHE B 446 -22.21 38.85 -15.12
N ALA B 447 -22.33 39.83 -14.24
CA ALA B 447 -22.98 41.08 -14.58
C ALA B 447 -22.20 42.21 -13.96
N ASP B 448 -22.44 43.40 -14.43
CA ASP B 448 -21.64 44.51 -13.95
C ASP B 448 -22.48 45.69 -13.47
N THR B 449 -23.58 46.00 -14.15
CA THR B 449 -24.16 47.33 -14.11
C THR B 449 -25.57 47.32 -13.52
N ASN B 450 -25.95 48.49 -12.97
CA ASN B 450 -27.30 48.80 -12.48
C ASN B 450 -27.72 47.84 -11.37
N LEU B 451 -27.00 47.92 -10.26
CA LEU B 451 -27.09 46.93 -9.20
C LEU B 451 -27.76 47.51 -7.97
N ILE B 452 -28.67 46.74 -7.39
CA ILE B 452 -29.37 47.14 -6.17
C ILE B 452 -28.45 46.93 -4.98
N THR B 453 -28.22 47.96 -4.20
CA THR B 453 -27.43 47.86 -2.98
C THR B 453 -28.30 47.18 -1.93
N CYS B 454 -28.22 45.84 -1.88
CA CYS B 454 -28.97 45.06 -0.89
C CYS B 454 -28.26 45.08 0.46
N ASN B 455 -28.60 44.13 1.33
CA ASN B 455 -28.16 44.07 2.72
C ASN B 455 -26.64 44.09 2.92
N ASP B 456 -25.94 43.04 2.47
CA ASP B 456 -24.48 43.01 2.56
C ASP B 456 -23.85 42.36 1.32
N HIS B 457 -24.51 42.47 0.18
CA HIS B 457 -24.14 41.80 -1.06
C HIS B 457 -24.95 42.41 -2.20
N TYR B 458 -24.31 42.60 -3.34
CA TYR B 458 -25.00 43.17 -4.49
C TYR B 458 -26.01 42.17 -5.07
N LEU B 459 -26.89 42.68 -5.93
CA LEU B 459 -27.90 41.87 -6.60
C LEU B 459 -28.38 42.63 -7.82
N CYS B 460 -28.66 41.91 -8.92
CA CYS B 460 -29.01 42.56 -10.18
C CYS B 460 -30.51 42.49 -10.45
N LEU B 461 -30.96 43.28 -11.41
CA LEU B 461 -32.38 43.32 -11.74
C LEU B 461 -32.84 42.07 -12.48
N ARG B 462 -31.93 41.32 -13.09
CA ARG B 462 -32.33 40.09 -13.76
C ARG B 462 -32.73 39.02 -12.77
N CYS B 463 -31.89 38.78 -11.76
CA CYS B 463 -32.10 37.73 -10.79
C CYS B 463 -32.93 38.19 -9.60
N HIS B 464 -33.37 39.44 -9.58
CA HIS B 464 -34.24 39.92 -8.52
C HIS B 464 -35.65 39.39 -8.67
N GLN B 465 -36.08 39.17 -9.92
CA GLN B 465 -37.41 38.65 -10.16
C GLN B 465 -37.52 37.19 -9.75
N THR B 466 -36.41 36.45 -9.81
CA THR B 466 -36.41 35.02 -9.51
C THR B 466 -36.14 34.73 -8.04
N MET B 467 -36.50 35.64 -7.14
CA MET B 467 -36.39 35.33 -5.72
C MET B 467 -37.69 35.67 -5.02
N LEU B 468 -38.42 36.67 -5.54
CA LEU B 468 -39.66 37.09 -4.89
C LEU B 468 -40.78 36.08 -5.04
N ARG B 469 -40.73 35.22 -6.07
CA ARG B 469 -41.81 34.27 -6.25
C ARG B 469 -41.72 33.09 -5.28
N ASN B 470 -40.52 32.75 -4.83
CA ASN B 470 -40.38 31.72 -3.81
C ASN B 470 -40.92 32.20 -2.47
N SER B 471 -40.30 33.25 -1.93
CA SER B 471 -40.72 33.86 -0.68
C SER B 471 -40.23 35.30 -0.66
N GLU B 472 -40.23 35.91 0.51
CA GLU B 472 -39.64 37.23 0.67
C GLU B 472 -38.28 37.17 1.35
N LEU B 473 -38.02 36.17 2.17
CA LEU B 473 -36.68 35.98 2.70
C LEU B 473 -35.75 35.48 1.60
N CYS B 474 -34.53 36.03 1.58
CA CYS B 474 -33.55 35.70 0.56
C CYS B 474 -33.03 34.28 0.74
N HIS B 475 -32.17 33.87 -0.17
CA HIS B 475 -31.53 32.57 -0.03
C HIS B 475 -30.04 32.65 -0.30
N ILE B 476 -29.45 33.83 -0.07
CA ILE B 476 -28.02 34.02 -0.20
C ILE B 476 -27.38 34.48 1.11
N CYS B 477 -28.06 35.35 1.86
CA CYS B 477 -27.60 35.79 3.16
C CYS B 477 -28.58 35.55 4.29
N TRP B 478 -29.82 35.15 3.97
CA TRP B 478 -30.85 34.74 4.93
C TRP B 478 -31.26 35.86 5.87
N LYS B 479 -31.44 37.05 5.30
CA LYS B 479 -31.98 38.23 5.98
C LYS B 479 -32.84 38.96 4.96
N PRO B 480 -33.87 39.69 5.39
CA PRO B 480 -34.80 40.31 4.44
C PRO B 480 -34.16 41.45 3.65
N LEU B 481 -34.85 41.84 2.58
CA LEU B 481 -34.29 42.71 1.57
C LEU B 481 -35.24 43.87 1.30
N PRO B 482 -34.75 44.95 0.70
CA PRO B 482 -35.66 45.97 0.18
C PRO B 482 -36.28 45.57 -1.14
N THR B 483 -37.49 46.08 -1.36
CA THR B 483 -38.31 45.79 -2.54
C THR B 483 -38.16 46.82 -3.65
N SER B 484 -38.09 48.10 -3.28
CA SER B 484 -38.10 49.20 -4.25
C SER B 484 -36.84 49.24 -5.11
ZN ZN C . -28.01 38.06 -10.94
ZN ZN D . -29.49 38.23 0.46
#